data_1WJS
#
_entry.id   1WJS
#
_entity_poly.entity_id   1
_entity_poly.type   'polypeptide(L)'
_entity_poly.pdbx_seq_one_letter_code
;GSSGSSGPYNKNGFKVGMKLEGVDPEHQSVYCVLTVAEVCGYRIKLHFDGYSDCYDFWVNADALDIHPVGWCEKTGHKLH
PPKGYKEEEFNWQTYLKTCKAQAAPKSLFENQNITVIPSGFSGPSSG
;
_entity_poly.pdbx_strand_id   A
#
# COMPACT_ATOMS: atom_id res chain seq x y z
N GLY A 1 -17.84 20.64 -8.27
CA GLY A 1 -18.58 21.82 -7.88
C GLY A 1 -19.87 21.99 -8.67
N SER A 2 -20.95 22.27 -7.97
CA SER A 2 -22.25 22.45 -8.62
C SER A 2 -22.14 23.43 -9.77
N SER A 3 -21.51 24.57 -9.52
CA SER A 3 -21.35 25.60 -10.54
C SER A 3 -20.14 25.31 -11.41
N GLY A 4 -20.28 25.52 -12.71
CA GLY A 4 -19.19 25.28 -13.64
C GLY A 4 -19.43 24.07 -14.52
N SER A 5 -18.37 23.59 -15.18
CA SER A 5 -18.47 22.43 -16.05
C SER A 5 -18.97 21.21 -15.30
N SER A 6 -20.26 20.93 -15.44
CA SER A 6 -20.87 19.79 -14.76
C SER A 6 -20.09 18.50 -15.04
N GLY A 7 -19.94 17.68 -14.01
CA GLY A 7 -19.21 16.43 -14.16
C GLY A 7 -18.44 16.05 -12.90
N PRO A 8 -19.13 15.34 -11.99
CA PRO A 8 -18.52 14.91 -10.73
C PRO A 8 -17.47 13.82 -10.93
N TYR A 9 -16.75 13.49 -9.87
CA TYR A 9 -15.71 12.47 -9.93
C TYR A 9 -16.13 11.22 -9.16
N ASN A 10 -15.54 10.09 -9.52
CA ASN A 10 -15.85 8.82 -8.86
C ASN A 10 -14.62 8.26 -8.16
N LYS A 11 -13.49 8.26 -8.87
CA LYS A 11 -12.24 7.75 -8.32
C LYS A 11 -12.08 8.16 -6.86
N ASN A 12 -11.35 7.35 -6.10
CA ASN A 12 -11.12 7.63 -4.68
C ASN A 12 -9.96 8.61 -4.51
N GLY A 13 -8.96 8.50 -5.39
CA GLY A 13 -7.81 9.37 -5.31
C GLY A 13 -6.52 8.67 -5.66
N PHE A 14 -6.58 7.35 -5.79
CA PHE A 14 -5.41 6.55 -6.12
C PHE A 14 -4.88 6.91 -7.50
N LYS A 15 -3.67 6.44 -7.81
CA LYS A 15 -3.06 6.71 -9.10
C LYS A 15 -2.19 5.54 -9.55
N VAL A 16 -1.84 5.53 -10.83
CA VAL A 16 -1.01 4.46 -11.38
C VAL A 16 0.48 4.78 -11.23
N GLY A 17 1.16 4.00 -10.40
CA GLY A 17 2.57 4.22 -10.18
C GLY A 17 2.94 4.24 -8.71
N MET A 18 1.93 4.41 -7.85
CA MET A 18 2.15 4.45 -6.41
C MET A 18 2.09 3.05 -5.81
N LYS A 19 3.13 2.68 -5.06
CA LYS A 19 3.19 1.38 -4.43
C LYS A 19 2.43 1.36 -3.11
N LEU A 20 2.14 0.17 -2.61
CA LEU A 20 1.41 0.03 -1.35
C LEU A 20 1.42 -1.43 -0.88
N GLU A 21 0.90 -1.65 0.33
CA GLU A 21 0.85 -3.00 0.89
C GLU A 21 -0.59 -3.46 1.07
N GLY A 22 -0.86 -4.73 0.76
CA GLY A 22 -2.20 -5.27 0.89
C GLY A 22 -2.21 -6.63 1.54
N VAL A 23 -3.37 -7.28 1.55
CA VAL A 23 -3.51 -8.60 2.14
C VAL A 23 -3.76 -9.66 1.07
N ASP A 24 -3.27 -10.87 1.32
CA ASP A 24 -3.44 -11.96 0.38
C ASP A 24 -4.76 -12.69 0.64
N PRO A 25 -5.40 -13.14 -0.45
CA PRO A 25 -6.67 -13.87 -0.38
C PRO A 25 -6.53 -15.26 0.23
N GLU A 26 -5.28 -15.72 0.35
CA GLU A 26 -5.00 -17.03 0.91
C GLU A 26 -4.75 -16.94 2.41
N HIS A 27 -4.68 -15.71 2.92
CA HIS A 27 -4.44 -15.47 4.34
C HIS A 27 -4.69 -14.01 4.70
N GLN A 28 -5.36 -13.80 5.84
CA GLN A 28 -5.66 -12.44 6.28
C GLN A 28 -4.60 -11.95 7.25
N SER A 29 -3.45 -12.62 7.26
CA SER A 29 -2.35 -12.25 8.14
C SER A 29 -1.09 -11.95 7.34
N VAL A 30 -1.04 -12.45 6.11
CA VAL A 30 0.10 -12.23 5.24
C VAL A 30 -0.05 -10.94 4.44
N TYR A 31 0.97 -10.08 4.53
CA TYR A 31 0.96 -8.81 3.83
C TYR A 31 1.98 -8.80 2.69
N CYS A 32 1.50 -8.61 1.47
CA CYS A 32 2.37 -8.57 0.30
C CYS A 32 2.34 -7.20 -0.37
N VAL A 33 3.42 -6.87 -1.06
CA VAL A 33 3.51 -5.58 -1.74
C VAL A 33 2.78 -5.62 -3.09
N LEU A 34 2.09 -4.52 -3.41
CA LEU A 34 1.36 -4.42 -4.65
C LEU A 34 1.54 -3.06 -5.30
N THR A 35 1.30 -2.97 -6.60
CA THR A 35 1.44 -1.72 -7.32
C THR A 35 0.20 -1.43 -8.16
N VAL A 36 -0.27 -0.19 -8.09
CA VAL A 36 -1.45 0.23 -8.84
C VAL A 36 -1.32 -0.13 -10.31
N ALA A 37 -2.26 -0.93 -10.81
CA ALA A 37 -2.25 -1.35 -12.21
C ALA A 37 -3.39 -0.69 -12.98
N GLU A 38 -4.37 -0.16 -12.26
CA GLU A 38 -5.51 0.50 -12.89
C GLU A 38 -6.39 1.17 -11.83
N VAL A 39 -7.14 2.18 -12.25
CA VAL A 39 -8.02 2.91 -11.35
C VAL A 39 -9.38 3.15 -11.99
N CYS A 40 -10.45 2.91 -11.23
CA CYS A 40 -11.81 3.11 -11.72
C CYS A 40 -12.83 2.94 -10.60
N GLY A 41 -14.01 3.51 -10.80
CA GLY A 41 -15.05 3.41 -9.79
C GLY A 41 -14.51 3.60 -8.39
N TYR A 42 -15.22 3.04 -7.41
CA TYR A 42 -14.82 3.15 -6.01
C TYR A 42 -13.87 2.01 -5.62
N ARG A 43 -13.02 1.63 -6.57
CA ARG A 43 -12.06 0.55 -6.33
C ARG A 43 -10.75 0.81 -7.07
N ILE A 44 -9.74 0.01 -6.78
CA ILE A 44 -8.44 0.15 -7.40
C ILE A 44 -7.85 -1.21 -7.76
N LYS A 45 -7.09 -1.25 -8.86
CA LYS A 45 -6.46 -2.48 -9.31
C LYS A 45 -5.15 -2.73 -8.56
N LEU A 46 -5.02 -3.91 -7.98
CA LEU A 46 -3.82 -4.27 -7.24
C LEU A 46 -3.04 -5.38 -7.95
N HIS A 47 -1.78 -5.10 -8.25
CA HIS A 47 -0.93 -6.08 -8.94
C HIS A 47 0.12 -6.64 -7.99
N PHE A 48 0.53 -7.89 -8.24
CA PHE A 48 1.53 -8.55 -7.41
C PHE A 48 2.93 -8.39 -8.01
N ASP A 49 3.74 -7.53 -7.40
CA ASP A 49 5.10 -7.29 -7.87
C ASP A 49 5.82 -8.62 -8.13
N GLY A 50 6.14 -8.87 -9.40
CA GLY A 50 6.82 -10.09 -9.77
C GLY A 50 5.90 -11.11 -10.41
N TYR A 51 4.68 -11.19 -9.90
CA TYR A 51 3.69 -12.13 -10.43
C TYR A 51 3.07 -11.60 -11.72
N SER A 52 2.15 -12.38 -12.28
CA SER A 52 1.49 -11.99 -13.52
C SER A 52 0.28 -11.10 -13.24
N ASP A 53 -0.06 -10.27 -14.22
CA ASP A 53 -1.19 -9.35 -14.08
C ASP A 53 -2.49 -10.13 -13.85
N CYS A 54 -2.70 -11.18 -14.65
CA CYS A 54 -3.90 -12.00 -14.54
C CYS A 54 -4.24 -12.27 -13.07
N TYR A 55 -3.22 -12.29 -12.22
CA TYR A 55 -3.40 -12.54 -10.80
C TYR A 55 -3.61 -11.23 -10.04
N ASP A 56 -4.32 -10.30 -10.67
CA ASP A 56 -4.58 -9.00 -10.05
C ASP A 56 -6.02 -8.93 -9.55
N PHE A 57 -6.21 -8.31 -8.40
CA PHE A 57 -7.53 -8.16 -7.80
C PHE A 57 -7.80 -6.72 -7.41
N TRP A 58 -9.07 -6.35 -7.38
CA TRP A 58 -9.48 -4.99 -7.02
C TRP A 58 -9.90 -4.92 -5.55
N VAL A 59 -9.34 -3.96 -4.82
CA VAL A 59 -9.66 -3.79 -3.41
C VAL A 59 -10.51 -2.55 -3.19
N ASN A 60 -10.99 -2.38 -1.97
CA ASN A 60 -11.83 -1.24 -1.63
C ASN A 60 -10.98 0.02 -1.45
N ALA A 61 -11.30 1.05 -2.24
CA ALA A 61 -10.56 2.31 -2.17
C ALA A 61 -10.36 2.76 -0.73
N ASP A 62 -11.27 2.34 0.14
CA ASP A 62 -11.19 2.69 1.57
C ASP A 62 -11.07 1.44 2.43
N ALA A 63 -10.20 0.51 1.99
CA ALA A 63 -9.98 -0.72 2.73
C ALA A 63 -9.09 -0.49 3.94
N LEU A 64 -9.13 -1.43 4.89
CA LEU A 64 -8.32 -1.33 6.09
C LEU A 64 -7.05 -2.17 5.97
N ASP A 65 -7.17 -3.32 5.32
CA ASP A 65 -6.03 -4.21 5.12
C ASP A 65 -4.91 -3.50 4.37
N ILE A 66 -5.28 -2.75 3.34
CA ILE A 66 -4.30 -2.02 2.54
C ILE A 66 -3.68 -0.88 3.34
N HIS A 67 -2.38 -0.67 3.14
CA HIS A 67 -1.66 0.40 3.84
C HIS A 67 -0.51 0.92 3.00
N PRO A 68 -0.12 2.18 3.25
CA PRO A 68 0.97 2.83 2.52
C PRO A 68 2.33 2.24 2.87
N VAL A 69 3.31 2.45 2.00
CA VAL A 69 4.66 1.94 2.21
C VAL A 69 5.15 2.28 3.62
N GLY A 70 6.00 1.41 4.17
CA GLY A 70 6.53 1.63 5.50
C GLY A 70 5.45 1.58 6.56
N TRP A 71 4.46 0.71 6.37
CA TRP A 71 3.36 0.58 7.31
C TRP A 71 3.63 -0.56 8.28
N CYS A 72 3.87 -1.75 7.74
CA CYS A 72 4.14 -2.93 8.57
C CYS A 72 5.02 -2.56 9.76
N GLU A 73 6.19 -2.00 9.48
CA GLU A 73 7.12 -1.60 10.52
C GLU A 73 6.47 -0.61 11.49
N LYS A 74 5.74 0.34 10.94
CA LYS A 74 5.05 1.35 11.75
C LYS A 74 4.30 0.69 12.90
N THR A 75 3.37 -0.20 12.57
CA THR A 75 2.57 -0.89 13.57
C THR A 75 3.43 -1.87 14.37
N GLY A 76 4.09 -2.77 13.67
CA GLY A 76 4.94 -3.76 14.34
C GLY A 76 4.79 -5.14 13.75
N HIS A 77 4.72 -5.22 12.43
CA HIS A 77 4.57 -6.50 11.74
C HIS A 77 5.71 -6.72 10.75
N LYS A 78 5.82 -7.93 10.25
CA LYS A 78 6.87 -8.28 9.29
C LYS A 78 6.30 -8.42 7.88
N LEU A 79 6.68 -7.50 7.00
CA LEU A 79 6.20 -7.51 5.62
C LEU A 79 6.86 -8.64 4.84
N HIS A 80 6.10 -9.25 3.93
CA HIS A 80 6.61 -10.34 3.11
C HIS A 80 7.04 -9.84 1.73
N PRO A 81 8.22 -10.28 1.28
CA PRO A 81 8.76 -9.89 -0.02
C PRO A 81 7.98 -10.48 -1.19
N PRO A 82 8.18 -9.92 -2.38
CA PRO A 82 7.49 -10.38 -3.59
C PRO A 82 7.99 -11.74 -4.06
N LYS A 83 7.63 -12.12 -5.28
CA LYS A 83 8.05 -13.40 -5.84
C LYS A 83 9.55 -13.44 -6.07
N GLY A 84 10.23 -14.35 -5.38
CA GLY A 84 11.68 -14.46 -5.52
C GLY A 84 12.41 -13.33 -4.83
N TYR A 85 11.94 -12.95 -3.65
CA TYR A 85 12.57 -11.87 -2.89
C TYR A 85 12.54 -12.16 -1.40
N LYS A 86 13.60 -11.78 -0.71
CA LYS A 86 13.70 -12.01 0.74
C LYS A 86 13.29 -10.75 1.50
N GLU A 87 12.86 -10.94 2.75
CA GLU A 87 12.44 -9.83 3.59
C GLU A 87 13.64 -8.96 3.97
N GLU A 88 14.78 -9.60 4.23
CA GLU A 88 15.98 -8.89 4.61
C GLU A 88 16.59 -8.17 3.41
N GLU A 89 16.42 -8.75 2.23
CA GLU A 89 16.95 -8.17 1.01
C GLU A 89 16.05 -7.05 0.50
N PHE A 90 14.77 -7.37 0.33
CA PHE A 90 13.79 -6.40 -0.16
C PHE A 90 13.91 -5.08 0.61
N ASN A 91 14.36 -4.04 -0.08
CA ASN A 91 14.51 -2.72 0.54
C ASN A 91 13.68 -1.68 -0.19
N TRP A 92 12.50 -1.38 0.35
CA TRP A 92 11.60 -0.40 -0.25
C TRP A 92 12.41 0.74 -0.90
N GLN A 93 12.99 1.59 -0.07
CA GLN A 93 13.78 2.71 -0.55
C GLN A 93 14.59 2.31 -1.80
N THR A 94 15.32 1.20 -1.69
CA THR A 94 16.12 0.72 -2.81
C THR A 94 15.28 0.49 -4.04
N TYR A 95 14.07 -0.02 -3.85
CA TYR A 95 13.16 -0.28 -4.96
C TYR A 95 12.44 0.99 -5.39
N LEU A 96 12.40 1.97 -4.49
CA LEU A 96 11.74 3.24 -4.78
C LEU A 96 12.69 4.21 -5.46
N LYS A 97 13.99 3.91 -5.39
CA LYS A 97 15.01 4.75 -6.00
C LYS A 97 15.29 4.30 -7.43
N THR A 98 15.22 2.99 -7.66
CA THR A 98 15.47 2.43 -8.98
C THR A 98 14.31 2.71 -9.93
N CYS A 99 13.10 2.66 -9.39
CA CYS A 99 11.90 2.91 -10.20
C CYS A 99 11.40 4.33 -9.99
N LYS A 100 12.28 5.21 -9.51
CA LYS A 100 11.93 6.60 -9.26
C LYS A 100 10.45 6.73 -8.88
N ALA A 101 9.98 5.78 -8.07
CA ALA A 101 8.59 5.80 -7.62
C ALA A 101 8.47 6.36 -6.21
N GLN A 102 7.33 6.96 -5.92
CA GLN A 102 7.09 7.55 -4.60
C GLN A 102 5.94 6.85 -3.89
N ALA A 103 6.25 6.24 -2.74
CA ALA A 103 5.23 5.53 -1.97
C ALA A 103 3.94 6.32 -1.90
N ALA A 104 2.81 5.62 -2.00
CA ALA A 104 1.50 6.26 -1.94
C ALA A 104 1.37 7.13 -0.70
N PRO A 105 0.62 8.25 -0.83
CA PRO A 105 0.40 9.18 0.27
C PRO A 105 -0.50 8.59 1.36
N LYS A 106 -0.36 9.11 2.57
CA LYS A 106 -1.16 8.64 3.70
C LYS A 106 -2.58 9.18 3.63
N SER A 107 -2.78 10.16 2.76
CA SER A 107 -4.10 10.77 2.59
C SER A 107 -5.09 9.78 2.00
N LEU A 108 -4.56 8.81 1.27
CA LEU A 108 -5.40 7.78 0.64
C LEU A 108 -5.91 6.79 1.67
N PHE A 109 -5.24 6.73 2.82
CA PHE A 109 -5.64 5.81 3.88
C PHE A 109 -6.03 6.59 5.14
N GLU A 110 -6.62 7.76 4.94
CA GLU A 110 -7.04 8.60 6.06
C GLU A 110 -8.42 8.19 6.56
N ASN A 111 -8.72 6.90 6.50
CA ASN A 111 -10.01 6.38 6.93
C ASN A 111 -9.91 5.81 8.34
N GLN A 112 -8.92 4.95 8.56
CA GLN A 112 -8.72 4.33 9.86
C GLN A 112 -7.63 5.06 10.65
N ASN A 113 -7.95 5.42 11.89
CA ASN A 113 -7.00 6.13 12.74
C ASN A 113 -7.27 5.82 14.22
N ILE A 114 -6.45 6.39 15.10
CA ILE A 114 -6.59 6.19 16.53
C ILE A 114 -7.22 7.42 17.19
N THR A 115 -8.08 7.18 18.17
CA THR A 115 -8.74 8.26 18.89
C THR A 115 -7.81 8.86 19.96
N VAL A 116 -7.94 10.16 20.18
CA VAL A 116 -7.12 10.85 21.16
C VAL A 116 -7.39 10.32 22.57
N ILE A 117 -6.35 10.32 23.40
CA ILE A 117 -6.48 9.84 24.78
C ILE A 117 -7.37 10.76 25.60
N PRO A 118 -8.02 10.20 26.63
CA PRO A 118 -8.91 10.95 27.52
C PRO A 118 -8.14 11.93 28.41
N SER A 119 -6.82 11.99 28.22
CA SER A 119 -5.99 12.87 29.01
C SER A 119 -5.98 12.46 30.47
N GLY A 120 -5.82 11.16 30.72
CA GLY A 120 -5.79 10.65 32.07
C GLY A 120 -4.48 9.98 32.42
N PHE A 121 -4.35 8.72 32.03
CA PHE A 121 -3.13 7.96 32.31
C PHE A 121 -2.11 8.14 31.18
N SER A 122 -0.84 7.90 31.50
CA SER A 122 0.22 8.04 30.52
C SER A 122 1.30 6.97 30.73
N GLY A 123 1.48 6.12 29.74
CA GLY A 123 2.48 5.07 29.83
C GLY A 123 3.80 5.45 29.20
N PRO A 124 4.91 4.90 29.74
CA PRO A 124 6.25 5.19 29.24
C PRO A 124 6.50 4.58 27.86
N SER A 125 7.65 4.90 27.28
CA SER A 125 8.00 4.38 25.95
C SER A 125 9.20 3.45 26.05
N SER A 126 8.94 2.15 25.96
CA SER A 126 9.99 1.14 26.03
C SER A 126 10.80 1.11 24.73
N GLY A 127 12.11 0.92 24.87
CA GLY A 127 12.97 0.87 23.71
C GLY A 127 14.35 0.31 24.02
N GLY A 1 -1.51 22.05 -8.09
CA GLY A 1 -2.44 20.97 -7.81
C GLY A 1 -3.55 20.87 -8.83
N SER A 2 -3.37 20.01 -9.82
CA SER A 2 -4.37 19.84 -10.88
C SER A 2 -4.99 18.44 -10.80
N SER A 3 -6.13 18.35 -10.12
CA SER A 3 -6.82 17.07 -9.97
C SER A 3 -7.56 16.71 -11.25
N GLY A 4 -7.40 17.53 -12.29
CA GLY A 4 -8.05 17.27 -13.55
C GLY A 4 -7.36 17.96 -14.71
N SER A 5 -6.75 17.17 -15.59
CA SER A 5 -6.04 17.72 -16.74
C SER A 5 -6.40 16.95 -18.02
N SER A 6 -7.38 17.46 -18.76
CA SER A 6 -7.82 16.82 -19.99
C SER A 6 -7.95 15.31 -19.79
N GLY A 7 -8.53 14.91 -18.67
CA GLY A 7 -8.71 13.49 -18.38
C GLY A 7 -9.83 13.24 -17.39
N PRO A 8 -10.30 11.98 -17.34
CA PRO A 8 -11.38 11.58 -16.45
C PRO A 8 -10.95 11.57 -14.98
N TYR A 9 -11.92 11.54 -14.08
CA TYR A 9 -11.64 11.53 -12.65
C TYR A 9 -12.15 10.25 -12.00
N ASN A 10 -12.02 9.13 -12.71
CA ASN A 10 -12.48 7.84 -12.19
C ASN A 10 -11.47 7.27 -11.21
N LYS A 11 -11.08 8.08 -10.23
CA LYS A 11 -10.13 7.65 -9.22
C LYS A 11 -10.43 8.30 -7.87
N ASN A 12 -10.41 7.51 -6.81
CA ASN A 12 -10.68 8.01 -5.47
C ASN A 12 -9.39 8.46 -4.79
N GLY A 13 -8.45 8.96 -5.58
CA GLY A 13 -7.18 9.42 -5.04
C GLY A 13 -6.02 8.57 -5.49
N PHE A 14 -6.25 7.27 -5.64
CA PHE A 14 -5.20 6.35 -6.07
C PHE A 14 -4.75 6.67 -7.49
N LYS A 15 -3.48 6.37 -7.78
CA LYS A 15 -2.93 6.63 -9.11
C LYS A 15 -2.01 5.49 -9.54
N VAL A 16 -1.94 5.25 -10.84
CA VAL A 16 -1.10 4.19 -11.39
C VAL A 16 0.37 4.50 -11.20
N GLY A 17 1.10 3.58 -10.57
CA GLY A 17 2.51 3.78 -10.33
C GLY A 17 2.87 3.80 -8.86
N MET A 18 1.95 4.30 -8.05
CA MET A 18 2.16 4.38 -6.60
C MET A 18 2.19 2.98 -5.98
N LYS A 19 3.19 2.73 -5.15
CA LYS A 19 3.34 1.44 -4.49
C LYS A 19 2.67 1.44 -3.12
N LEU A 20 2.12 0.30 -2.73
CA LEU A 20 1.44 0.17 -1.45
C LEU A 20 1.37 -1.29 -1.02
N GLU A 21 1.04 -1.51 0.25
CA GLU A 21 0.93 -2.87 0.78
C GLU A 21 -0.53 -3.29 0.89
N GLY A 22 -0.79 -4.57 0.57
CA GLY A 22 -2.14 -5.08 0.64
C GLY A 22 -2.21 -6.48 1.21
N VAL A 23 -3.41 -6.93 1.53
CA VAL A 23 -3.60 -8.26 2.09
C VAL A 23 -3.80 -9.31 0.99
N ASP A 24 -3.28 -10.50 1.21
CA ASP A 24 -3.39 -11.58 0.24
C ASP A 24 -4.78 -12.21 0.30
N PRO A 25 -5.33 -12.54 -0.88
CA PRO A 25 -6.66 -13.15 -0.98
C PRO A 25 -6.68 -14.60 -0.47
N GLU A 26 -5.53 -15.04 0.05
CA GLU A 26 -5.42 -16.39 0.56
C GLU A 26 -5.34 -16.39 2.09
N HIS A 27 -4.88 -15.27 2.64
CA HIS A 27 -4.76 -15.14 4.09
C HIS A 27 -4.82 -13.66 4.51
N GLN A 28 -5.71 -13.35 5.44
CA GLN A 28 -5.88 -11.99 5.92
C GLN A 28 -4.87 -11.67 7.02
N SER A 29 -3.74 -12.37 7.00
CA SER A 29 -2.70 -12.16 7.99
C SER A 29 -1.36 -11.84 7.32
N VAL A 30 -1.28 -12.11 6.03
CA VAL A 30 -0.06 -11.86 5.27
C VAL A 30 -0.16 -10.55 4.49
N TYR A 31 0.85 -9.69 4.65
CA TYR A 31 0.87 -8.41 3.96
C TYR A 31 1.95 -8.39 2.87
N CYS A 32 1.51 -8.42 1.62
CA CYS A 32 2.42 -8.40 0.49
C CYS A 32 2.41 -7.04 -0.21
N VAL A 33 3.47 -6.75 -0.96
CA VAL A 33 3.58 -5.49 -1.67
C VAL A 33 2.81 -5.53 -2.99
N LEU A 34 2.13 -4.43 -3.31
CA LEU A 34 1.35 -4.34 -4.53
C LEU A 34 1.53 -2.98 -5.19
N THR A 35 1.20 -2.91 -6.48
CA THR A 35 1.32 -1.65 -7.23
C THR A 35 0.04 -1.36 -8.01
N VAL A 36 -0.46 -0.13 -7.87
CA VAL A 36 -1.67 0.28 -8.56
C VAL A 36 -1.49 0.21 -10.07
N ALA A 37 -2.15 -0.78 -10.69
CA ALA A 37 -2.07 -0.95 -12.13
C ALA A 37 -3.19 -0.20 -12.85
N GLU A 38 -4.36 -0.16 -12.23
CA GLU A 38 -5.51 0.51 -12.81
C GLU A 38 -6.43 1.05 -11.70
N VAL A 39 -7.20 2.08 -12.05
CA VAL A 39 -8.12 2.69 -11.10
C VAL A 39 -9.47 2.98 -11.75
N CYS A 40 -10.53 2.46 -11.15
CA CYS A 40 -11.88 2.66 -11.67
C CYS A 40 -12.92 2.50 -10.57
N GLY A 41 -14.15 2.94 -10.84
CA GLY A 41 -15.22 2.83 -9.87
C GLY A 41 -14.73 3.06 -8.46
N TYR A 42 -15.44 2.50 -7.49
CA TYR A 42 -15.08 2.65 -6.08
C TYR A 42 -14.04 1.60 -5.68
N ARG A 43 -13.38 1.02 -6.67
CA ARG A 43 -12.35 0.01 -6.42
C ARG A 43 -11.05 0.37 -7.12
N ILE A 44 -10.05 -0.49 -6.97
CA ILE A 44 -8.74 -0.26 -7.58
C ILE A 44 -8.05 -1.58 -7.88
N LYS A 45 -7.38 -1.65 -9.03
CA LYS A 45 -6.66 -2.85 -9.43
C LYS A 45 -5.40 -3.03 -8.60
N LEU A 46 -5.21 -4.23 -8.07
CA LEU A 46 -4.03 -4.54 -7.25
C LEU A 46 -3.16 -5.57 -7.94
N HIS A 47 -1.94 -5.17 -8.29
CA HIS A 47 -0.99 -6.05 -8.95
C HIS A 47 0.09 -6.53 -7.98
N PHE A 48 0.42 -7.82 -8.04
CA PHE A 48 1.42 -8.38 -7.16
C PHE A 48 2.83 -8.19 -7.75
N ASP A 49 3.66 -7.46 -7.01
CA ASP A 49 5.03 -7.20 -7.46
C ASP A 49 5.71 -8.49 -7.89
N GLY A 50 6.13 -8.54 -9.15
CA GLY A 50 6.81 -9.72 -9.66
C GLY A 50 5.83 -10.72 -10.26
N TYR A 51 4.76 -11.02 -9.54
CA TYR A 51 3.76 -11.96 -10.00
C TYR A 51 3.17 -11.52 -11.34
N SER A 52 2.17 -12.27 -11.82
CA SER A 52 1.53 -11.95 -13.09
C SER A 52 0.23 -11.19 -12.86
N ASP A 53 -0.18 -10.41 -13.86
CA ASP A 53 -1.41 -9.63 -13.77
C ASP A 53 -2.61 -10.53 -13.52
N CYS A 54 -2.63 -11.67 -14.20
CA CYS A 54 -3.74 -12.62 -14.05
C CYS A 54 -4.08 -12.83 -12.59
N TYR A 55 -3.09 -12.67 -11.72
CA TYR A 55 -3.29 -12.84 -10.28
C TYR A 55 -3.60 -11.51 -9.61
N ASP A 56 -4.26 -10.62 -10.35
CA ASP A 56 -4.63 -9.30 -9.83
C ASP A 56 -6.06 -9.30 -9.31
N PHE A 57 -6.32 -8.45 -8.33
CA PHE A 57 -7.66 -8.36 -7.74
C PHE A 57 -8.02 -6.90 -7.46
N TRP A 58 -9.32 -6.60 -7.50
CA TRP A 58 -9.79 -5.25 -7.26
C TRP A 58 -10.31 -5.10 -5.84
N VAL A 59 -9.64 -4.26 -5.04
CA VAL A 59 -10.03 -4.03 -3.66
C VAL A 59 -10.73 -2.69 -3.51
N ASN A 60 -11.19 -2.40 -2.29
CA ASN A 60 -11.89 -1.16 -2.01
C ASN A 60 -10.90 0.01 -1.92
N ALA A 61 -11.29 1.14 -2.51
CA ALA A 61 -10.44 2.33 -2.51
C ALA A 61 -10.17 2.80 -1.08
N ASP A 62 -11.07 2.46 -0.17
CA ASP A 62 -10.93 2.84 1.23
C ASP A 62 -10.81 1.62 2.12
N ALA A 63 -10.19 0.56 1.60
CA ALA A 63 -10.02 -0.68 2.35
C ALA A 63 -9.10 -0.46 3.55
N LEU A 64 -9.42 -1.13 4.65
CA LEU A 64 -8.63 -1.02 5.87
C LEU A 64 -7.43 -1.97 5.84
N ASP A 65 -7.62 -3.12 5.21
CA ASP A 65 -6.56 -4.12 5.10
C ASP A 65 -5.33 -3.53 4.44
N ILE A 66 -5.55 -2.75 3.38
CA ILE A 66 -4.45 -2.12 2.65
C ILE A 66 -3.82 -1.00 3.47
N HIS A 67 -2.50 -0.86 3.33
CA HIS A 67 -1.77 0.18 4.06
C HIS A 67 -0.70 0.80 3.18
N PRO A 68 -0.32 2.06 3.49
CA PRO A 68 0.68 2.80 2.74
C PRO A 68 2.09 2.23 2.94
N VAL A 69 2.96 2.49 1.97
CA VAL A 69 4.33 2.00 2.04
C VAL A 69 4.97 2.32 3.38
N GLY A 70 5.88 1.45 3.82
CA GLY A 70 6.54 1.65 5.09
C GLY A 70 5.58 1.64 6.26
N TRP A 71 4.55 0.81 6.16
CA TRP A 71 3.55 0.70 7.22
C TRP A 71 3.87 -0.44 8.17
N CYS A 72 4.03 -1.64 7.62
CA CYS A 72 4.34 -2.82 8.42
C CYS A 72 5.36 -2.49 9.51
N GLU A 73 6.53 -2.03 9.10
CA GLU A 73 7.60 -1.68 10.04
C GLU A 73 7.10 -0.62 11.03
N LYS A 74 6.34 0.34 10.52
CA LYS A 74 5.81 1.41 11.36
C LYS A 74 5.15 0.85 12.60
N THR A 75 4.08 0.08 12.42
CA THR A 75 3.36 -0.52 13.53
C THR A 75 4.20 -1.57 14.24
N GLY A 76 4.82 -2.45 13.45
CA GLY A 76 5.66 -3.49 14.03
C GLY A 76 5.28 -4.88 13.55
N HIS A 77 5.12 -5.02 12.24
CA HIS A 77 4.76 -6.30 11.64
C HIS A 77 5.82 -6.77 10.65
N LYS A 78 5.86 -8.08 10.41
CA LYS A 78 6.84 -8.65 9.49
C LYS A 78 6.28 -8.68 8.07
N LEU A 79 6.84 -7.85 7.21
CA LEU A 79 6.40 -7.78 5.81
C LEU A 79 7.01 -8.91 4.99
N HIS A 80 6.26 -9.40 4.01
CA HIS A 80 6.71 -10.48 3.16
C HIS A 80 7.12 -9.96 1.77
N PRO A 81 8.32 -10.36 1.32
CA PRO A 81 8.85 -9.93 0.02
C PRO A 81 8.08 -10.56 -1.14
N PRO A 82 8.29 -10.00 -2.35
CA PRO A 82 7.64 -10.48 -3.56
C PRO A 82 8.16 -11.86 -3.99
N LYS A 83 7.81 -12.25 -5.22
CA LYS A 83 8.24 -13.54 -5.75
C LYS A 83 9.75 -13.53 -6.03
N GLY A 84 10.45 -14.50 -5.44
CA GLY A 84 11.88 -14.59 -5.64
C GLY A 84 12.64 -13.51 -4.89
N TYR A 85 12.08 -13.06 -3.77
CA TYR A 85 12.71 -12.01 -2.97
C TYR A 85 12.65 -12.37 -1.49
N LYS A 86 13.70 -12.01 -0.76
CA LYS A 86 13.78 -12.27 0.67
C LYS A 86 13.71 -10.98 1.48
N GLU A 87 13.06 -11.05 2.63
CA GLU A 87 12.92 -9.88 3.49
C GLU A 87 14.22 -9.08 3.54
N GLU A 88 15.33 -9.78 3.83
CA GLU A 88 16.62 -9.13 3.91
C GLU A 88 17.06 -8.62 2.54
N GLU A 89 16.72 -9.36 1.50
CA GLU A 89 17.07 -8.98 0.14
C GLU A 89 15.99 -8.12 -0.49
N PHE A 90 15.30 -7.35 0.35
CA PHE A 90 14.23 -6.47 -0.12
C PHE A 90 14.26 -5.14 0.63
N ASN A 91 14.35 -4.05 -0.11
CA ASN A 91 14.38 -2.71 0.49
C ASN A 91 13.48 -1.76 -0.29
N TRP A 92 12.54 -1.12 0.42
CA TRP A 92 11.63 -0.17 -0.20
C TRP A 92 12.39 0.96 -0.87
N GLN A 93 12.97 1.83 -0.06
CA GLN A 93 13.73 2.97 -0.56
C GLN A 93 14.55 2.57 -1.78
N THR A 94 15.33 1.50 -1.64
CA THR A 94 16.17 1.01 -2.73
C THR A 94 15.34 0.70 -3.97
N TYR A 95 14.19 0.06 -3.76
CA TYR A 95 13.31 -0.28 -4.86
C TYR A 95 12.54 0.94 -5.37
N LEU A 96 12.49 1.97 -4.54
CA LEU A 96 11.79 3.20 -4.89
C LEU A 96 12.72 4.16 -5.62
N LYS A 97 14.02 3.95 -5.46
CA LYS A 97 15.02 4.80 -6.12
C LYS A 97 15.30 4.32 -7.53
N THR A 98 15.25 3.00 -7.72
CA THR A 98 15.50 2.41 -9.04
C THR A 98 14.29 2.59 -9.96
N CYS A 99 13.11 2.71 -9.36
CA CYS A 99 11.88 2.87 -10.12
C CYS A 99 11.36 4.31 -10.02
N LYS A 100 12.24 5.21 -9.58
CA LYS A 100 11.87 6.62 -9.43
C LYS A 100 10.40 6.76 -9.06
N ALA A 101 9.91 5.85 -8.22
CA ALA A 101 8.52 5.87 -7.79
C ALA A 101 8.41 6.30 -6.33
N GLN A 102 7.40 7.11 -6.03
CA GLN A 102 7.18 7.59 -4.67
C GLN A 102 6.12 6.76 -3.96
N ALA A 103 6.38 6.44 -2.70
CA ALA A 103 5.44 5.66 -1.90
C ALA A 103 4.11 6.37 -1.75
N ALA A 104 3.02 5.64 -1.93
CA ALA A 104 1.69 6.21 -1.81
C ALA A 104 1.56 7.04 -0.54
N PRO A 105 0.79 8.14 -0.63
CA PRO A 105 0.58 9.04 0.51
C PRO A 105 -0.28 8.41 1.59
N LYS A 106 0.01 8.74 2.85
CA LYS A 106 -0.74 8.20 3.98
C LYS A 106 -2.16 8.77 4.01
N SER A 107 -2.38 9.82 3.23
CA SER A 107 -3.70 10.46 3.17
C SER A 107 -4.74 9.51 2.60
N LEU A 108 -4.33 8.71 1.62
CA LEU A 108 -5.23 7.75 0.98
C LEU A 108 -5.82 6.80 2.02
N PHE A 109 -5.15 6.69 3.16
CA PHE A 109 -5.60 5.80 4.24
C PHE A 109 -5.94 6.61 5.49
N GLU A 110 -6.84 7.58 5.35
CA GLU A 110 -7.24 8.41 6.47
C GLU A 110 -8.40 7.78 7.24
N ASN A 111 -8.97 6.72 6.66
CA ASN A 111 -10.09 6.02 7.29
C ASN A 111 -9.62 4.71 7.90
N GLN A 112 -8.48 4.74 8.58
CA GLN A 112 -7.94 3.54 9.22
C GLN A 112 -8.03 3.65 10.74
N ASN A 113 -7.57 4.77 11.28
CA ASN A 113 -7.60 5.00 12.72
C ASN A 113 -8.56 6.12 13.08
N ILE A 114 -8.65 6.43 14.37
CA ILE A 114 -9.54 7.48 14.84
C ILE A 114 -8.75 8.71 15.28
N THR A 115 -8.95 9.82 14.57
CA THR A 115 -8.27 11.06 14.90
C THR A 115 -8.82 11.69 16.17
N VAL A 116 -8.25 11.33 17.31
CA VAL A 116 -8.69 11.86 18.60
C VAL A 116 -8.70 13.39 18.58
N ILE A 117 -9.64 13.97 19.31
CA ILE A 117 -9.76 15.42 19.38
C ILE A 117 -8.41 16.07 19.66
N PRO A 118 -8.19 17.26 19.07
CA PRO A 118 -6.94 18.01 19.24
C PRO A 118 -6.79 18.57 20.65
N SER A 119 -5.93 17.94 21.44
CA SER A 119 -5.70 18.37 22.82
C SER A 119 -4.30 18.96 22.96
N GLY A 120 -4.21 20.29 22.90
CA GLY A 120 -2.93 20.96 23.04
C GLY A 120 -2.37 20.86 24.44
N PHE A 121 -2.84 21.72 25.33
CA PHE A 121 -2.37 21.72 26.71
C PHE A 121 -3.31 22.54 27.60
N SER A 122 -3.88 21.89 28.61
CA SER A 122 -4.79 22.55 29.53
C SER A 122 -4.23 22.57 30.94
N GLY A 123 -4.86 23.35 31.82
CA GLY A 123 -4.40 23.43 33.19
C GLY A 123 -4.27 24.87 33.66
N PRO A 124 -5.39 25.47 34.08
CA PRO A 124 -5.41 26.85 34.57
C PRO A 124 -4.71 27.02 35.90
N SER A 125 -3.87 28.04 36.02
CA SER A 125 -3.13 28.30 37.25
C SER A 125 -2.84 29.78 37.40
N SER A 126 -2.48 30.19 38.62
CA SER A 126 -2.18 31.58 38.91
C SER A 126 -0.79 31.96 38.41
N GLY A 127 -0.74 32.54 37.21
CA GLY A 127 0.54 32.94 36.64
C GLY A 127 0.41 33.41 35.21
N GLY A 1 -8.69 -2.60 -20.54
CA GLY A 1 -8.60 -1.19 -20.83
C GLY A 1 -7.90 -0.91 -22.15
N SER A 2 -7.97 0.34 -22.60
CA SER A 2 -7.34 0.74 -23.85
C SER A 2 -6.32 1.85 -23.62
N SER A 3 -5.34 1.94 -24.51
CA SER A 3 -4.30 2.96 -24.40
C SER A 3 -4.72 4.24 -25.12
N GLY A 4 -5.05 4.12 -26.39
CA GLY A 4 -5.45 5.27 -27.17
C GLY A 4 -6.61 6.02 -26.53
N SER A 5 -7.68 5.30 -26.24
CA SER A 5 -8.86 5.90 -25.61
C SER A 5 -8.82 5.76 -24.10
N SER A 6 -7.66 6.05 -23.52
CA SER A 6 -7.47 5.95 -22.07
C SER A 6 -7.85 7.26 -21.40
N GLY A 7 -8.87 7.20 -20.53
CA GLY A 7 -9.31 8.39 -19.83
C GLY A 7 -10.02 8.06 -18.53
N PRO A 8 -9.25 7.85 -17.46
CA PRO A 8 -9.80 7.53 -16.13
C PRO A 8 -10.52 8.71 -15.50
N TYR A 9 -11.78 8.48 -15.12
CA TYR A 9 -12.58 9.54 -14.51
C TYR A 9 -12.99 9.14 -13.09
N ASN A 10 -13.36 7.87 -12.92
CA ASN A 10 -13.78 7.37 -11.62
C ASN A 10 -12.56 6.96 -10.79
N LYS A 11 -12.27 7.75 -9.76
CA LYS A 11 -11.15 7.48 -8.87
C LYS A 11 -11.32 8.19 -7.53
N ASN A 12 -10.67 7.66 -6.50
CA ASN A 12 -10.75 8.24 -5.17
C ASN A 12 -9.39 8.76 -4.71
N GLY A 13 -8.66 9.39 -5.62
CA GLY A 13 -7.35 9.93 -5.30
C GLY A 13 -6.23 9.03 -5.78
N PHE A 14 -6.43 7.72 -5.69
CA PHE A 14 -5.42 6.77 -6.12
C PHE A 14 -5.02 7.01 -7.57
N LYS A 15 -3.85 6.50 -7.95
CA LYS A 15 -3.35 6.67 -9.31
C LYS A 15 -2.53 5.45 -9.74
N VAL A 16 -2.22 5.38 -11.03
CA VAL A 16 -1.44 4.28 -11.57
C VAL A 16 0.06 4.54 -11.44
N GLY A 17 0.75 3.70 -10.69
CA GLY A 17 2.18 3.86 -10.51
C GLY A 17 2.59 3.76 -9.05
N MET A 18 1.81 4.37 -8.17
CA MET A 18 2.10 4.34 -6.74
C MET A 18 2.06 2.91 -6.20
N LYS A 19 2.81 2.67 -5.14
CA LYS A 19 2.86 1.35 -4.53
C LYS A 19 2.20 1.35 -3.16
N LEU A 20 1.80 0.17 -2.69
CA LEU A 20 1.14 0.04 -1.39
C LEU A 20 1.16 -1.41 -0.92
N GLU A 21 0.95 -1.60 0.38
CA GLU A 21 0.94 -2.94 0.96
C GLU A 21 -0.49 -3.45 1.14
N GLY A 22 -0.79 -4.58 0.53
CA GLY A 22 -2.12 -5.16 0.63
C GLY A 22 -2.10 -6.56 1.20
N VAL A 23 -3.28 -7.13 1.41
CA VAL A 23 -3.40 -8.48 1.95
C VAL A 23 -3.62 -9.50 0.85
N ASP A 24 -3.14 -10.72 1.06
CA ASP A 24 -3.29 -11.79 0.09
C ASP A 24 -4.66 -12.46 0.21
N PRO A 25 -5.27 -12.78 -0.94
CA PRO A 25 -6.58 -13.42 -0.99
C PRO A 25 -6.54 -14.86 -0.49
N GLU A 26 -5.37 -15.30 -0.07
CA GLU A 26 -5.20 -16.66 0.43
C GLU A 26 -5.08 -16.67 1.95
N HIS A 27 -4.85 -15.50 2.54
CA HIS A 27 -4.72 -15.37 3.98
C HIS A 27 -4.94 -13.93 4.42
N GLN A 28 -5.84 -13.73 5.39
CA GLN A 28 -6.14 -12.41 5.90
C GLN A 28 -5.18 -12.02 7.02
N SER A 29 -4.04 -12.70 7.08
CA SER A 29 -3.04 -12.43 8.11
C SER A 29 -1.68 -12.12 7.48
N VAL A 30 -1.56 -12.41 6.19
CA VAL A 30 -0.32 -12.16 5.47
C VAL A 30 -0.39 -10.88 4.65
N TYR A 31 0.62 -10.03 4.79
CA TYR A 31 0.67 -8.77 4.08
C TYR A 31 1.76 -8.79 3.00
N CYS A 32 1.37 -8.48 1.77
CA CYS A 32 2.30 -8.46 0.65
C CYS A 32 2.31 -7.10 -0.02
N VAL A 33 3.36 -6.84 -0.79
CA VAL A 33 3.50 -5.57 -1.51
C VAL A 33 2.78 -5.61 -2.85
N LEU A 34 2.07 -4.54 -3.16
CA LEU A 34 1.34 -4.45 -4.42
C LEU A 34 1.52 -3.06 -5.06
N THR A 35 1.23 -2.99 -6.36
CA THR A 35 1.36 -1.73 -7.08
C THR A 35 0.08 -1.40 -7.83
N VAL A 36 -0.28 -0.11 -7.84
CA VAL A 36 -1.49 0.33 -8.54
C VAL A 36 -1.30 0.27 -10.05
N ALA A 37 -2.16 -0.51 -10.71
CA ALA A 37 -2.09 -0.66 -12.16
C ALA A 37 -3.24 0.09 -12.84
N GLU A 38 -4.35 0.25 -12.12
CA GLU A 38 -5.51 0.94 -12.65
C GLU A 38 -6.44 1.39 -11.53
N VAL A 39 -7.30 2.37 -11.82
CA VAL A 39 -8.24 2.87 -10.84
C VAL A 39 -9.60 3.16 -11.48
N CYS A 40 -10.65 2.56 -10.93
CA CYS A 40 -12.00 2.76 -11.43
C CYS A 40 -13.02 2.06 -10.54
N GLY A 41 -14.30 2.24 -10.86
CA GLY A 41 -15.35 1.62 -10.08
C GLY A 41 -15.06 1.66 -8.60
N TYR A 42 -14.95 2.86 -8.04
CA TYR A 42 -14.66 3.02 -6.62
C TYR A 42 -13.76 1.90 -6.12
N ARG A 43 -12.82 1.48 -6.95
CA ARG A 43 -11.88 0.42 -6.60
C ARG A 43 -10.53 0.64 -7.27
N ILE A 44 -9.48 0.09 -6.66
CA ILE A 44 -8.14 0.21 -7.20
C ILE A 44 -7.54 -1.15 -7.54
N LYS A 45 -6.86 -1.23 -8.68
CA LYS A 45 -6.25 -2.48 -9.11
C LYS A 45 -4.98 -2.77 -8.31
N LEU A 46 -4.82 -4.02 -7.90
CA LEU A 46 -3.65 -4.43 -7.12
C LEU A 46 -2.77 -5.39 -7.93
N HIS A 47 -1.57 -4.94 -8.27
CA HIS A 47 -0.64 -5.77 -9.04
C HIS A 47 0.61 -6.07 -8.22
N PHE A 48 0.82 -7.35 -7.90
CA PHE A 48 1.98 -7.76 -7.13
C PHE A 48 3.27 -7.26 -7.77
N ASP A 49 4.30 -7.08 -6.94
CA ASP A 49 5.59 -6.61 -7.42
C ASP A 49 6.22 -7.61 -8.38
N GLY A 50 6.26 -8.87 -7.96
CA GLY A 50 6.84 -9.91 -8.79
C GLY A 50 5.80 -10.87 -9.33
N TYR A 51 5.04 -11.49 -8.43
CA TYR A 51 4.00 -12.44 -8.83
C TYR A 51 3.35 -12.01 -10.14
N SER A 52 3.12 -12.98 -11.02
CA SER A 52 2.51 -12.71 -12.32
C SER A 52 1.33 -11.75 -12.17
N ASP A 53 1.08 -10.97 -13.22
CA ASP A 53 -0.03 -10.03 -13.20
C ASP A 53 -1.33 -10.69 -13.66
N CYS A 54 -1.47 -11.97 -13.33
CA CYS A 54 -2.66 -12.73 -13.70
C CYS A 54 -3.65 -12.78 -12.55
N TYR A 55 -3.12 -12.93 -11.33
CA TYR A 55 -3.96 -12.99 -10.13
C TYR A 55 -4.30 -11.59 -9.62
N ASP A 56 -4.50 -10.66 -10.55
CA ASP A 56 -4.83 -9.29 -10.19
C ASP A 56 -6.18 -9.22 -9.49
N PHE A 57 -6.23 -8.49 -8.38
CA PHE A 57 -7.47 -8.36 -7.62
C PHE A 57 -7.71 -6.89 -7.24
N TRP A 58 -8.98 -6.50 -7.16
CA TRP A 58 -9.34 -5.13 -6.81
C TRP A 58 -9.84 -5.05 -5.38
N VAL A 59 -9.33 -4.09 -4.62
CA VAL A 59 -9.73 -3.91 -3.23
C VAL A 59 -10.52 -2.62 -3.05
N ASN A 60 -11.07 -2.43 -1.86
CA ASN A 60 -11.86 -1.23 -1.55
C ASN A 60 -10.95 -0.02 -1.39
N ALA A 61 -11.21 1.01 -2.19
CA ALA A 61 -10.42 2.23 -2.13
C ALA A 61 -10.14 2.64 -0.69
N ASP A 62 -11.13 2.46 0.17
CA ASP A 62 -10.98 2.81 1.58
C ASP A 62 -10.91 1.55 2.44
N ALA A 63 -10.15 0.56 1.97
CA ALA A 63 -10.00 -0.69 2.70
C ALA A 63 -9.00 -0.55 3.84
N LEU A 64 -9.08 -1.45 4.81
CA LEU A 64 -8.19 -1.42 5.95
C LEU A 64 -6.94 -2.27 5.70
N ASP A 65 -7.15 -3.49 5.22
CA ASP A 65 -6.03 -4.40 4.94
C ASP A 65 -4.91 -3.66 4.21
N ILE A 66 -5.29 -2.81 3.26
CA ILE A 66 -4.32 -2.05 2.49
C ILE A 66 -3.68 -0.96 3.34
N HIS A 67 -2.40 -0.67 3.09
CA HIS A 67 -1.68 0.35 3.83
C HIS A 67 -0.57 0.96 2.97
N PRO A 68 -0.24 2.23 3.26
CA PRO A 68 0.80 2.97 2.52
C PRO A 68 2.19 2.42 2.80
N VAL A 69 3.07 2.54 1.81
CA VAL A 69 4.45 2.06 1.95
C VAL A 69 5.01 2.40 3.33
N GLY A 70 5.86 1.51 3.84
CA GLY A 70 6.46 1.73 5.14
C GLY A 70 5.47 1.55 6.28
N TRP A 71 4.60 0.55 6.13
CA TRP A 71 3.60 0.26 7.15
C TRP A 71 4.09 -0.80 8.13
N CYS A 72 4.58 -1.91 7.58
CA CYS A 72 5.08 -3.01 8.40
C CYS A 72 5.99 -2.48 9.52
N GLU A 73 6.85 -1.55 9.17
CA GLU A 73 7.77 -0.97 10.15
C GLU A 73 7.06 0.02 11.05
N LYS A 74 6.12 0.76 10.47
CA LYS A 74 5.35 1.76 11.23
C LYS A 74 4.61 1.10 12.38
N THR A 75 3.78 0.11 12.07
CA THR A 75 3.01 -0.59 13.09
C THR A 75 3.87 -1.64 13.80
N GLY A 76 4.57 -2.45 13.01
CA GLY A 76 5.43 -3.47 13.59
C GLY A 76 4.99 -4.86 13.19
N HIS A 77 4.83 -5.10 11.90
CA HIS A 77 4.42 -6.40 11.39
C HIS A 77 5.46 -6.98 10.45
N LYS A 78 5.49 -8.30 10.34
CA LYS A 78 6.43 -8.98 9.47
C LYS A 78 5.92 -9.03 8.04
N LEU A 79 6.44 -8.15 7.19
CA LEU A 79 6.03 -8.09 5.79
C LEU A 79 6.64 -9.24 5.00
N HIS A 80 5.90 -9.74 4.02
CA HIS A 80 6.36 -10.84 3.19
C HIS A 80 6.74 -10.35 1.80
N PRO A 81 7.92 -10.77 1.32
CA PRO A 81 8.43 -10.37 -0.01
C PRO A 81 7.64 -11.02 -1.13
N PRO A 82 7.76 -10.44 -2.34
CA PRO A 82 7.07 -10.94 -3.53
C PRO A 82 7.62 -12.28 -4.01
N LYS A 83 7.18 -12.70 -5.19
CA LYS A 83 7.64 -13.96 -5.76
C LYS A 83 9.15 -13.93 -6.00
N GLY A 84 9.84 -14.94 -5.50
CA GLY A 84 11.28 -15.02 -5.68
C GLY A 84 12.01 -13.85 -5.03
N TYR A 85 11.60 -13.50 -3.81
CA TYR A 85 12.22 -12.39 -3.09
C TYR A 85 12.26 -12.68 -1.59
N LYS A 86 13.25 -12.11 -0.92
CA LYS A 86 13.40 -12.29 0.52
C LYS A 86 13.32 -10.96 1.26
N GLU A 87 12.70 -10.96 2.42
CA GLU A 87 12.56 -9.75 3.22
C GLU A 87 13.91 -9.08 3.45
N GLU A 88 14.96 -9.89 3.45
CA GLU A 88 16.31 -9.39 3.65
C GLU A 88 16.88 -8.82 2.36
N GLU A 89 16.45 -9.38 1.24
CA GLU A 89 16.92 -8.94 -0.07
C GLU A 89 15.88 -8.05 -0.75
N PHE A 90 15.15 -7.28 0.05
CA PHE A 90 14.12 -6.39 -0.46
C PHE A 90 14.03 -5.12 0.38
N ASN A 91 14.30 -3.98 -0.24
CA ASN A 91 14.25 -2.70 0.45
C ASN A 91 13.34 -1.71 -0.29
N TRP A 92 12.42 -1.09 0.43
CA TRP A 92 11.50 -0.13 -0.15
C TRP A 92 12.26 1.02 -0.82
N GLN A 93 12.89 1.85 0.00
CA GLN A 93 13.65 2.99 -0.52
C GLN A 93 14.49 2.58 -1.73
N THR A 94 15.30 1.54 -1.56
CA THR A 94 16.15 1.04 -2.63
C THR A 94 15.33 0.67 -3.85
N TYR A 95 14.14 0.11 -3.62
CA TYR A 95 13.26 -0.30 -4.70
C TYR A 95 12.53 0.90 -5.30
N LEU A 96 12.39 1.95 -4.51
CA LEU A 96 11.71 3.17 -4.95
C LEU A 96 12.69 4.11 -5.65
N LYS A 97 13.98 3.95 -5.34
CA LYS A 97 15.01 4.79 -5.94
C LYS A 97 15.43 4.24 -7.31
N THR A 98 15.45 2.92 -7.43
CA THR A 98 15.81 2.28 -8.69
C THR A 98 14.73 2.45 -9.74
N CYS A 99 13.49 2.56 -9.30
CA CYS A 99 12.36 2.74 -10.19
C CYS A 99 11.83 4.16 -10.13
N LYS A 100 12.67 5.08 -9.67
CA LYS A 100 12.28 6.49 -9.57
C LYS A 100 10.79 6.62 -9.26
N ALA A 101 10.29 5.74 -8.41
CA ALA A 101 8.88 5.76 -8.03
C ALA A 101 8.70 6.27 -6.60
N GLN A 102 7.52 6.80 -6.31
CA GLN A 102 7.21 7.32 -4.98
C GLN A 102 6.17 6.46 -4.28
N ALA A 103 6.17 6.49 -2.95
CA ALA A 103 5.22 5.72 -2.16
C ALA A 103 3.89 6.44 -2.04
N ALA A 104 2.80 5.70 -2.24
CA ALA A 104 1.47 6.28 -2.15
C ALA A 104 1.32 7.15 -0.91
N PRO A 105 0.56 8.25 -1.04
CA PRO A 105 0.32 9.18 0.07
C PRO A 105 -0.55 8.58 1.16
N LYS A 106 -0.39 9.07 2.38
CA LYS A 106 -1.16 8.58 3.52
C LYS A 106 -2.61 9.05 3.43
N SER A 107 -2.81 10.22 2.84
CA SER A 107 -4.15 10.78 2.69
C SER A 107 -5.12 9.73 2.16
N LEU A 108 -4.64 8.89 1.26
CA LEU A 108 -5.46 7.84 0.67
C LEU A 108 -6.01 6.90 1.75
N PHE A 109 -5.18 6.63 2.76
CA PHE A 109 -5.57 5.76 3.85
C PHE A 109 -5.93 6.56 5.09
N GLU A 110 -6.84 7.50 4.94
CA GLU A 110 -7.27 8.35 6.05
C GLU A 110 -8.61 7.89 6.60
N ASN A 111 -8.77 6.57 6.70
CA ASN A 111 -10.01 5.99 7.22
C ASN A 111 -9.85 5.57 8.67
N GLN A 112 -8.86 4.71 8.92
CA GLN A 112 -8.60 4.23 10.28
C GLN A 112 -7.58 5.13 10.99
N ASN A 113 -6.57 5.55 10.25
CA ASN A 113 -5.53 6.42 10.81
C ASN A 113 -6.14 7.69 11.40
N ILE A 114 -5.50 8.22 12.44
CA ILE A 114 -5.98 9.43 13.08
C ILE A 114 -5.43 10.68 12.40
N THR A 115 -6.27 11.70 12.27
CA THR A 115 -5.87 12.95 11.63
C THR A 115 -4.72 13.60 12.38
N VAL A 116 -3.93 14.40 11.67
CA VAL A 116 -2.80 15.09 12.27
C VAL A 116 -2.67 16.52 11.73
N ILE A 117 -2.35 17.45 12.63
CA ILE A 117 -2.21 18.84 12.25
C ILE A 117 -0.90 19.08 11.49
N PRO A 118 -0.89 20.08 10.60
CA PRO A 118 0.28 20.42 9.80
C PRO A 118 1.40 21.04 10.65
N SER A 119 2.63 20.91 10.17
CA SER A 119 3.77 21.45 10.89
C SER A 119 4.39 22.62 10.12
N GLY A 120 4.87 23.62 10.86
CA GLY A 120 5.47 24.78 10.24
C GLY A 120 5.56 25.96 11.18
N PHE A 121 6.41 25.85 12.20
CA PHE A 121 6.58 26.91 13.18
C PHE A 121 7.87 26.71 13.97
N SER A 122 8.79 27.66 13.84
CA SER A 122 10.07 27.58 14.55
C SER A 122 10.04 28.43 15.81
N GLY A 123 11.03 28.23 16.68
CA GLY A 123 11.09 28.98 17.92
C GLY A 123 12.29 29.93 17.96
N PRO A 124 13.39 29.48 18.56
CA PRO A 124 14.61 30.27 18.67
C PRO A 124 15.30 30.47 17.33
N SER A 125 14.95 31.54 16.62
CA SER A 125 15.53 31.84 15.33
C SER A 125 17.04 31.63 15.35
N SER A 126 17.70 32.18 16.36
CA SER A 126 19.14 32.04 16.50
C SER A 126 19.51 31.15 17.68
N GLY A 127 20.61 30.43 17.55
CA GLY A 127 21.04 29.53 18.60
C GLY A 127 21.52 28.19 18.08
N GLY A 1 -1.22 15.51 -21.50
CA GLY A 1 -0.31 15.94 -20.46
C GLY A 1 -0.74 15.47 -19.09
N SER A 2 -0.67 16.37 -18.11
CA SER A 2 -1.05 16.06 -16.75
C SER A 2 -2.57 15.96 -16.61
N SER A 3 -3.26 17.02 -16.99
CA SER A 3 -4.72 17.05 -16.91
C SER A 3 -5.34 16.12 -17.95
N GLY A 4 -6.24 15.26 -17.51
CA GLY A 4 -6.90 14.33 -18.41
C GLY A 4 -8.41 14.37 -18.28
N SER A 5 -9.09 13.56 -19.10
CA SER A 5 -10.55 13.51 -19.08
C SER A 5 -11.06 13.01 -17.74
N SER A 6 -10.52 11.88 -17.30
CA SER A 6 -10.93 11.28 -16.03
C SER A 6 -11.08 12.36 -14.96
N GLY A 7 -12.00 12.12 -14.02
CA GLY A 7 -12.22 13.07 -12.95
C GLY A 7 -12.28 12.41 -11.58
N PRO A 8 -11.97 13.19 -10.54
CA PRO A 8 -11.99 12.70 -9.16
C PRO A 8 -13.39 12.41 -8.65
N TYR A 9 -14.38 12.75 -9.46
CA TYR A 9 -15.78 12.52 -9.10
C TYR A 9 -16.01 11.06 -8.71
N ASN A 10 -15.47 10.15 -9.52
CA ASN A 10 -15.62 8.72 -9.26
C ASN A 10 -14.40 8.17 -8.53
N LYS A 11 -13.29 8.05 -9.25
CA LYS A 11 -12.05 7.54 -8.67
C LYS A 11 -11.90 8.00 -7.23
N ASN A 12 -11.35 7.13 -6.39
CA ASN A 12 -11.14 7.45 -4.98
C ASN A 12 -9.99 8.44 -4.81
N GLY A 13 -8.88 8.19 -5.50
CA GLY A 13 -7.73 9.07 -5.41
C GLY A 13 -6.44 8.37 -5.81
N PHE A 14 -6.40 7.06 -5.63
CA PHE A 14 -5.22 6.28 -5.96
C PHE A 14 -4.82 6.47 -7.43
N LYS A 15 -3.54 6.68 -7.66
CA LYS A 15 -3.03 6.89 -9.02
C LYS A 15 -2.07 5.78 -9.42
N VAL A 16 -2.02 5.49 -10.71
CA VAL A 16 -1.13 4.44 -11.23
C VAL A 16 0.33 4.81 -11.01
N GLY A 17 1.10 3.86 -10.48
CA GLY A 17 2.50 4.09 -10.23
C GLY A 17 2.84 4.07 -8.75
N MET A 18 1.95 4.62 -7.93
CA MET A 18 2.16 4.67 -6.49
C MET A 18 2.06 3.27 -5.89
N LYS A 19 3.14 2.83 -5.24
CA LYS A 19 3.17 1.51 -4.62
C LYS A 19 2.47 1.54 -3.26
N LEU A 20 2.04 0.37 -2.80
CA LEU A 20 1.36 0.25 -1.52
C LEU A 20 1.35 -1.19 -1.03
N GLU A 21 1.07 -1.37 0.26
CA GLU A 21 1.03 -2.71 0.85
C GLU A 21 -0.40 -3.23 0.94
N GLY A 22 -0.62 -4.42 0.41
CA GLY A 22 -1.95 -5.00 0.44
C GLY A 22 -1.96 -6.38 1.08
N VAL A 23 -3.13 -6.79 1.57
CA VAL A 23 -3.27 -8.09 2.21
C VAL A 23 -3.73 -9.15 1.23
N ASP A 24 -3.23 -10.36 1.38
CA ASP A 24 -3.59 -11.46 0.50
C ASP A 24 -4.96 -12.02 0.86
N PRO A 25 -5.74 -12.38 -0.17
CA PRO A 25 -7.08 -12.94 0.01
C PRO A 25 -7.06 -14.34 0.60
N GLU A 26 -5.86 -14.82 0.91
CA GLU A 26 -5.71 -16.15 1.48
C GLU A 26 -5.52 -16.08 2.99
N HIS A 27 -5.04 -14.94 3.47
CA HIS A 27 -4.82 -14.74 4.90
C HIS A 27 -4.90 -13.25 5.25
N GLN A 28 -5.72 -12.94 6.26
CA GLN A 28 -5.89 -11.56 6.70
C GLN A 28 -4.79 -11.16 7.68
N SER A 29 -3.66 -11.87 7.62
CA SER A 29 -2.54 -11.60 8.51
C SER A 29 -1.27 -11.33 7.71
N VAL A 30 -1.24 -11.78 6.48
CA VAL A 30 -0.09 -11.59 5.60
C VAL A 30 -0.24 -10.32 4.79
N TYR A 31 0.85 -9.55 4.71
CA TYR A 31 0.85 -8.30 3.94
C TYR A 31 1.84 -8.37 2.80
N CYS A 32 1.33 -8.36 1.57
CA CYS A 32 2.17 -8.40 0.38
C CYS A 32 2.27 -7.03 -0.28
N VAL A 33 3.30 -6.84 -1.10
CA VAL A 33 3.51 -5.58 -1.79
C VAL A 33 2.82 -5.57 -3.15
N LEU A 34 1.99 -4.56 -3.38
CA LEU A 34 1.26 -4.44 -4.65
C LEU A 34 1.48 -3.06 -5.26
N THR A 35 1.15 -2.94 -6.55
CA THR A 35 1.30 -1.68 -7.25
C THR A 35 0.05 -1.33 -8.04
N VAL A 36 -0.43 -0.10 -7.87
CA VAL A 36 -1.62 0.36 -8.57
C VAL A 36 -1.45 0.28 -10.09
N ALA A 37 -2.06 -0.74 -10.69
CA ALA A 37 -1.96 -0.94 -12.13
C ALA A 37 -3.07 -0.17 -12.86
N GLU A 38 -4.28 -0.19 -12.28
CA GLU A 38 -5.41 0.51 -12.87
C GLU A 38 -6.34 1.05 -11.79
N VAL A 39 -6.99 2.17 -12.09
CA VAL A 39 -7.91 2.79 -11.14
C VAL A 39 -9.20 3.22 -11.83
N CYS A 40 -10.33 2.73 -11.33
CA CYS A 40 -11.63 3.07 -11.90
C CYS A 40 -12.74 2.90 -10.86
N GLY A 41 -13.90 3.49 -11.14
CA GLY A 41 -15.02 3.39 -10.22
C GLY A 41 -14.59 3.51 -8.78
N TYR A 42 -15.25 2.75 -7.90
CA TYR A 42 -14.94 2.77 -6.48
C TYR A 42 -14.04 1.59 -6.11
N ARG A 43 -13.14 1.23 -7.01
CA ARG A 43 -12.23 0.13 -6.77
C ARG A 43 -10.89 0.37 -7.47
N ILE A 44 -9.86 -0.33 -7.01
CA ILE A 44 -8.52 -0.18 -7.60
C ILE A 44 -7.91 -1.55 -7.89
N LYS A 45 -7.18 -1.64 -9.01
CA LYS A 45 -6.53 -2.87 -9.40
C LYS A 45 -5.26 -3.11 -8.60
N LEU A 46 -5.07 -4.34 -8.13
CA LEU A 46 -3.89 -4.69 -7.35
C LEU A 46 -3.02 -5.69 -8.11
N HIS A 47 -1.75 -5.35 -8.29
CA HIS A 47 -0.82 -6.23 -8.99
C HIS A 47 0.18 -6.84 -8.02
N PHE A 48 0.46 -8.13 -8.19
CA PHE A 48 1.39 -8.83 -7.33
C PHE A 48 2.83 -8.61 -7.78
N ASP A 49 3.62 -7.95 -6.93
CA ASP A 49 5.01 -7.67 -7.24
C ASP A 49 5.80 -8.96 -7.46
N GLY A 50 6.13 -9.23 -8.72
CA GLY A 50 6.86 -10.43 -9.05
C GLY A 50 6.04 -11.44 -9.83
N TYR A 51 4.83 -11.72 -9.33
CA TYR A 51 3.95 -12.67 -9.97
C TYR A 51 3.30 -12.05 -11.22
N SER A 52 2.81 -12.92 -12.10
CA SER A 52 2.18 -12.46 -13.33
C SER A 52 0.94 -11.62 -13.05
N ASP A 53 0.54 -10.81 -14.01
CA ASP A 53 -0.62 -9.95 -13.86
C ASP A 53 -1.90 -10.68 -14.25
N CYS A 54 -1.93 -11.98 -13.96
CA CYS A 54 -3.09 -12.81 -14.29
C CYS A 54 -4.01 -12.96 -13.08
N TYR A 55 -3.40 -13.12 -11.91
CA TYR A 55 -4.16 -13.28 -10.67
C TYR A 55 -4.39 -11.94 -9.99
N ASP A 56 -4.63 -10.91 -10.80
CA ASP A 56 -4.87 -9.56 -10.28
C ASP A 56 -6.28 -9.43 -9.73
N PHE A 57 -6.43 -8.69 -8.64
CA PHE A 57 -7.74 -8.48 -8.02
C PHE A 57 -7.92 -7.02 -7.63
N TRP A 58 -9.19 -6.63 -7.44
CA TRP A 58 -9.51 -5.25 -7.08
C TRP A 58 -10.04 -5.18 -5.65
N VAL A 59 -9.52 -4.23 -4.89
CA VAL A 59 -9.93 -4.05 -3.50
C VAL A 59 -10.78 -2.80 -3.34
N ASN A 60 -11.26 -2.57 -2.11
CA ASN A 60 -12.09 -1.41 -1.82
C ASN A 60 -11.23 -0.15 -1.63
N ALA A 61 -11.53 0.89 -2.40
CA ALA A 61 -10.80 2.15 -2.31
C ALA A 61 -10.58 2.55 -0.85
N ASP A 62 -11.60 2.37 -0.03
CA ASP A 62 -11.52 2.71 1.38
C ASP A 62 -11.27 1.47 2.23
N ALA A 63 -10.46 0.55 1.70
CA ALA A 63 -10.13 -0.68 2.41
C ALA A 63 -9.11 -0.42 3.52
N LEU A 64 -9.32 -1.04 4.67
CA LEU A 64 -8.42 -0.87 5.80
C LEU A 64 -7.23 -1.82 5.70
N ASP A 65 -7.49 -3.04 5.24
CA ASP A 65 -6.45 -4.05 5.09
C ASP A 65 -5.22 -3.46 4.40
N ILE A 66 -5.46 -2.64 3.38
CA ILE A 66 -4.38 -2.01 2.64
C ILE A 66 -3.73 -0.90 3.45
N HIS A 67 -2.41 -0.76 3.31
CA HIS A 67 -1.67 0.27 4.02
C HIS A 67 -0.54 0.83 3.16
N PRO A 68 -0.10 2.05 3.49
CA PRO A 68 0.98 2.73 2.76
C PRO A 68 2.33 2.06 2.99
N VAL A 69 3.26 2.28 2.06
CA VAL A 69 4.59 1.70 2.16
C VAL A 69 5.20 1.97 3.53
N GLY A 70 6.03 1.04 3.99
CA GLY A 70 6.66 1.19 5.29
C GLY A 70 5.65 1.28 6.42
N TRP A 71 4.57 0.53 6.31
CA TRP A 71 3.54 0.52 7.34
C TRP A 71 3.73 -0.62 8.32
N CYS A 72 3.94 -1.83 7.78
CA CYS A 72 4.14 -3.01 8.62
C CYS A 72 4.97 -2.67 9.84
N GLU A 73 6.18 -2.15 9.61
CA GLU A 73 7.08 -1.79 10.70
C GLU A 73 6.54 -0.59 11.46
N LYS A 74 6.02 0.40 10.73
CA LYS A 74 5.49 1.61 11.34
C LYS A 74 4.60 1.26 12.54
N THR A 75 3.75 0.25 12.37
CA THR A 75 2.85 -0.17 13.43
C THR A 75 3.47 -1.29 14.25
N GLY A 76 3.90 -2.36 13.58
CA GLY A 76 4.50 -3.48 14.27
C GLY A 76 4.13 -4.81 13.65
N HIS A 77 4.54 -5.01 12.40
CA HIS A 77 4.24 -6.26 11.69
C HIS A 77 5.36 -6.60 10.71
N LYS A 78 5.32 -7.83 10.19
CA LYS A 78 6.34 -8.28 9.24
C LYS A 78 5.80 -8.23 7.82
N LEU A 79 6.65 -7.84 6.88
CA LEU A 79 6.27 -7.76 5.47
C LEU A 79 6.85 -8.92 4.67
N HIS A 80 6.03 -9.52 3.82
CA HIS A 80 6.46 -10.64 3.00
C HIS A 80 6.92 -10.16 1.63
N PRO A 81 8.18 -10.45 1.28
CA PRO A 81 8.77 -10.05 0.00
C PRO A 81 8.17 -10.83 -1.17
N PRO A 82 8.48 -10.39 -2.40
CA PRO A 82 7.99 -11.02 -3.62
C PRO A 82 8.62 -12.39 -3.86
N LYS A 83 8.38 -12.94 -5.03
CA LYS A 83 8.94 -14.25 -5.39
C LYS A 83 10.46 -14.18 -5.51
N GLY A 84 11.14 -15.02 -4.73
CA GLY A 84 12.59 -15.04 -4.76
C GLY A 84 13.20 -13.78 -4.18
N TYR A 85 12.62 -13.31 -3.08
CA TYR A 85 13.12 -12.10 -2.42
C TYR A 85 13.05 -12.24 -0.91
N LYS A 86 14.05 -11.70 -0.23
CA LYS A 86 14.12 -11.76 1.22
C LYS A 86 13.82 -10.40 1.84
N GLU A 87 13.51 -10.40 3.13
CA GLU A 87 13.21 -9.15 3.84
C GLU A 87 14.44 -8.24 3.91
N GLU A 88 15.51 -8.77 4.49
CA GLU A 88 16.75 -8.01 4.61
C GLU A 88 17.24 -7.53 3.25
N GLU A 89 17.17 -8.42 2.26
CA GLU A 89 17.60 -8.08 0.91
C GLU A 89 16.67 -7.05 0.27
N PHE A 90 15.37 -7.24 0.46
CA PHE A 90 14.38 -6.34 -0.09
C PHE A 90 14.36 -5.01 0.66
N ASN A 91 14.43 -3.91 -0.08
CA ASN A 91 14.43 -2.59 0.53
C ASN A 91 13.54 -1.63 -0.26
N TRP A 92 12.45 -1.20 0.35
CA TRP A 92 11.52 -0.28 -0.29
C TRP A 92 12.26 0.86 -0.96
N GLN A 93 12.81 1.76 -0.16
CA GLN A 93 13.55 2.91 -0.67
C GLN A 93 14.39 2.51 -1.89
N THR A 94 15.19 1.45 -1.73
CA THR A 94 16.04 0.98 -2.80
C THR A 94 15.23 0.70 -4.07
N TYR A 95 14.08 0.06 -3.89
CA TYR A 95 13.21 -0.27 -5.02
C TYR A 95 12.42 0.95 -5.47
N LEU A 96 12.32 1.94 -4.59
CA LEU A 96 11.59 3.17 -4.90
C LEU A 96 12.50 4.20 -5.55
N LYS A 97 13.80 3.95 -5.49
CA LYS A 97 14.79 4.85 -6.07
C LYS A 97 15.18 4.39 -7.47
N THR A 98 15.20 3.07 -7.68
CA THR A 98 15.56 2.51 -8.97
C THR A 98 14.43 2.66 -9.97
N CYS A 99 13.20 2.68 -9.47
CA CYS A 99 12.02 2.83 -10.32
C CYS A 99 11.42 4.22 -10.19
N LYS A 100 12.21 5.15 -9.65
CA LYS A 100 11.75 6.52 -9.47
C LYS A 100 10.29 6.56 -9.03
N ALA A 101 9.93 5.72 -8.07
CA ALA A 101 8.56 5.66 -7.57
C ALA A 101 8.46 6.24 -6.17
N GLN A 102 7.32 6.86 -5.87
CA GLN A 102 7.10 7.47 -4.56
C GLN A 102 5.91 6.82 -3.86
N ALA A 103 6.17 6.17 -2.73
CA ALA A 103 5.11 5.52 -1.97
C ALA A 103 3.89 6.41 -1.85
N ALA A 104 2.72 5.84 -2.11
CA ALA A 104 1.47 6.59 -2.02
C ALA A 104 1.38 7.38 -0.72
N PRO A 105 0.66 8.50 -0.75
CA PRO A 105 0.49 9.37 0.42
C PRO A 105 -0.38 8.74 1.49
N LYS A 106 -0.03 8.97 2.75
CA LYS A 106 -0.79 8.43 3.87
C LYS A 106 -2.24 8.90 3.84
N SER A 107 -2.45 10.08 3.28
CA SER A 107 -3.79 10.66 3.19
C SER A 107 -4.78 9.64 2.63
N LEU A 108 -4.34 8.89 1.62
CA LEU A 108 -5.19 7.88 1.00
C LEU A 108 -5.70 6.89 2.04
N PHE A 109 -4.89 6.63 3.06
CA PHE A 109 -5.27 5.70 4.11
C PHE A 109 -5.56 6.45 5.41
N GLU A 110 -6.18 7.61 5.30
CA GLU A 110 -6.51 8.42 6.47
C GLU A 110 -7.95 8.19 6.90
N ASN A 111 -8.41 6.95 6.76
CA ASN A 111 -9.78 6.60 7.13
C ASN A 111 -9.79 5.44 8.14
N GLN A 112 -9.52 5.75 9.39
CA GLN A 112 -9.51 4.74 10.44
C GLN A 112 -9.37 5.38 11.82
N ASN A 113 -9.75 4.64 12.85
CA ASN A 113 -9.68 5.13 14.22
C ASN A 113 -8.22 5.33 14.66
N ILE A 114 -8.03 5.88 15.85
CA ILE A 114 -6.69 6.11 16.38
C ILE A 114 -5.82 4.87 16.22
N THR A 115 -4.60 5.08 15.73
CA THR A 115 -3.66 3.97 15.53
C THR A 115 -3.10 3.50 16.87
N VAL A 116 -2.67 2.23 16.89
CA VAL A 116 -2.11 1.64 18.11
C VAL A 116 -0.73 2.21 18.40
N ILE A 117 -0.44 2.41 19.69
CA ILE A 117 0.86 2.95 20.10
C ILE A 117 1.96 1.92 19.88
N PRO A 118 3.18 2.42 19.60
CA PRO A 118 4.35 1.56 19.37
C PRO A 118 4.81 0.87 20.65
N SER A 119 4.30 1.32 21.79
CA SER A 119 4.67 0.73 23.07
C SER A 119 4.49 -0.78 23.05
N GLY A 120 5.38 -1.47 23.76
CA GLY A 120 5.31 -2.93 23.81
C GLY A 120 5.75 -3.48 25.16
N PHE A 121 5.10 -4.55 25.60
CA PHE A 121 5.43 -5.18 26.87
C PHE A 121 5.53 -6.68 26.73
N SER A 122 6.58 -7.27 27.31
CA SER A 122 6.79 -8.71 27.24
C SER A 122 6.87 -9.31 28.64
N GLY A 123 6.07 -10.34 28.88
CA GLY A 123 6.07 -10.99 30.18
C GLY A 123 7.35 -11.76 30.44
N PRO A 124 7.34 -12.60 31.49
CA PRO A 124 8.50 -13.41 31.88
C PRO A 124 8.76 -14.53 30.88
N SER A 125 9.68 -14.27 29.94
CA SER A 125 10.02 -15.26 28.92
C SER A 125 11.43 -15.82 29.17
N SER A 126 11.62 -17.07 28.78
CA SER A 126 12.91 -17.73 28.96
C SER A 126 13.36 -18.41 27.67
N GLY A 127 12.51 -19.28 27.14
CA GLY A 127 12.83 -19.99 25.92
C GLY A 127 12.20 -21.37 25.87
N GLY A 1 -2.85 -3.86 -20.12
CA GLY A 1 -2.89 -4.99 -21.03
C GLY A 1 -3.87 -4.76 -22.18
N SER A 2 -5.09 -4.40 -21.85
CA SER A 2 -6.13 -4.16 -22.85
C SER A 2 -7.04 -3.01 -22.43
N SER A 3 -7.01 -1.92 -23.20
CA SER A 3 -7.83 -0.75 -22.90
C SER A 3 -9.32 -1.09 -23.00
N GLY A 4 -10.15 -0.30 -22.33
CA GLY A 4 -11.58 -0.53 -22.35
C GLY A 4 -12.31 0.18 -21.22
N SER A 5 -12.98 1.27 -21.56
CA SER A 5 -13.71 2.04 -20.56
C SER A 5 -15.09 2.44 -21.08
N SER A 6 -16.13 2.02 -20.35
CA SER A 6 -17.50 2.32 -20.75
C SER A 6 -18.35 2.68 -19.53
N GLY A 7 -19.53 3.24 -19.78
CA GLY A 7 -20.41 3.63 -18.69
C GLY A 7 -19.77 4.63 -17.76
N PRO A 8 -20.43 4.89 -16.62
CA PRO A 8 -19.95 5.84 -15.61
C PRO A 8 -18.70 5.33 -14.90
N TYR A 9 -18.19 6.14 -13.96
CA TYR A 9 -17.00 5.77 -13.21
C TYR A 9 -16.74 6.76 -12.09
N ASN A 10 -15.84 6.41 -11.18
CA ASN A 10 -15.49 7.27 -10.06
C ASN A 10 -14.01 7.21 -9.75
N LYS A 11 -13.59 7.88 -8.68
CA LYS A 11 -12.19 7.90 -8.28
C LYS A 11 -12.05 8.27 -6.81
N ASN A 12 -11.37 7.41 -6.06
CA ASN A 12 -11.16 7.64 -4.64
C ASN A 12 -10.00 8.61 -4.40
N GLY A 13 -8.94 8.46 -5.19
CA GLY A 13 -7.79 9.33 -5.06
C GLY A 13 -6.50 8.65 -5.48
N PHE A 14 -6.49 7.32 -5.43
CA PHE A 14 -5.31 6.55 -5.82
C PHE A 14 -4.84 6.92 -7.22
N LYS A 15 -3.69 6.41 -7.62
CA LYS A 15 -3.14 6.68 -8.93
C LYS A 15 -2.37 5.48 -9.47
N VAL A 16 -2.11 5.48 -10.77
CA VAL A 16 -1.38 4.38 -11.41
C VAL A 16 0.12 4.61 -11.35
N GLY A 17 0.82 3.76 -10.61
CA GLY A 17 2.26 3.89 -10.47
C GLY A 17 2.71 3.91 -9.03
N MET A 18 1.82 4.32 -8.14
CA MET A 18 2.14 4.38 -6.72
C MET A 18 2.12 2.98 -6.09
N LYS A 19 3.07 2.73 -5.19
CA LYS A 19 3.17 1.43 -4.53
C LYS A 19 2.49 1.48 -3.16
N LEU A 20 2.12 0.31 -2.65
CA LEU A 20 1.46 0.22 -1.35
C LEU A 20 1.47 -1.22 -0.84
N GLU A 21 1.08 -1.41 0.42
CA GLU A 21 1.05 -2.73 1.02
C GLU A 21 -0.38 -3.27 1.05
N GLY A 22 -0.53 -4.56 0.74
CA GLY A 22 -1.85 -5.17 0.74
C GLY A 22 -1.84 -6.56 1.35
N VAL A 23 -3.02 -7.15 1.50
CA VAL A 23 -3.15 -8.48 2.07
C VAL A 23 -3.40 -9.52 1.00
N ASP A 24 -2.99 -10.76 1.26
CA ASP A 24 -3.18 -11.85 0.31
C ASP A 24 -4.53 -12.52 0.52
N PRO A 25 -5.19 -12.90 -0.58
CA PRO A 25 -6.50 -13.56 -0.55
C PRO A 25 -6.41 -14.98 0.00
N GLU A 26 -5.21 -15.40 0.37
CA GLU A 26 -4.99 -16.73 0.91
C GLU A 26 -4.86 -16.69 2.43
N HIS A 27 -4.45 -15.54 2.95
CA HIS A 27 -4.29 -15.36 4.38
C HIS A 27 -4.39 -13.89 4.77
N GLN A 28 -5.22 -13.59 5.77
CA GLN A 28 -5.41 -12.22 6.23
C GLN A 28 -4.32 -11.84 7.23
N SER A 29 -3.18 -12.52 7.16
CA SER A 29 -2.07 -12.25 8.06
C SER A 29 -0.79 -11.95 7.28
N VAL A 30 -0.81 -12.27 5.99
CA VAL A 30 0.35 -12.04 5.13
C VAL A 30 0.16 -10.80 4.28
N TYR A 31 0.98 -9.78 4.54
CA TYR A 31 0.91 -8.53 3.80
C TYR A 31 1.93 -8.51 2.66
N CYS A 32 1.43 -8.41 1.43
CA CYS A 32 2.29 -8.39 0.26
C CYS A 32 2.23 -7.03 -0.43
N VAL A 33 3.34 -6.63 -1.04
CA VAL A 33 3.40 -5.35 -1.73
C VAL A 33 2.72 -5.43 -3.10
N LEU A 34 1.95 -4.38 -3.42
CA LEU A 34 1.23 -4.34 -4.69
C LEU A 34 1.45 -3.00 -5.38
N THR A 35 1.07 -2.92 -6.66
CA THR A 35 1.23 -1.70 -7.43
C THR A 35 -0.04 -1.39 -8.22
N VAL A 36 -0.50 -0.15 -8.12
CA VAL A 36 -1.70 0.28 -8.83
C VAL A 36 -1.58 -0.01 -10.31
N ALA A 37 -2.43 -0.92 -10.81
CA ALA A 37 -2.43 -1.28 -12.22
C ALA A 37 -3.60 -0.63 -12.95
N GLU A 38 -4.63 -0.26 -12.21
CA GLU A 38 -5.81 0.37 -12.79
C GLU A 38 -6.67 1.02 -11.71
N VAL A 39 -7.41 2.06 -12.10
CA VAL A 39 -8.27 2.78 -11.17
C VAL A 39 -9.62 3.08 -11.79
N CYS A 40 -10.69 2.78 -11.07
CA CYS A 40 -12.04 3.02 -11.55
C CYS A 40 -13.06 2.85 -10.43
N GLY A 41 -14.25 3.40 -10.63
CA GLY A 41 -15.30 3.30 -9.63
C GLY A 41 -14.77 3.50 -8.22
N TYR A 42 -15.37 2.81 -7.26
CA TYR A 42 -14.96 2.92 -5.87
C TYR A 42 -13.97 1.81 -5.49
N ARG A 43 -13.17 1.40 -6.46
CA ARG A 43 -12.18 0.34 -6.25
C ARG A 43 -10.89 0.64 -7.00
N ILE A 44 -9.85 -0.12 -6.69
CA ILE A 44 -8.55 0.06 -7.34
C ILE A 44 -7.90 -1.27 -7.66
N LYS A 45 -7.37 -1.39 -8.87
CA LYS A 45 -6.71 -2.63 -9.30
C LYS A 45 -5.35 -2.78 -8.62
N LEU A 46 -5.08 -3.98 -8.14
CA LEU A 46 -3.81 -4.27 -7.47
C LEU A 46 -2.98 -5.26 -8.27
N HIS A 47 -1.72 -4.89 -8.55
CA HIS A 47 -0.83 -5.75 -9.31
C HIS A 47 0.37 -6.18 -8.46
N PHE A 48 0.51 -7.47 -8.25
CA PHE A 48 1.61 -8.02 -7.45
C PHE A 48 2.96 -7.60 -8.04
N ASP A 49 3.84 -7.12 -7.19
CA ASP A 49 5.17 -6.69 -7.63
C ASP A 49 5.93 -7.85 -8.28
N GLY A 50 5.46 -9.07 -8.04
CA GLY A 50 6.10 -10.24 -8.61
C GLY A 50 5.13 -11.11 -9.39
N TYR A 51 4.25 -11.81 -8.67
CA TYR A 51 3.28 -12.69 -9.31
C TYR A 51 2.68 -12.03 -10.55
N SER A 52 2.48 -12.83 -11.60
CA SER A 52 1.93 -12.32 -12.85
C SER A 52 0.69 -11.47 -12.58
N ASP A 53 0.41 -10.54 -13.50
CA ASP A 53 -0.75 -9.66 -13.37
C ASP A 53 -2.04 -10.46 -13.38
N CYS A 54 -2.05 -11.55 -14.13
CA CYS A 54 -3.22 -12.41 -14.24
C CYS A 54 -3.83 -12.68 -12.86
N TYR A 55 -3.00 -12.61 -11.83
CA TYR A 55 -3.45 -12.85 -10.47
C TYR A 55 -3.70 -11.53 -9.75
N ASP A 56 -4.16 -10.53 -10.49
CA ASP A 56 -4.45 -9.22 -9.93
C ASP A 56 -5.92 -9.12 -9.51
N PHE A 57 -6.17 -8.44 -8.40
CA PHE A 57 -7.53 -8.27 -7.90
C PHE A 57 -7.80 -6.81 -7.54
N TRP A 58 -9.07 -6.49 -7.32
CA TRP A 58 -9.46 -5.13 -6.96
C TRP A 58 -9.91 -5.05 -5.52
N VAL A 59 -9.36 -4.10 -4.78
CA VAL A 59 -9.70 -3.92 -3.37
C VAL A 59 -10.51 -2.64 -3.16
N ASN A 60 -11.14 -2.53 -2.00
CA ASN A 60 -11.95 -1.36 -1.68
C ASN A 60 -11.07 -0.13 -1.49
N ALA A 61 -11.38 0.94 -2.22
CA ALA A 61 -10.61 2.18 -2.12
C ALA A 61 -10.44 2.60 -0.66
N ASP A 62 -11.37 2.19 0.19
CA ASP A 62 -11.31 2.53 1.60
C ASP A 62 -11.13 1.28 2.46
N ALA A 63 -10.38 0.31 1.93
CA ALA A 63 -10.13 -0.93 2.64
C ALA A 63 -9.15 -0.72 3.79
N LEU A 64 -9.32 -1.49 4.86
CA LEU A 64 -8.44 -1.38 6.02
C LEU A 64 -7.24 -2.31 5.89
N ASP A 65 -7.37 -3.32 5.03
CA ASP A 65 -6.28 -4.27 4.82
C ASP A 65 -5.08 -3.58 4.17
N ILE A 66 -5.34 -2.76 3.17
CA ILE A 66 -4.28 -2.04 2.47
C ILE A 66 -3.67 -0.96 3.36
N HIS A 67 -2.39 -0.67 3.14
CA HIS A 67 -1.69 0.35 3.92
C HIS A 67 -0.62 1.03 3.08
N PRO A 68 -0.34 2.30 3.40
CA PRO A 68 0.68 3.09 2.69
C PRO A 68 2.10 2.60 2.96
N VAL A 69 2.98 2.83 2.00
CA VAL A 69 4.37 2.42 2.12
C VAL A 69 4.91 2.72 3.52
N GLY A 70 5.78 1.84 4.02
CA GLY A 70 6.35 2.04 5.33
C GLY A 70 5.32 1.95 6.44
N TRP A 71 4.37 1.03 6.29
CA TRP A 71 3.32 0.84 7.28
C TRP A 71 3.73 -0.20 8.31
N CYS A 72 4.21 -1.35 7.83
CA CYS A 72 4.64 -2.42 8.71
C CYS A 72 5.30 -1.87 9.97
N GLU A 73 6.15 -0.87 9.79
CA GLU A 73 6.84 -0.26 10.91
C GLU A 73 5.93 0.68 11.69
N LYS A 74 5.09 1.41 10.96
CA LYS A 74 4.14 2.34 11.58
C LYS A 74 3.38 1.67 12.71
N THR A 75 2.92 0.45 12.48
CA THR A 75 2.18 -0.29 13.48
C THR A 75 3.07 -1.32 14.18
N GLY A 76 3.73 -2.16 13.38
CA GLY A 76 4.60 -3.18 13.93
C GLY A 76 4.24 -4.57 13.46
N HIS A 77 4.53 -4.85 12.19
CA HIS A 77 4.24 -6.16 11.61
C HIS A 77 5.39 -6.64 10.75
N LYS A 78 5.31 -7.88 10.29
CA LYS A 78 6.35 -8.46 9.45
C LYS A 78 5.89 -8.55 8.00
N LEU A 79 6.37 -7.62 7.18
CA LEU A 79 6.01 -7.58 5.77
C LEU A 79 6.68 -8.72 5.01
N HIS A 80 6.02 -9.19 3.95
CA HIS A 80 6.56 -10.27 3.14
C HIS A 80 6.94 -9.79 1.75
N PRO A 81 8.13 -10.19 1.27
CA PRO A 81 8.63 -9.81 -0.04
C PRO A 81 7.84 -10.45 -1.18
N PRO A 82 7.96 -9.88 -2.38
CA PRO A 82 7.27 -10.37 -3.57
C PRO A 82 7.83 -11.71 -4.05
N LYS A 83 7.42 -12.12 -5.25
CA LYS A 83 7.89 -13.38 -5.82
C LYS A 83 9.38 -13.32 -6.13
N GLY A 84 10.13 -14.30 -5.63
CA GLY A 84 11.55 -14.35 -5.87
C GLY A 84 12.29 -13.23 -5.17
N TYR A 85 11.80 -12.84 -3.99
CA TYR A 85 12.43 -11.76 -3.23
C TYR A 85 12.45 -12.10 -1.74
N LYS A 86 13.56 -11.75 -1.09
CA LYS A 86 13.72 -12.02 0.34
C LYS A 86 13.84 -10.72 1.12
N GLU A 87 13.25 -10.68 2.30
CA GLU A 87 13.29 -9.49 3.16
C GLU A 87 14.68 -8.86 3.13
N GLU A 88 15.70 -9.69 3.33
CA GLU A 88 17.08 -9.22 3.34
C GLU A 88 17.49 -8.72 1.96
N GLU A 89 17.03 -9.42 0.92
CA GLU A 89 17.34 -9.05 -0.45
C GLU A 89 16.25 -8.16 -1.04
N PHE A 90 15.82 -7.16 -0.27
CA PHE A 90 14.79 -6.23 -0.71
C PHE A 90 14.57 -5.13 0.30
N ASN A 91 14.29 -3.92 -0.19
CA ASN A 91 14.07 -2.77 0.68
C ASN A 91 13.24 -1.70 -0.04
N TRP A 92 12.19 -1.24 0.62
CA TRP A 92 11.32 -0.21 0.05
C TRP A 92 12.14 0.89 -0.60
N GLN A 93 12.79 1.70 0.22
CA GLN A 93 13.61 2.80 -0.28
C GLN A 93 14.51 2.34 -1.41
N THR A 94 15.16 1.20 -1.22
CA THR A 94 16.06 0.64 -2.23
C THR A 94 15.30 0.30 -3.50
N TYR A 95 14.03 -0.05 -3.35
CA TYR A 95 13.19 -0.41 -4.49
C TYR A 95 12.51 0.83 -5.09
N LEU A 96 12.41 1.89 -4.28
CA LEU A 96 11.79 3.13 -4.72
C LEU A 96 12.82 4.05 -5.37
N LYS A 97 14.09 3.71 -5.20
CA LYS A 97 15.17 4.51 -5.77
C LYS A 97 15.54 4.02 -7.17
N THR A 98 15.43 2.70 -7.37
CA THR A 98 15.74 2.10 -8.67
C THR A 98 14.55 2.19 -9.62
N CYS A 99 13.35 2.14 -9.05
CA CYS A 99 12.13 2.22 -9.85
C CYS A 99 11.77 3.66 -10.17
N LYS A 100 12.45 4.60 -9.50
CA LYS A 100 12.20 6.02 -9.73
C LYS A 100 10.73 6.35 -9.51
N ALA A 101 10.14 5.76 -8.48
CA ALA A 101 8.74 6.00 -8.15
C ALA A 101 8.59 6.60 -6.76
N GLN A 102 7.41 7.14 -6.47
CA GLN A 102 7.14 7.74 -5.17
C GLN A 102 6.10 6.93 -4.40
N ALA A 103 6.45 6.56 -3.17
CA ALA A 103 5.55 5.79 -2.33
C ALA A 103 4.20 6.49 -2.17
N ALA A 104 3.13 5.73 -2.35
CA ALA A 104 1.78 6.27 -2.22
C ALA A 104 1.63 7.09 -0.95
N PRO A 105 0.83 8.16 -1.03
CA PRO A 105 0.58 9.04 0.13
C PRO A 105 -0.26 8.37 1.21
N LYS A 106 -0.06 8.79 2.45
CA LYS A 106 -0.80 8.23 3.57
C LYS A 106 -2.22 8.77 3.62
N SER A 107 -2.45 9.88 2.91
CA SER A 107 -3.77 10.50 2.87
C SER A 107 -4.81 9.53 2.29
N LEU A 108 -4.36 8.65 1.42
CA LEU A 108 -5.25 7.67 0.80
C LEU A 108 -5.86 6.75 1.84
N PHE A 109 -5.18 6.60 2.97
CA PHE A 109 -5.66 5.74 4.05
C PHE A 109 -5.90 6.56 5.32
N GLU A 110 -6.80 7.54 5.23
CA GLU A 110 -7.11 8.39 6.38
C GLU A 110 -8.25 7.79 7.20
N ASN A 111 -8.78 6.67 6.74
CA ASN A 111 -9.87 6.00 7.43
C ASN A 111 -9.45 4.62 7.93
N GLN A 112 -8.42 4.60 8.77
CA GLN A 112 -7.92 3.34 9.31
C GLN A 112 -7.79 3.42 10.83
N ASN A 113 -6.95 4.34 11.31
CA ASN A 113 -6.75 4.51 12.74
C ASN A 113 -7.67 5.59 13.29
N ILE A 114 -7.77 5.65 14.62
CA ILE A 114 -8.61 6.65 15.27
C ILE A 114 -7.96 8.02 15.25
N THR A 115 -8.65 8.99 14.66
CA THR A 115 -8.13 10.36 14.58
C THR A 115 -7.65 10.84 15.94
N VAL A 116 -6.60 11.67 15.93
CA VAL A 116 -6.05 12.20 17.17
C VAL A 116 -7.06 13.08 17.90
N ILE A 117 -7.08 12.99 19.22
CA ILE A 117 -8.01 13.77 20.03
C ILE A 117 -7.32 15.00 20.61
N PRO A 118 -8.10 16.07 20.82
CA PRO A 118 -7.59 17.33 21.38
C PRO A 118 -7.21 17.20 22.85
N SER A 119 -5.91 17.05 23.12
CA SER A 119 -5.42 16.90 24.48
C SER A 119 -3.90 17.07 24.53
N GLY A 120 -3.38 17.31 25.73
CA GLY A 120 -1.95 17.48 25.89
C GLY A 120 -1.40 16.66 27.03
N PHE A 121 -0.99 15.43 26.73
CA PHE A 121 -0.44 14.53 27.74
C PHE A 121 0.99 14.93 28.10
N SER A 122 1.36 14.71 29.35
CA SER A 122 2.69 15.06 29.84
C SER A 122 3.32 13.89 30.59
N GLY A 123 4.20 13.16 29.91
CA GLY A 123 4.85 12.02 30.53
C GLY A 123 6.23 11.76 29.96
N PRO A 124 7.23 12.48 30.49
CA PRO A 124 8.63 12.35 30.04
C PRO A 124 9.23 11.03 30.45
N SER A 125 10.11 10.49 29.60
CA SER A 125 10.76 9.21 29.86
C SER A 125 11.94 9.40 30.82
N SER A 126 11.72 9.02 32.08
CA SER A 126 12.76 9.15 33.10
C SER A 126 12.31 8.55 34.42
N GLY A 127 13.10 7.62 34.94
CA GLY A 127 12.76 6.96 36.20
C GLY A 127 13.99 6.54 36.98
N GLY A 1 -8.22 22.18 -27.34
CA GLY A 1 -8.23 22.62 -25.95
C GLY A 1 -8.63 21.51 -25.00
N SER A 2 -7.99 21.46 -23.84
CA SER A 2 -8.28 20.44 -22.84
C SER A 2 -8.55 21.07 -21.47
N SER A 3 -9.81 21.10 -21.09
CA SER A 3 -10.20 21.68 -19.80
C SER A 3 -9.66 20.85 -18.64
N GLY A 4 -9.81 19.53 -18.75
CA GLY A 4 -9.34 18.64 -17.71
C GLY A 4 -10.04 17.28 -17.75
N SER A 5 -10.29 16.72 -16.57
CA SER A 5 -10.94 15.42 -16.47
C SER A 5 -12.00 15.27 -17.55
N SER A 6 -12.03 14.10 -18.17
CA SER A 6 -13.00 13.82 -19.24
C SER A 6 -14.34 14.48 -18.93
N GLY A 7 -14.84 14.25 -17.72
CA GLY A 7 -16.11 14.83 -17.33
C GLY A 7 -16.52 14.44 -15.92
N PRO A 8 -17.23 13.31 -15.80
CA PRO A 8 -17.68 12.80 -14.50
C PRO A 8 -16.54 12.30 -13.63
N TYR A 9 -16.75 12.31 -12.32
CA TYR A 9 -15.74 11.85 -11.37
C TYR A 9 -16.10 10.49 -10.80
N ASN A 10 -15.42 9.44 -11.27
CA ASN A 10 -15.68 8.09 -10.80
C ASN A 10 -14.39 7.42 -10.35
N LYS A 11 -13.95 7.74 -9.13
CA LYS A 11 -12.72 7.17 -8.58
C LYS A 11 -12.56 7.56 -7.11
N ASN A 12 -11.56 6.98 -6.46
CA ASN A 12 -11.29 7.27 -5.06
C ASN A 12 -10.15 8.27 -4.92
N GLY A 13 -9.08 8.06 -5.68
CA GLY A 13 -7.94 8.96 -5.62
C GLY A 13 -6.64 8.27 -6.03
N PHE A 14 -6.59 6.96 -5.86
CA PHE A 14 -5.40 6.19 -6.20
C PHE A 14 -4.98 6.47 -7.64
N LYS A 15 -3.69 6.28 -7.92
CA LYS A 15 -3.15 6.52 -9.25
C LYS A 15 -2.30 5.34 -9.71
N VAL A 16 -2.27 5.10 -11.01
CA VAL A 16 -1.49 4.01 -11.58
C VAL A 16 0.00 4.23 -11.37
N GLY A 17 0.67 3.23 -10.81
CA GLY A 17 2.11 3.34 -10.56
C GLY A 17 2.44 3.39 -9.08
N MET A 18 1.61 4.09 -8.31
CA MET A 18 1.83 4.21 -6.87
C MET A 18 1.91 2.83 -6.22
N LYS A 19 2.96 2.63 -5.42
CA LYS A 19 3.16 1.36 -4.74
C LYS A 19 2.51 1.37 -3.36
N LEU A 20 2.16 0.19 -2.85
CA LEU A 20 1.53 0.07 -1.55
C LEU A 20 1.53 -1.38 -1.08
N GLU A 21 0.94 -1.63 0.08
CA GLU A 21 0.86 -2.97 0.64
C GLU A 21 -0.59 -3.40 0.82
N GLY A 22 -0.86 -4.69 0.61
CA GLY A 22 -2.21 -5.20 0.74
C GLY A 22 -2.23 -6.65 1.22
N VAL A 23 -3.41 -7.12 1.62
CA VAL A 23 -3.57 -8.48 2.09
C VAL A 23 -4.04 -9.41 0.96
N ASP A 24 -3.54 -10.63 0.97
CA ASP A 24 -3.92 -11.61 -0.05
C ASP A 24 -5.28 -12.23 0.27
N PRO A 25 -6.06 -12.51 -0.79
CA PRO A 25 -7.40 -13.10 -0.64
C PRO A 25 -7.34 -14.54 -0.18
N GLU A 26 -6.12 -15.06 0.00
CA GLU A 26 -5.94 -16.44 0.44
C GLU A 26 -5.62 -16.49 1.93
N HIS A 27 -5.35 -15.32 2.52
CA HIS A 27 -5.04 -15.25 3.94
C HIS A 27 -5.24 -13.83 4.45
N GLN A 28 -5.92 -13.70 5.59
CA GLN A 28 -6.19 -12.40 6.18
C GLN A 28 -5.09 -12.02 7.17
N SER A 29 -3.95 -12.71 7.08
CA SER A 29 -2.83 -12.45 7.97
C SER A 29 -1.53 -12.32 7.18
N VAL A 30 -1.66 -11.94 5.91
CA VAL A 30 -0.49 -11.78 5.05
C VAL A 30 -0.43 -10.37 4.46
N TYR A 31 0.75 -9.79 4.47
CA TYR A 31 0.95 -8.44 3.94
C TYR A 31 2.05 -8.42 2.88
N CYS A 32 1.63 -8.28 1.62
CA CYS A 32 2.58 -8.25 0.50
C CYS A 32 2.56 -6.90 -0.19
N VAL A 33 3.53 -6.68 -1.07
CA VAL A 33 3.61 -5.42 -1.80
C VAL A 33 2.86 -5.50 -3.13
N LEU A 34 1.99 -4.52 -3.36
CA LEU A 34 1.20 -4.48 -4.59
C LEU A 34 1.38 -3.14 -5.31
N THR A 35 1.03 -3.11 -6.58
CA THR A 35 1.14 -1.90 -7.38
C THR A 35 -0.18 -1.55 -8.06
N VAL A 36 -0.56 -0.28 -7.96
CA VAL A 36 -1.81 0.19 -8.57
C VAL A 36 -1.72 0.16 -10.09
N ALA A 37 -2.43 -0.79 -10.70
CA ALA A 37 -2.43 -0.93 -12.15
C ALA A 37 -3.52 -0.06 -12.77
N GLU A 38 -4.67 0.02 -12.10
CA GLU A 38 -5.79 0.82 -12.60
C GLU A 38 -6.68 1.28 -11.45
N VAL A 39 -7.38 2.38 -11.65
CA VAL A 39 -8.26 2.93 -10.63
C VAL A 39 -9.58 3.41 -11.25
N CYS A 40 -10.69 2.99 -10.66
CA CYS A 40 -12.01 3.38 -11.15
C CYS A 40 -13.07 3.21 -10.06
N GLY A 41 -14.24 3.79 -10.29
CA GLY A 41 -15.31 3.71 -9.32
C GLY A 41 -14.81 3.75 -7.89
N TYR A 42 -15.47 3.01 -7.00
CA TYR A 42 -15.09 2.97 -5.60
C TYR A 42 -14.21 1.74 -5.31
N ARG A 43 -13.27 1.48 -6.20
CA ARG A 43 -12.36 0.35 -6.05
C ARG A 43 -11.01 0.64 -6.69
N ILE A 44 -10.06 -0.26 -6.49
CA ILE A 44 -8.72 -0.10 -7.06
C ILE A 44 -8.13 -1.45 -7.46
N LYS A 45 -7.43 -1.47 -8.57
CA LYS A 45 -6.80 -2.70 -9.07
C LYS A 45 -5.51 -2.98 -8.31
N LEU A 46 -5.38 -4.22 -7.84
CA LEU A 46 -4.19 -4.63 -7.10
C LEU A 46 -3.37 -5.64 -7.90
N HIS A 47 -2.18 -5.23 -8.32
CA HIS A 47 -1.30 -6.10 -9.10
C HIS A 47 -0.05 -6.45 -8.30
N PHE A 48 0.18 -7.75 -8.12
CA PHE A 48 1.35 -8.22 -7.37
C PHE A 48 2.64 -7.88 -8.11
N ASP A 49 3.62 -7.37 -7.37
CA ASP A 49 4.90 -7.00 -7.94
C ASP A 49 5.72 -8.24 -8.27
N GLY A 50 5.66 -8.67 -9.53
CA GLY A 50 6.40 -9.84 -9.96
C GLY A 50 5.50 -10.90 -10.56
N TYR A 51 4.51 -11.34 -9.79
CA TYR A 51 3.58 -12.38 -10.25
C TYR A 51 2.95 -11.98 -11.59
N SER A 52 2.02 -12.79 -12.05
CA SER A 52 1.33 -12.54 -13.32
C SER A 52 0.10 -11.67 -13.10
N ASP A 53 -0.30 -10.94 -14.14
CA ASP A 53 -1.46 -10.07 -14.06
C ASP A 53 -2.72 -10.87 -13.74
N CYS A 54 -2.84 -12.03 -14.38
CA CYS A 54 -4.00 -12.89 -14.16
C CYS A 54 -4.38 -12.93 -12.68
N TYR A 55 -3.38 -12.84 -11.82
CA TYR A 55 -3.62 -12.86 -10.38
C TYR A 55 -3.94 -11.46 -9.86
N ASP A 56 -4.66 -10.70 -10.65
CA ASP A 56 -5.04 -9.33 -10.26
C ASP A 56 -6.43 -9.31 -9.63
N PHE A 57 -6.56 -8.58 -8.54
CA PHE A 57 -7.84 -8.48 -7.84
C PHE A 57 -8.10 -7.04 -7.40
N TRP A 58 -9.37 -6.71 -7.23
CA TRP A 58 -9.77 -5.37 -6.82
C TRP A 58 -10.21 -5.35 -5.36
N VAL A 59 -9.76 -4.35 -4.61
CA VAL A 59 -10.11 -4.23 -3.20
C VAL A 59 -10.83 -2.92 -2.93
N ASN A 60 -11.29 -2.74 -1.70
CA ASN A 60 -12.00 -1.53 -1.31
C ASN A 60 -11.07 -0.33 -1.31
N ALA A 61 -11.38 0.65 -2.15
CA ALA A 61 -10.58 1.87 -2.25
C ALA A 61 -10.08 2.30 -0.87
N ASP A 62 -10.94 2.17 0.14
CA ASP A 62 -10.58 2.55 1.50
C ASP A 62 -10.59 1.34 2.42
N ALA A 63 -9.94 0.26 1.98
CA ALA A 63 -9.86 -0.96 2.77
C ALA A 63 -8.82 -0.84 3.87
N LEU A 64 -9.04 -1.57 4.96
CA LEU A 64 -8.12 -1.54 6.09
C LEU A 64 -6.89 -2.41 5.81
N ASP A 65 -7.12 -3.55 5.15
CA ASP A 65 -6.03 -4.46 4.82
C ASP A 65 -4.87 -3.72 4.15
N ILE A 66 -5.20 -2.90 3.16
CA ILE A 66 -4.20 -2.13 2.45
C ILE A 66 -3.54 -1.09 3.34
N HIS A 67 -2.23 -0.91 3.17
CA HIS A 67 -1.49 0.07 3.97
C HIS A 67 -0.46 0.80 3.11
N PRO A 68 -0.26 2.09 3.41
CA PRO A 68 0.69 2.94 2.68
C PRO A 68 2.14 2.55 2.96
N VAL A 69 2.98 2.67 1.94
CA VAL A 69 4.40 2.33 2.08
C VAL A 69 4.95 2.83 3.40
N GLY A 70 5.82 2.03 4.02
CA GLY A 70 6.41 2.40 5.28
C GLY A 70 5.66 1.82 6.47
N TRP A 71 4.33 1.76 6.36
CA TRP A 71 3.50 1.22 7.43
C TRP A 71 4.19 0.04 8.11
N CYS A 72 4.48 -0.99 7.33
CA CYS A 72 5.15 -2.18 7.86
C CYS A 72 6.15 -1.81 8.94
N GLU A 73 6.89 -0.73 8.71
CA GLU A 73 7.89 -0.28 9.68
C GLU A 73 7.25 0.56 10.77
N LYS A 74 6.36 1.46 10.37
CA LYS A 74 5.67 2.33 11.31
C LYS A 74 5.13 1.53 12.50
N THR A 75 4.39 0.46 12.19
CA THR A 75 3.81 -0.39 13.23
C THR A 75 4.82 -1.43 13.71
N GLY A 76 5.40 -2.16 12.76
CA GLY A 76 6.37 -3.17 13.11
C GLY A 76 5.94 -4.56 12.67
N HIS A 77 5.46 -4.67 11.44
CA HIS A 77 5.00 -5.95 10.90
C HIS A 77 6.07 -6.56 9.99
N LYS A 78 5.84 -7.80 9.57
CA LYS A 78 6.77 -8.51 8.70
C LYS A 78 6.25 -8.53 7.27
N LEU A 79 6.71 -7.58 6.46
CA LEU A 79 6.31 -7.50 5.07
C LEU A 79 6.83 -8.70 4.27
N HIS A 80 6.03 -9.15 3.30
CA HIS A 80 6.42 -10.28 2.46
C HIS A 80 6.89 -9.81 1.09
N PRO A 81 8.12 -10.20 0.71
CA PRO A 81 8.71 -9.83 -0.57
C PRO A 81 8.02 -10.52 -1.75
N PRO A 82 8.17 -9.94 -2.94
CA PRO A 82 7.58 -10.48 -4.17
C PRO A 82 8.24 -11.78 -4.60
N LYS A 83 7.92 -12.24 -5.81
CA LYS A 83 8.49 -13.47 -6.36
C LYS A 83 10.00 -13.34 -6.52
N GLY A 84 10.72 -14.34 -6.04
CA GLY A 84 12.17 -14.33 -6.14
C GLY A 84 12.79 -13.16 -5.39
N TYR A 85 12.25 -12.86 -4.21
CA TYR A 85 12.76 -11.76 -3.40
C TYR A 85 12.67 -12.10 -1.91
N LYS A 86 13.78 -11.89 -1.20
CA LYS A 86 13.83 -12.17 0.23
C LYS A 86 13.60 -10.90 1.04
N GLU A 87 13.11 -11.06 2.26
CA GLU A 87 12.85 -9.93 3.14
C GLU A 87 14.11 -9.11 3.36
N GLU A 88 15.20 -9.79 3.70
CA GLU A 88 16.48 -9.12 3.95
C GLU A 88 17.08 -8.60 2.65
N GLU A 89 16.69 -9.22 1.54
CA GLU A 89 17.18 -8.82 0.22
C GLU A 89 16.16 -7.96 -0.51
N PHE A 90 15.47 -7.10 0.23
CA PHE A 90 14.46 -6.22 -0.35
C PHE A 90 14.12 -5.09 0.60
N ASN A 91 14.14 -3.86 0.08
CA ASN A 91 13.83 -2.68 0.88
C ASN A 91 13.05 -1.65 0.07
N TRP A 92 12.01 -1.11 0.67
CA TRP A 92 11.18 -0.11 0.00
C TRP A 92 12.03 1.01 -0.58
N GLN A 93 12.60 1.82 0.31
CA GLN A 93 13.45 2.94 -0.11
C GLN A 93 14.45 2.50 -1.17
N THR A 94 15.04 1.33 -0.96
CA THR A 94 16.02 0.79 -1.89
C THR A 94 15.38 0.47 -3.25
N TYR A 95 14.14 0.00 -3.20
CA TYR A 95 13.41 -0.34 -4.43
C TYR A 95 12.83 0.91 -5.08
N LEU A 96 12.64 1.95 -4.28
CA LEU A 96 12.08 3.20 -4.78
C LEU A 96 13.19 4.13 -5.28
N LYS A 97 14.42 3.84 -4.87
CA LYS A 97 15.57 4.65 -5.27
C LYS A 97 16.12 4.16 -6.61
N THR A 98 16.11 2.85 -6.81
CA THR A 98 16.61 2.25 -8.04
C THR A 98 15.68 2.53 -9.21
N CYS A 99 14.37 2.55 -8.93
CA CYS A 99 13.37 2.81 -9.96
C CYS A 99 12.98 4.29 -9.98
N LYS A 100 13.28 4.99 -8.89
CA LYS A 100 12.96 6.41 -8.78
C LYS A 100 11.45 6.62 -8.75
N ALA A 101 10.74 5.73 -8.07
CA ALA A 101 9.30 5.82 -7.97
C ALA A 101 8.88 6.49 -6.66
N GLN A 102 7.64 6.98 -6.62
CA GLN A 102 7.13 7.65 -5.43
C GLN A 102 6.04 6.81 -4.77
N ALA A 103 6.19 6.57 -3.47
CA ALA A 103 5.22 5.79 -2.71
C ALA A 103 3.88 6.50 -2.64
N ALA A 104 2.81 5.73 -2.44
CA ALA A 104 1.47 6.29 -2.34
C ALA A 104 1.33 7.16 -1.10
N PRO A 105 0.55 8.24 -1.24
CA PRO A 105 0.30 9.18 -0.14
C PRO A 105 -0.55 8.58 0.96
N LYS A 106 -0.42 9.12 2.17
CA LYS A 106 -1.18 8.63 3.32
C LYS A 106 -2.63 9.10 3.26
N SER A 107 -2.85 10.27 2.66
CA SER A 107 -4.18 10.84 2.53
C SER A 107 -5.16 9.79 2.02
N LEU A 108 -4.67 8.89 1.17
CA LEU A 108 -5.50 7.84 0.60
C LEU A 108 -6.10 6.97 1.70
N PHE A 109 -5.30 6.65 2.71
CA PHE A 109 -5.74 5.82 3.82
C PHE A 109 -6.06 6.68 5.04
N GLU A 110 -6.80 7.77 4.81
CA GLU A 110 -7.17 8.69 5.90
C GLU A 110 -8.55 8.35 6.44
N ASN A 111 -8.89 7.06 6.42
CA ASN A 111 -10.19 6.61 6.91
C ASN A 111 -10.07 6.02 8.31
N GLN A 112 -9.01 5.26 8.54
CA GLN A 112 -8.78 4.64 9.84
C GLN A 112 -8.83 5.68 10.96
N ASN A 113 -8.77 5.21 12.20
CA ASN A 113 -8.82 6.10 13.35
C ASN A 113 -7.51 6.88 13.50
N ILE A 114 -7.62 8.09 14.03
CA ILE A 114 -6.45 8.94 14.23
C ILE A 114 -5.57 8.41 15.36
N THR A 115 -4.26 8.41 15.14
CA THR A 115 -3.31 7.94 16.14
C THR A 115 -3.30 8.86 17.36
N VAL A 116 -3.74 8.35 18.50
CA VAL A 116 -3.77 9.12 19.73
C VAL A 116 -3.34 8.27 20.93
N ILE A 117 -2.78 8.92 21.94
CA ILE A 117 -2.32 8.23 23.14
C ILE A 117 -3.50 7.91 24.06
N PRO A 118 -3.44 6.76 24.73
CA PRO A 118 -4.49 6.31 25.65
C PRO A 118 -4.52 7.15 26.92
N SER A 119 -3.36 7.31 27.56
CA SER A 119 -3.26 8.08 28.79
C SER A 119 -1.81 8.22 29.24
N GLY A 120 -1.51 9.31 29.92
CA GLY A 120 -0.15 9.53 30.39
C GLY A 120 0.65 10.40 29.45
N PHE A 121 1.93 10.58 29.76
CA PHE A 121 2.81 11.40 28.93
C PHE A 121 3.90 10.55 28.28
N SER A 122 4.71 11.16 27.44
CA SER A 122 5.79 10.46 26.75
C SER A 122 7.15 10.99 27.19
N GLY A 123 7.99 10.09 27.69
CA GLY A 123 9.31 10.47 28.15
C GLY A 123 10.14 9.28 28.58
N PRO A 124 11.46 9.37 28.35
CA PRO A 124 12.40 8.30 28.71
C PRO A 124 12.58 8.17 30.22
N SER A 125 11.79 7.29 30.83
CA SER A 125 11.85 7.08 32.28
C SER A 125 13.14 6.35 32.65
N SER A 126 14.20 7.11 32.87
CA SER A 126 15.50 6.53 33.24
C SER A 126 15.86 6.90 34.68
N GLY A 127 16.54 5.97 35.36
CA GLY A 127 16.93 6.21 36.73
C GLY A 127 16.11 5.40 37.72
N GLY A 1 1.84 20.97 -6.57
CA GLY A 1 0.61 20.21 -6.60
C GLY A 1 0.74 18.92 -7.39
N SER A 2 0.40 17.80 -6.76
CA SER A 2 0.49 16.50 -7.40
C SER A 2 -0.63 16.33 -8.43
N SER A 3 -1.85 16.61 -8.01
CA SER A 3 -3.01 16.47 -8.89
C SER A 3 -3.54 17.84 -9.31
N GLY A 4 -4.41 17.86 -10.31
CA GLY A 4 -4.97 19.11 -10.80
C GLY A 4 -5.93 18.91 -11.96
N SER A 5 -7.02 18.19 -11.71
CA SER A 5 -8.00 17.93 -12.74
C SER A 5 -9.39 17.75 -12.12
N SER A 6 -10.43 18.12 -12.87
CA SER A 6 -11.79 18.01 -12.40
C SER A 6 -12.63 17.18 -13.37
N GLY A 7 -13.44 16.27 -12.83
CA GLY A 7 -14.27 15.43 -13.66
C GLY A 7 -14.74 14.18 -12.94
N PRO A 8 -13.92 13.12 -13.01
CA PRO A 8 -14.24 11.83 -12.37
C PRO A 8 -14.16 11.92 -10.85
N TYR A 9 -15.31 12.07 -10.21
CA TYR A 9 -15.36 12.16 -8.75
C TYR A 9 -15.32 10.78 -8.11
N ASN A 10 -16.08 9.85 -8.69
CA ASN A 10 -16.13 8.48 -8.18
C ASN A 10 -14.77 8.06 -7.63
N LYS A 11 -13.74 8.15 -8.48
CA LYS A 11 -12.39 7.78 -8.08
C LYS A 11 -12.14 8.11 -6.60
N ASN A 12 -11.39 7.25 -5.93
CA ASN A 12 -11.08 7.45 -4.52
C ASN A 12 -9.92 8.42 -4.36
N GLY A 13 -8.92 8.30 -5.23
CA GLY A 13 -7.77 9.17 -5.15
C GLY A 13 -6.48 8.46 -5.56
N PHE A 14 -6.55 7.15 -5.69
CA PHE A 14 -5.39 6.36 -6.07
C PHE A 14 -4.98 6.65 -7.52
N LYS A 15 -3.75 6.28 -7.86
CA LYS A 15 -3.23 6.50 -9.21
C LYS A 15 -2.36 5.34 -9.66
N VAL A 16 -2.13 5.24 -10.96
CA VAL A 16 -1.30 4.17 -11.52
C VAL A 16 0.18 4.53 -11.43
N GLY A 17 0.91 3.78 -10.61
CA GLY A 17 2.34 4.03 -10.46
C GLY A 17 2.78 4.00 -9.01
N MET A 18 1.86 4.32 -8.11
CA MET A 18 2.15 4.34 -6.68
C MET A 18 2.13 2.91 -6.12
N LYS A 19 3.08 2.63 -5.23
CA LYS A 19 3.17 1.31 -4.61
C LYS A 19 2.56 1.32 -3.21
N LEU A 20 1.78 0.29 -2.91
CA LEU A 20 1.14 0.18 -1.61
C LEU A 20 1.06 -1.27 -1.16
N GLU A 21 0.90 -1.47 0.15
CA GLU A 21 0.82 -2.82 0.71
C GLU A 21 -0.63 -3.20 1.00
N GLY A 22 -0.89 -4.49 1.17
CA GLY A 22 -2.22 -4.96 1.45
C GLY A 22 -2.29 -6.46 1.65
N VAL A 23 -3.45 -6.96 2.04
CA VAL A 23 -3.64 -8.39 2.27
C VAL A 23 -4.02 -9.11 0.98
N ASP A 24 -3.65 -10.39 0.89
CA ASP A 24 -3.95 -11.19 -0.28
C ASP A 24 -5.26 -11.95 -0.10
N PRO A 25 -6.07 -12.01 -1.18
CA PRO A 25 -7.36 -12.70 -1.16
C PRO A 25 -7.21 -14.21 -1.06
N GLU A 26 -5.96 -14.67 -1.04
CA GLU A 26 -5.69 -16.11 -0.95
C GLU A 26 -5.42 -16.51 0.50
N HIS A 27 -4.84 -15.60 1.27
CA HIS A 27 -4.54 -15.86 2.67
C HIS A 27 -4.60 -14.58 3.50
N GLN A 28 -5.46 -14.58 4.51
CA GLN A 28 -5.62 -13.42 5.37
C GLN A 28 -4.44 -13.27 6.32
N SER A 29 -4.20 -12.05 6.79
CA SER A 29 -3.08 -11.78 7.70
C SER A 29 -1.76 -11.85 6.96
N VAL A 30 -1.79 -11.61 5.66
CA VAL A 30 -0.58 -11.64 4.84
C VAL A 30 -0.39 -10.33 4.08
N TYR A 31 0.36 -9.41 4.67
CA TYR A 31 0.61 -8.12 4.05
C TYR A 31 1.72 -8.23 3.00
N CYS A 32 1.37 -7.97 1.75
CA CYS A 32 2.34 -8.04 0.66
C CYS A 32 2.38 -6.73 -0.11
N VAL A 33 3.49 -6.48 -0.81
CA VAL A 33 3.65 -5.27 -1.59
C VAL A 33 2.88 -5.34 -2.89
N LEU A 34 2.19 -4.25 -3.24
CA LEU A 34 1.41 -4.20 -4.46
C LEU A 34 1.59 -2.86 -5.17
N THR A 35 1.18 -2.80 -6.43
CA THR A 35 1.30 -1.57 -7.21
C THR A 35 0.01 -1.28 -7.97
N VAL A 36 -0.41 -0.01 -7.95
CA VAL A 36 -1.62 0.39 -8.64
C VAL A 36 -1.52 0.14 -10.14
N ALA A 37 -2.29 -0.82 -10.63
CA ALA A 37 -2.28 -1.17 -12.04
C ALA A 37 -3.37 -0.40 -12.79
N GLU A 38 -4.49 -0.15 -12.11
CA GLU A 38 -5.60 0.57 -12.71
C GLU A 38 -6.57 1.07 -11.64
N VAL A 39 -7.20 2.20 -11.92
CA VAL A 39 -8.16 2.79 -10.98
C VAL A 39 -9.49 3.09 -11.67
N CYS A 40 -10.58 2.70 -11.02
CA CYS A 40 -11.91 2.93 -11.56
C CYS A 40 -12.99 2.65 -10.51
N GLY A 41 -14.19 3.16 -10.75
CA GLY A 41 -15.28 2.95 -9.81
C GLY A 41 -14.83 3.03 -8.37
N TYR A 42 -15.59 2.40 -7.48
CA TYR A 42 -15.26 2.40 -6.05
C TYR A 42 -14.29 1.28 -5.71
N ARG A 43 -13.37 1.00 -6.62
CA ARG A 43 -12.38 -0.06 -6.42
C ARG A 43 -11.07 0.27 -7.12
N ILE A 44 -10.00 -0.41 -6.72
CA ILE A 44 -8.69 -0.19 -7.31
C ILE A 44 -8.00 -1.51 -7.63
N LYS A 45 -7.28 -1.54 -8.75
CA LYS A 45 -6.55 -2.74 -9.16
C LYS A 45 -5.25 -2.89 -8.40
N LEU A 46 -5.00 -4.08 -7.86
CA LEU A 46 -3.78 -4.34 -7.11
C LEU A 46 -2.91 -5.37 -7.83
N HIS A 47 -1.68 -4.97 -8.14
CA HIS A 47 -0.74 -5.85 -8.82
C HIS A 47 0.35 -6.34 -7.87
N PHE A 48 0.75 -7.60 -8.03
CA PHE A 48 1.78 -8.19 -7.19
C PHE A 48 3.15 -8.12 -7.87
N ASP A 49 4.07 -7.38 -7.26
CA ASP A 49 5.41 -7.23 -7.80
C ASP A 49 6.03 -8.59 -8.10
N GLY A 50 6.60 -8.73 -9.29
CA GLY A 50 7.21 -9.99 -9.68
C GLY A 50 6.19 -11.02 -10.12
N TYR A 51 5.18 -11.25 -9.30
CA TYR A 51 4.14 -12.22 -9.62
C TYR A 51 3.42 -11.84 -10.90
N SER A 52 2.79 -12.82 -11.53
CA SER A 52 2.05 -12.59 -12.77
C SER A 52 0.87 -11.66 -12.54
N ASP A 53 0.55 -10.86 -13.54
CA ASP A 53 -0.56 -9.92 -13.44
C ASP A 53 -1.88 -10.59 -13.84
N CYS A 54 -1.96 -11.89 -13.62
CA CYS A 54 -3.16 -12.64 -13.96
C CYS A 54 -4.05 -12.84 -12.72
N TYR A 55 -3.43 -12.81 -11.54
CA TYR A 55 -4.17 -12.98 -10.29
C TYR A 55 -4.47 -11.63 -9.66
N ASP A 56 -4.70 -10.63 -10.49
CA ASP A 56 -5.01 -9.29 -10.01
C ASP A 56 -6.36 -9.27 -9.32
N PHE A 57 -6.42 -8.62 -8.15
CA PHE A 57 -7.65 -8.51 -7.38
C PHE A 57 -7.94 -7.06 -6.99
N TRP A 58 -9.19 -6.65 -7.15
CA TRP A 58 -9.60 -5.30 -6.82
C TRP A 58 -10.10 -5.22 -5.38
N VAL A 59 -9.50 -4.34 -4.59
CA VAL A 59 -9.90 -4.16 -3.20
C VAL A 59 -10.73 -2.89 -3.02
N ASN A 60 -11.28 -2.72 -1.82
CA ASN A 60 -12.10 -1.56 -1.53
C ASN A 60 -11.24 -0.30 -1.44
N ALA A 61 -11.52 0.67 -2.30
CA ALA A 61 -10.78 1.93 -2.32
C ALA A 61 -10.45 2.39 -0.90
N ASP A 62 -11.38 2.18 0.01
CA ASP A 62 -11.18 2.58 1.40
C ASP A 62 -11.08 1.35 2.31
N ALA A 63 -10.31 0.36 1.87
CA ALA A 63 -10.13 -0.87 2.63
C ALA A 63 -9.22 -0.62 3.84
N LEU A 64 -9.19 -1.60 4.74
CA LEU A 64 -8.37 -1.49 5.95
C LEU A 64 -7.09 -2.32 5.81
N ASP A 65 -7.21 -3.47 5.17
CA ASP A 65 -6.06 -4.36 4.97
C ASP A 65 -4.92 -3.62 4.28
N ILE A 66 -5.26 -2.77 3.30
CA ILE A 66 -4.27 -2.00 2.58
C ILE A 66 -3.58 -0.99 3.49
N HIS A 67 -2.30 -0.73 3.23
CA HIS A 67 -1.53 0.22 4.03
C HIS A 67 -0.51 0.95 3.16
N PRO A 68 -0.17 2.19 3.55
CA PRO A 68 0.80 3.01 2.83
C PRO A 68 2.22 2.48 2.96
N VAL A 69 3.07 2.82 2.00
CA VAL A 69 4.46 2.38 2.01
C VAL A 69 5.10 2.64 3.36
N GLY A 70 5.93 1.70 3.81
CA GLY A 70 6.60 1.86 5.09
C GLY A 70 5.65 1.75 6.26
N TRP A 71 4.69 0.83 6.15
CA TRP A 71 3.71 0.63 7.21
C TRP A 71 4.11 -0.52 8.11
N CYS A 72 4.62 -1.59 7.51
CA CYS A 72 5.04 -2.77 8.26
C CYS A 72 6.04 -2.39 9.35
N GLU A 73 7.19 -1.84 8.94
CA GLU A 73 8.22 -1.44 9.89
C GLU A 73 7.67 -0.44 10.90
N LYS A 74 6.75 0.41 10.44
CA LYS A 74 6.15 1.42 11.30
C LYS A 74 5.52 0.78 12.53
N THR A 75 4.57 -0.13 12.31
CA THR A 75 3.89 -0.82 13.40
C THR A 75 4.77 -1.91 13.99
N GLY A 76 5.05 -2.93 13.19
CA GLY A 76 5.89 -4.03 13.66
C GLY A 76 5.36 -5.39 13.24
N HIS A 77 5.30 -5.62 11.93
CA HIS A 77 4.80 -6.87 11.40
C HIS A 77 5.85 -7.52 10.49
N LYS A 78 5.47 -8.64 9.86
CA LYS A 78 6.36 -9.35 8.96
C LYS A 78 5.88 -9.24 7.52
N LEU A 79 6.40 -8.25 6.80
CA LEU A 79 6.03 -8.05 5.40
C LEU A 79 6.53 -9.19 4.52
N HIS A 80 5.71 -9.57 3.54
CA HIS A 80 6.07 -10.66 2.63
C HIS A 80 6.52 -10.10 1.28
N PRO A 81 7.79 -10.35 0.93
CA PRO A 81 8.37 -9.88 -0.33
C PRO A 81 7.80 -10.62 -1.54
N PRO A 82 8.02 -10.06 -2.74
CA PRO A 82 7.53 -10.65 -3.98
C PRO A 82 8.26 -11.95 -4.34
N LYS A 83 8.13 -12.37 -5.59
CA LYS A 83 8.78 -13.59 -6.06
C LYS A 83 10.30 -13.44 -6.04
N GLY A 84 10.97 -14.34 -5.35
CA GLY A 84 12.42 -14.29 -5.27
C GLY A 84 12.93 -13.02 -4.62
N TYR A 85 12.33 -12.65 -3.49
CA TYR A 85 12.72 -11.44 -2.79
C TYR A 85 12.62 -11.63 -1.28
N LYS A 86 13.53 -11.01 -0.54
CA LYS A 86 13.53 -11.10 0.91
C LYS A 86 13.21 -9.75 1.55
N GLU A 87 12.87 -9.78 2.84
CA GLU A 87 12.53 -8.56 3.56
C GLU A 87 13.79 -7.72 3.80
N GLU A 88 14.83 -8.35 4.34
CA GLU A 88 16.07 -7.64 4.62
C GLU A 88 16.70 -7.11 3.33
N GLU A 89 16.65 -7.92 2.28
CA GLU A 89 17.21 -7.52 0.99
C GLU A 89 16.34 -6.46 0.32
N PHE A 90 15.09 -6.81 0.04
CA PHE A 90 14.17 -5.89 -0.60
C PHE A 90 13.89 -4.67 0.29
N ASN A 91 14.59 -3.58 0.02
CA ASN A 91 14.43 -2.35 0.80
C ASN A 91 13.60 -1.33 0.03
N TRP A 92 12.43 -1.00 0.58
CA TRP A 92 11.54 -0.03 -0.05
C TRP A 92 12.34 1.08 -0.71
N GLN A 93 12.99 1.92 0.10
CA GLN A 93 13.78 3.03 -0.40
C GLN A 93 14.67 2.58 -1.55
N THR A 94 15.32 1.43 -1.37
CA THR A 94 16.22 0.89 -2.39
C THR A 94 15.45 0.56 -3.67
N TYR A 95 14.22 0.09 -3.51
CA TYR A 95 13.38 -0.26 -4.65
C TYR A 95 12.73 0.98 -5.26
N LEU A 96 12.60 2.02 -4.45
CA LEU A 96 11.99 3.27 -4.91
C LEU A 96 13.04 4.19 -5.52
N LYS A 97 14.30 3.86 -5.31
CA LYS A 97 15.39 4.65 -5.85
C LYS A 97 15.84 4.12 -7.21
N THR A 98 15.77 2.80 -7.37
CA THR A 98 16.16 2.17 -8.62
C THR A 98 15.11 2.38 -9.71
N CYS A 99 13.86 2.48 -9.28
CA CYS A 99 12.75 2.69 -10.22
C CYS A 99 12.35 4.16 -10.28
N LYS A 100 12.85 4.94 -9.31
CA LYS A 100 12.55 6.37 -9.25
C LYS A 100 11.05 6.60 -9.08
N ALA A 101 10.39 5.69 -8.38
CA ALA A 101 8.96 5.80 -8.14
C ALA A 101 8.68 6.42 -6.78
N GLN A 102 7.47 6.95 -6.62
CA GLN A 102 7.07 7.58 -5.37
C GLN A 102 6.07 6.71 -4.61
N ALA A 103 6.26 6.59 -3.30
CA ALA A 103 5.38 5.79 -2.47
C ALA A 103 4.01 6.46 -2.31
N ALA A 104 2.97 5.64 -2.21
CA ALA A 104 1.61 6.15 -2.06
C ALA A 104 1.48 7.00 -0.80
N PRO A 105 0.67 8.06 -0.89
CA PRO A 105 0.44 8.98 0.22
C PRO A 105 -0.36 8.34 1.35
N LYS A 106 -0.20 8.86 2.56
CA LYS A 106 -0.92 8.34 3.72
C LYS A 106 -2.36 8.82 3.72
N SER A 107 -2.60 10.00 3.18
CA SER A 107 -3.94 10.57 3.12
C SER A 107 -4.94 9.54 2.59
N LEU A 108 -4.53 8.77 1.59
CA LEU A 108 -5.39 7.75 0.99
C LEU A 108 -5.97 6.85 2.07
N PHE A 109 -5.20 6.62 3.13
CA PHE A 109 -5.64 5.77 4.23
C PHE A 109 -6.12 6.61 5.41
N GLU A 110 -7.03 7.54 5.14
CA GLU A 110 -7.57 8.41 6.18
C GLU A 110 -8.87 7.85 6.73
N ASN A 111 -8.92 6.54 6.92
CA ASN A 111 -10.11 5.88 7.44
C ASN A 111 -9.80 5.16 8.75
N GLN A 112 -8.66 4.48 8.79
CA GLN A 112 -8.25 3.75 9.98
C GLN A 112 -8.05 4.69 11.16
N ASN A 113 -8.40 4.22 12.35
CA ASN A 113 -8.27 5.03 13.56
C ASN A 113 -6.93 5.76 13.58
N ILE A 114 -6.97 7.04 13.94
CA ILE A 114 -5.77 7.85 14.00
C ILE A 114 -4.68 7.16 14.81
N THR A 115 -3.43 7.32 14.37
CA THR A 115 -2.29 6.71 15.05
C THR A 115 -1.24 7.75 15.40
N VAL A 116 -1.21 8.16 16.66
CA VAL A 116 -0.25 9.15 17.13
C VAL A 116 0.28 8.79 18.52
N ILE A 117 1.57 9.00 18.72
CA ILE A 117 2.19 8.71 20.01
C ILE A 117 1.46 9.40 21.15
N PRO A 118 1.46 8.75 22.33
CA PRO A 118 0.79 9.29 23.52
C PRO A 118 1.51 10.51 24.08
N SER A 119 0.75 11.57 24.36
CA SER A 119 1.31 12.80 24.89
C SER A 119 0.27 13.57 25.70
N GLY A 120 0.73 14.52 26.50
CA GLY A 120 -0.18 15.32 27.31
C GLY A 120 0.07 16.80 27.16
N PHE A 121 -0.67 17.44 26.26
CA PHE A 121 -0.52 18.87 26.02
C PHE A 121 -1.43 19.67 26.95
N SER A 122 -0.88 20.72 27.55
CA SER A 122 -1.63 21.57 28.47
C SER A 122 -2.43 22.60 27.71
N GLY A 123 -1.75 23.40 26.88
CA GLY A 123 -2.41 24.42 26.10
C GLY A 123 -1.98 25.82 26.50
N PRO A 124 -1.93 26.73 25.52
CA PRO A 124 -1.53 28.13 25.75
C PRO A 124 -2.57 28.90 26.54
N SER A 125 -2.11 29.89 27.29
CA SER A 125 -3.00 30.70 28.11
C SER A 125 -3.01 32.16 27.62
N SER A 126 -2.38 32.39 26.48
CA SER A 126 -2.32 33.72 25.89
C SER A 126 -1.89 33.67 24.43
N GLY A 127 -2.44 34.56 23.63
CA GLY A 127 -2.10 34.59 22.21
C GLY A 127 -1.29 35.82 21.84
N GLY A 1 -11.89 11.28 -29.87
CA GLY A 1 -10.65 10.53 -29.78
C GLY A 1 -10.85 9.12 -29.28
N SER A 2 -10.15 8.77 -28.20
CA SER A 2 -10.26 7.43 -27.63
C SER A 2 -11.25 7.42 -26.47
N SER A 3 -12.45 6.89 -26.73
CA SER A 3 -13.48 6.83 -25.70
C SER A 3 -13.33 5.57 -24.84
N GLY A 4 -12.75 5.75 -23.66
CA GLY A 4 -12.54 4.62 -22.77
C GLY A 4 -13.14 4.87 -21.39
N SER A 5 -14.43 4.57 -21.24
CA SER A 5 -15.11 4.76 -19.97
C SER A 5 -16.10 3.63 -19.71
N SER A 6 -16.18 3.20 -18.46
CA SER A 6 -17.08 2.11 -18.08
C SER A 6 -17.89 2.49 -16.84
N GLY A 7 -19.21 2.30 -16.93
CA GLY A 7 -20.08 2.62 -15.81
C GLY A 7 -19.69 3.92 -15.14
N PRO A 8 -20.22 4.15 -13.92
CA PRO A 8 -19.94 5.37 -13.16
C PRO A 8 -18.50 5.42 -12.65
N TYR A 9 -18.06 6.62 -12.29
CA TYR A 9 -16.70 6.80 -11.78
C TYR A 9 -16.72 7.40 -10.38
N ASN A 10 -16.08 6.70 -9.44
CA ASN A 10 -16.02 7.16 -8.05
C ASN A 10 -14.57 7.25 -7.58
N LYS A 11 -13.70 7.77 -8.45
CA LYS A 11 -12.29 7.91 -8.11
C LYS A 11 -12.12 8.31 -6.65
N ASN A 12 -11.37 7.50 -5.91
CA ASN A 12 -11.13 7.76 -4.49
C ASN A 12 -9.89 8.64 -4.31
N GLY A 13 -8.93 8.50 -5.21
CA GLY A 13 -7.71 9.30 -5.13
C GLY A 13 -6.49 8.52 -5.56
N PHE A 14 -6.57 7.20 -5.51
CA PHE A 14 -5.45 6.35 -5.89
C PHE A 14 -5.13 6.50 -7.36
N LYS A 15 -3.85 6.46 -7.70
CA LYS A 15 -3.40 6.60 -9.08
C LYS A 15 -2.49 5.43 -9.47
N VAL A 16 -2.34 5.23 -10.78
CA VAL A 16 -1.50 4.16 -11.30
C VAL A 16 -0.03 4.55 -11.29
N GLY A 17 0.77 3.80 -10.55
CA GLY A 17 2.19 4.09 -10.47
C GLY A 17 2.70 4.12 -9.05
N MET A 18 1.78 4.15 -8.09
CA MET A 18 2.13 4.19 -6.67
C MET A 18 2.14 2.79 -6.07
N LYS A 19 3.12 2.51 -5.23
CA LYS A 19 3.23 1.21 -4.57
C LYS A 19 2.68 1.26 -3.15
N LEU A 20 2.21 0.13 -2.66
CA LEU A 20 1.66 0.04 -1.31
C LEU A 20 1.61 -1.41 -0.84
N GLU A 21 1.11 -1.61 0.38
CA GLU A 21 1.00 -2.95 0.95
C GLU A 21 -0.46 -3.33 1.18
N GLY A 22 -0.86 -4.47 0.62
CA GLY A 22 -2.23 -4.92 0.78
C GLY A 22 -2.32 -6.35 1.28
N VAL A 23 -3.50 -6.75 1.73
CA VAL A 23 -3.71 -8.09 2.24
C VAL A 23 -4.19 -9.03 1.14
N ASP A 24 -3.75 -10.29 1.21
CA ASP A 24 -4.13 -11.28 0.22
C ASP A 24 -5.45 -11.95 0.60
N PRO A 25 -6.26 -12.29 -0.42
CA PRO A 25 -7.56 -12.94 -0.21
C PRO A 25 -7.43 -14.37 0.30
N GLU A 26 -6.18 -14.85 0.40
CA GLU A 26 -5.92 -16.19 0.87
C GLU A 26 -5.52 -16.18 2.35
N HIS A 27 -5.11 -15.02 2.83
CA HIS A 27 -4.71 -14.87 4.22
C HIS A 27 -4.80 -13.42 4.68
N GLN A 28 -5.48 -13.18 5.79
CA GLN A 28 -5.65 -11.83 6.32
C GLN A 28 -4.48 -11.46 7.22
N SER A 29 -3.41 -12.25 7.16
CA SER A 29 -2.23 -12.01 7.98
C SER A 29 -0.97 -11.97 7.11
N VAL A 30 -1.18 -11.90 5.80
CA VAL A 30 -0.05 -11.86 4.86
C VAL A 30 -0.07 -10.57 4.04
N TYR A 31 0.73 -9.60 4.46
CA TYR A 31 0.81 -8.32 3.77
C TYR A 31 1.87 -8.36 2.68
N CYS A 32 1.42 -8.32 1.43
CA CYS A 32 2.33 -8.35 0.29
C CYS A 32 2.40 -6.99 -0.38
N VAL A 33 3.50 -6.74 -1.11
CA VAL A 33 3.69 -5.48 -1.80
C VAL A 33 2.95 -5.46 -3.13
N LEU A 34 2.12 -4.44 -3.32
CA LEU A 34 1.34 -4.30 -4.56
C LEU A 34 1.58 -2.94 -5.20
N THR A 35 1.16 -2.80 -6.45
CA THR A 35 1.32 -1.54 -7.18
C THR A 35 0.07 -1.22 -7.99
N VAL A 36 -0.47 -0.03 -7.77
CA VAL A 36 -1.68 0.41 -8.48
C VAL A 36 -1.49 0.29 -9.99
N ALA A 37 -2.18 -0.67 -10.59
CA ALA A 37 -2.09 -0.89 -12.02
C ALA A 37 -3.27 -0.24 -12.75
N GLU A 38 -4.42 -0.23 -12.10
CA GLU A 38 -5.62 0.36 -12.69
C GLU A 38 -6.54 0.90 -11.59
N VAL A 39 -7.40 1.84 -11.98
CA VAL A 39 -8.34 2.44 -11.03
C VAL A 39 -9.65 2.81 -11.72
N CYS A 40 -10.76 2.39 -11.13
CA CYS A 40 -12.08 2.66 -11.69
C CYS A 40 -13.17 2.48 -10.63
N GLY A 41 -14.22 3.29 -10.72
CA GLY A 41 -15.31 3.20 -9.76
C GLY A 41 -14.83 3.32 -8.33
N TYR A 42 -15.52 2.63 -7.43
CA TYR A 42 -15.16 2.66 -6.02
C TYR A 42 -14.21 1.51 -5.67
N ARG A 43 -13.47 1.05 -6.66
CA ARG A 43 -12.52 -0.04 -6.46
C ARG A 43 -11.25 0.19 -7.27
N ILE A 44 -10.12 -0.23 -6.72
CA ILE A 44 -8.83 -0.07 -7.39
C ILE A 44 -8.19 -1.42 -7.68
N LYS A 45 -7.53 -1.53 -8.83
CA LYS A 45 -6.87 -2.76 -9.22
C LYS A 45 -5.59 -2.97 -8.41
N LEU A 46 -5.40 -4.18 -7.91
CA LEU A 46 -4.21 -4.51 -7.13
C LEU A 46 -3.33 -5.51 -7.87
N HIS A 47 -2.12 -5.08 -8.20
CA HIS A 47 -1.18 -5.94 -8.90
C HIS A 47 -0.10 -6.47 -7.96
N PHE A 48 0.38 -7.67 -8.24
CA PHE A 48 1.41 -8.29 -7.41
C PHE A 48 2.80 -8.06 -8.00
N ASP A 49 3.65 -7.38 -7.25
CA ASP A 49 5.01 -7.09 -7.70
C ASP A 49 5.73 -8.38 -8.08
N GLY A 50 5.99 -8.55 -9.38
CA GLY A 50 6.68 -9.74 -9.84
C GLY A 50 5.74 -10.73 -10.51
N TYR A 51 4.84 -11.31 -9.72
CA TYR A 51 3.88 -12.28 -10.25
C TYR A 51 3.17 -11.72 -11.49
N SER A 52 2.40 -12.58 -12.14
CA SER A 52 1.66 -12.19 -13.34
C SER A 52 0.48 -11.29 -12.98
N ASP A 53 0.02 -10.51 -13.95
CA ASP A 53 -1.10 -9.61 -13.74
C ASP A 53 -2.41 -10.39 -13.67
N CYS A 54 -2.55 -11.39 -14.53
CA CYS A 54 -3.75 -12.20 -14.58
C CYS A 54 -4.24 -12.53 -13.17
N TYR A 55 -3.32 -12.54 -12.22
CA TYR A 55 -3.65 -12.83 -10.83
C TYR A 55 -3.87 -11.55 -10.03
N ASP A 56 -4.49 -10.56 -10.67
CA ASP A 56 -4.76 -9.28 -10.03
C ASP A 56 -6.20 -9.22 -9.54
N PHE A 57 -6.40 -8.61 -8.36
CA PHE A 57 -7.72 -8.49 -7.79
C PHE A 57 -8.04 -7.04 -7.45
N TRP A 58 -9.32 -6.73 -7.31
CA TRP A 58 -9.75 -5.37 -6.99
C TRP A 58 -10.22 -5.27 -5.55
N VAL A 59 -9.65 -4.34 -4.81
CA VAL A 59 -10.01 -4.14 -3.41
C VAL A 59 -10.77 -2.84 -3.22
N ASN A 60 -11.19 -2.58 -1.97
CA ASN A 60 -11.94 -1.37 -1.66
C ASN A 60 -11.02 -0.16 -1.62
N ALA A 61 -11.33 0.84 -2.45
CA ALA A 61 -10.53 2.06 -2.51
C ALA A 61 -10.16 2.54 -1.11
N ASP A 62 -11.08 2.36 -0.16
CA ASP A 62 -10.84 2.77 1.22
C ASP A 62 -10.86 1.57 2.16
N ALA A 63 -10.11 0.53 1.79
CA ALA A 63 -10.04 -0.68 2.60
C ALA A 63 -9.11 -0.48 3.79
N LEU A 64 -9.34 -1.26 4.85
CA LEU A 64 -8.53 -1.17 6.05
C LEU A 64 -7.36 -2.15 5.99
N ASP A 65 -7.55 -3.24 5.26
CA ASP A 65 -6.51 -4.25 5.12
C ASP A 65 -5.28 -3.68 4.42
N ILE A 66 -5.51 -2.74 3.52
CA ILE A 66 -4.41 -2.10 2.78
C ILE A 66 -3.72 -1.05 3.63
N HIS A 67 -2.49 -0.71 3.26
CA HIS A 67 -1.72 0.29 3.99
C HIS A 67 -0.65 0.92 3.08
N PRO A 68 -0.27 2.16 3.40
CA PRO A 68 0.75 2.89 2.63
C PRO A 68 2.14 2.30 2.80
N VAL A 69 3.04 2.65 1.88
CA VAL A 69 4.42 2.16 1.94
C VAL A 69 5.05 2.46 3.28
N GLY A 70 5.85 1.52 3.78
CA GLY A 70 6.52 1.72 5.06
C GLY A 70 5.58 1.53 6.23
N TRP A 71 4.68 0.55 6.13
CA TRP A 71 3.72 0.28 7.19
C TRP A 71 4.26 -0.78 8.15
N CYS A 72 4.87 -1.82 7.59
CA CYS A 72 5.44 -2.89 8.40
C CYS A 72 6.32 -2.35 9.52
N GLU A 73 7.07 -1.29 9.21
CA GLU A 73 7.95 -0.67 10.18
C GLU A 73 7.18 0.26 11.11
N LYS A 74 6.11 0.85 10.59
CA LYS A 74 5.28 1.76 11.37
C LYS A 74 4.69 1.04 12.58
N THR A 75 4.15 -0.15 12.37
CA THR A 75 3.55 -0.93 13.44
C THR A 75 4.52 -1.98 13.96
N GLY A 76 5.24 -2.62 13.04
CA GLY A 76 6.20 -3.64 13.44
C GLY A 76 5.74 -5.03 13.08
N HIS A 77 5.27 -5.20 11.85
CA HIS A 77 4.80 -6.49 11.37
C HIS A 77 5.80 -7.12 10.42
N LYS A 78 5.54 -8.37 10.03
CA LYS A 78 6.43 -9.09 9.12
C LYS A 78 5.92 -9.00 7.69
N LEU A 79 6.61 -8.20 6.88
CA LEU A 79 6.23 -8.03 5.48
C LEU A 79 6.74 -9.19 4.62
N HIS A 80 5.99 -9.51 3.57
CA HIS A 80 6.36 -10.60 2.67
C HIS A 80 6.86 -10.06 1.34
N PRO A 81 8.10 -10.43 0.98
CA PRO A 81 8.72 -9.99 -0.28
C PRO A 81 8.06 -10.63 -1.50
N PRO A 82 8.30 -10.04 -2.68
CA PRO A 82 7.75 -10.54 -3.94
C PRO A 82 8.38 -11.87 -4.36
N LYS A 83 8.19 -12.22 -5.63
CA LYS A 83 8.75 -13.47 -6.17
C LYS A 83 10.27 -13.40 -6.22
N GLY A 84 10.92 -14.34 -5.54
CA GLY A 84 12.37 -14.37 -5.53
C GLY A 84 12.97 -13.19 -4.80
N TYR A 85 12.38 -12.83 -3.67
CA TYR A 85 12.86 -11.70 -2.88
C TYR A 85 12.72 -11.98 -1.39
N LYS A 86 13.70 -11.52 -0.62
CA LYS A 86 13.69 -11.72 0.83
C LYS A 86 13.18 -10.48 1.55
N GLU A 87 12.91 -10.60 2.84
CA GLU A 87 12.42 -9.49 3.64
C GLU A 87 13.55 -8.52 3.98
N GLU A 88 14.69 -9.07 4.37
CA GLU A 88 15.85 -8.26 4.73
C GLU A 88 16.40 -7.54 3.50
N GLU A 89 16.33 -8.20 2.35
CA GLU A 89 16.83 -7.63 1.10
C GLU A 89 15.88 -6.55 0.58
N PHE A 90 14.68 -6.97 0.23
CA PHE A 90 13.67 -6.03 -0.29
C PHE A 90 13.67 -4.74 0.52
N ASN A 91 14.41 -3.75 0.04
CA ASN A 91 14.49 -2.47 0.72
C ASN A 91 13.67 -1.41 -0.02
N TRP A 92 12.47 -1.14 0.49
CA TRP A 92 11.59 -0.14 -0.11
C TRP A 92 12.39 1.00 -0.71
N GLN A 93 12.96 1.84 0.15
CA GLN A 93 13.75 2.98 -0.30
C GLN A 93 14.65 2.59 -1.47
N THR A 94 15.36 1.47 -1.32
CA THR A 94 16.26 0.98 -2.35
C THR A 94 15.51 0.71 -3.65
N TYR A 95 14.31 0.16 -3.52
CA TYR A 95 13.48 -0.16 -4.68
C TYR A 95 12.83 1.09 -5.26
N LEU A 96 12.64 2.10 -4.40
CA LEU A 96 12.03 3.35 -4.81
C LEU A 96 13.08 4.29 -5.43
N LYS A 97 14.34 4.02 -5.14
CA LYS A 97 15.44 4.84 -5.66
C LYS A 97 15.93 4.28 -7.00
N THR A 98 15.91 2.96 -7.13
CA THR A 98 16.36 2.31 -8.35
C THR A 98 15.34 2.45 -9.47
N CYS A 99 14.07 2.60 -9.08
CA CYS A 99 12.99 2.76 -10.05
C CYS A 99 12.41 4.17 -9.99
N LYS A 100 13.19 5.11 -9.47
CA LYS A 100 12.76 6.49 -9.36
C LYS A 100 11.25 6.58 -9.17
N ALA A 101 10.71 5.65 -8.38
CA ALA A 101 9.27 5.62 -8.11
C ALA A 101 8.95 6.28 -6.78
N GLN A 102 7.69 6.62 -6.58
CA GLN A 102 7.25 7.26 -5.34
C GLN A 102 6.23 6.40 -4.61
N ALA A 103 6.20 6.52 -3.29
CA ALA A 103 5.27 5.76 -2.47
C ALA A 103 3.92 6.46 -2.35
N ALA A 104 2.86 5.68 -2.24
CA ALA A 104 1.51 6.24 -2.13
C ALA A 104 1.39 7.15 -0.90
N PRO A 105 0.61 8.22 -1.04
CA PRO A 105 0.40 9.19 0.04
C PRO A 105 -0.43 8.61 1.18
N LYS A 106 -0.05 8.95 2.41
CA LYS A 106 -0.78 8.47 3.59
C LYS A 106 -2.18 9.04 3.65
N SER A 107 -2.39 10.16 2.95
CA SER A 107 -3.70 10.80 2.93
C SER A 107 -4.78 9.84 2.41
N LEU A 108 -4.36 8.88 1.60
CA LEU A 108 -5.29 7.89 1.04
C LEU A 108 -5.85 7.00 2.14
N PHE A 109 -5.00 6.65 3.12
CA PHE A 109 -5.42 5.80 4.21
C PHE A 109 -5.66 6.62 5.48
N GLU A 110 -6.28 7.79 5.30
CA GLU A 110 -6.58 8.67 6.42
C GLU A 110 -7.96 8.38 7.00
N ASN A 111 -8.36 7.11 6.96
CA ASN A 111 -9.67 6.70 7.48
C ASN A 111 -9.53 6.08 8.86
N GLN A 112 -8.51 5.24 9.03
CA GLN A 112 -8.27 4.57 10.31
C GLN A 112 -6.87 4.87 10.83
N ASN A 113 -6.77 5.18 12.12
CA ASN A 113 -5.48 5.48 12.72
C ASN A 113 -5.41 4.92 14.15
N ILE A 114 -4.19 4.81 14.67
CA ILE A 114 -3.98 4.28 16.02
C ILE A 114 -3.98 5.41 17.04
N THR A 115 -4.71 5.22 18.13
CA THR A 115 -4.78 6.21 19.20
C THR A 115 -3.41 6.78 19.51
N VAL A 116 -3.25 8.08 19.31
CA VAL A 116 -1.98 8.75 19.58
C VAL A 116 -1.52 8.50 21.01
N ILE A 117 -0.24 8.17 21.16
CA ILE A 117 0.32 7.90 22.48
C ILE A 117 0.90 9.18 23.10
N PRO A 118 0.76 9.31 24.42
CA PRO A 118 1.26 10.46 25.16
C PRO A 118 2.79 10.51 25.22
N SER A 119 3.35 11.68 24.95
CA SER A 119 4.80 11.85 24.96
C SER A 119 5.29 12.23 26.36
N GLY A 120 6.47 11.74 26.72
CA GLY A 120 7.03 12.04 28.02
C GLY A 120 8.36 12.76 27.93
N PHE A 121 9.30 12.38 28.80
CA PHE A 121 10.62 12.99 28.82
C PHE A 121 11.50 12.44 27.70
N SER A 122 12.60 13.12 27.44
CA SER A 122 13.52 12.70 26.39
C SER A 122 14.40 11.54 26.87
N GLY A 123 15.07 11.74 27.99
CA GLY A 123 15.94 10.72 28.54
C GLY A 123 17.19 10.51 27.70
N PRO A 124 17.81 9.33 27.85
CA PRO A 124 19.03 8.98 27.11
C PRO A 124 18.78 8.79 25.62
N SER A 125 19.85 8.54 24.87
CA SER A 125 19.74 8.34 23.43
C SER A 125 19.88 6.86 23.09
N SER A 126 18.77 6.24 22.70
CA SER A 126 18.76 4.82 22.34
C SER A 126 19.57 4.58 21.08
N GLY A 127 19.89 3.31 20.82
CA GLY A 127 20.66 2.97 19.63
C GLY A 127 22.14 2.87 19.92
N GLY A 1 3.66 14.83 -20.97
CA GLY A 1 3.21 13.45 -20.79
C GLY A 1 2.04 13.36 -19.83
N SER A 2 0.99 12.65 -20.24
CA SER A 2 -0.19 12.49 -19.41
C SER A 2 -0.65 11.03 -19.41
N SER A 3 -0.14 10.26 -18.46
CA SER A 3 -0.49 8.85 -18.34
C SER A 3 -1.76 8.67 -17.52
N GLY A 4 -2.57 7.69 -17.90
CA GLY A 4 -3.81 7.43 -17.18
C GLY A 4 -4.96 8.29 -17.67
N SER A 5 -5.73 8.82 -16.74
CA SER A 5 -6.88 9.67 -17.09
C SER A 5 -6.52 11.14 -16.98
N SER A 6 -6.93 11.92 -17.97
CA SER A 6 -6.64 13.35 -17.99
C SER A 6 -7.74 14.13 -17.28
N GLY A 7 -8.96 14.02 -17.78
CA GLY A 7 -10.09 14.72 -17.18
C GLY A 7 -10.52 14.09 -15.87
N PRO A 8 -11.23 14.87 -15.03
CA PRO A 8 -11.72 14.40 -13.73
C PRO A 8 -12.84 13.38 -13.87
N TYR A 9 -12.92 12.46 -12.90
CA TYR A 9 -13.94 11.43 -12.91
C TYR A 9 -14.05 10.76 -11.55
N ASN A 10 -15.03 9.86 -11.42
CA ASN A 10 -15.24 9.15 -10.17
C ASN A 10 -14.01 8.34 -9.79
N LYS A 11 -13.50 8.57 -8.57
CA LYS A 11 -12.33 7.87 -8.08
C LYS A 11 -12.11 8.14 -6.60
N ASN A 12 -11.31 7.29 -5.95
CA ASN A 12 -11.03 7.44 -4.54
C ASN A 12 -9.85 8.38 -4.31
N GLY A 13 -8.94 8.41 -5.29
CA GLY A 13 -7.77 9.28 -5.18
C GLY A 13 -6.50 8.60 -5.63
N PHE A 14 -6.43 7.28 -5.46
CA PHE A 14 -5.26 6.51 -5.85
C PHE A 14 -4.89 6.80 -7.30
N LYS A 15 -3.59 6.68 -7.61
CA LYS A 15 -3.10 6.92 -8.95
C LYS A 15 -2.16 5.81 -9.39
N VAL A 16 -2.26 5.42 -10.66
CA VAL A 16 -1.41 4.37 -11.22
C VAL A 16 0.07 4.70 -11.04
N GLY A 17 0.80 3.82 -10.38
CA GLY A 17 2.22 4.03 -10.15
C GLY A 17 2.58 4.04 -8.69
N MET A 18 1.72 4.63 -7.86
CA MET A 18 1.95 4.69 -6.43
C MET A 18 1.90 3.31 -5.80
N LYS A 19 3.06 2.74 -5.50
CA LYS A 19 3.15 1.42 -4.90
C LYS A 19 2.56 1.43 -3.49
N LEU A 20 2.04 0.29 -3.06
CA LEU A 20 1.46 0.16 -1.73
C LEU A 20 1.39 -1.30 -1.31
N GLU A 21 1.19 -1.53 -0.01
CA GLU A 21 1.11 -2.88 0.52
C GLU A 21 -0.34 -3.24 0.87
N GLY A 22 -0.78 -4.42 0.45
CA GLY A 22 -2.14 -4.84 0.74
C GLY A 22 -2.22 -6.32 1.07
N VAL A 23 -3.38 -6.75 1.54
CA VAL A 23 -3.59 -8.15 1.91
C VAL A 23 -4.09 -8.96 0.71
N ASP A 24 -3.68 -10.22 0.65
CA ASP A 24 -4.09 -11.10 -0.44
C ASP A 24 -5.37 -11.84 -0.08
N PRO A 25 -6.27 -11.98 -1.07
CA PRO A 25 -7.56 -12.66 -0.88
C PRO A 25 -7.39 -14.17 -0.70
N GLU A 26 -6.14 -14.62 -0.68
CA GLU A 26 -5.85 -16.04 -0.51
C GLU A 26 -5.58 -16.37 0.96
N HIS A 27 -4.95 -15.44 1.66
CA HIS A 27 -4.63 -15.63 3.07
C HIS A 27 -4.59 -14.29 3.80
N GLN A 28 -5.53 -14.08 4.71
CA GLN A 28 -5.58 -12.84 5.48
C GLN A 28 -4.36 -12.69 6.38
N SER A 29 -4.18 -11.50 6.92
CA SER A 29 -3.04 -11.22 7.80
C SER A 29 -1.72 -11.36 7.04
N VAL A 30 -1.76 -11.07 5.75
CA VAL A 30 -0.57 -11.16 4.90
C VAL A 30 -0.39 -9.90 4.07
N TYR A 31 0.40 -8.96 4.59
CA TYR A 31 0.65 -7.71 3.90
C TYR A 31 1.76 -7.87 2.88
N CYS A 32 1.37 -7.94 1.61
CA CYS A 32 2.34 -8.10 0.51
C CYS A 32 2.45 -6.81 -0.30
N VAL A 33 3.55 -6.68 -1.03
CA VAL A 33 3.78 -5.50 -1.86
C VAL A 33 2.91 -5.52 -3.11
N LEU A 34 2.33 -4.38 -3.45
CA LEU A 34 1.48 -4.27 -4.63
C LEU A 34 1.65 -2.91 -5.30
N THR A 35 1.19 -2.81 -6.54
CA THR A 35 1.29 -1.57 -7.29
C THR A 35 0.00 -1.27 -8.05
N VAL A 36 -0.51 -0.06 -7.87
CA VAL A 36 -1.75 0.36 -8.54
C VAL A 36 -1.60 0.30 -10.06
N ALA A 37 -2.32 -0.62 -10.68
CA ALA A 37 -2.28 -0.77 -12.13
C ALA A 37 -3.43 -0.04 -12.80
N GLU A 38 -4.56 0.03 -12.10
CA GLU A 38 -5.74 0.71 -12.62
C GLU A 38 -6.64 1.19 -11.49
N VAL A 39 -7.56 2.10 -11.82
CA VAL A 39 -8.48 2.64 -10.83
C VAL A 39 -9.82 3.00 -11.46
N CYS A 40 -10.89 2.37 -10.98
CA CYS A 40 -12.22 2.63 -11.51
C CYS A 40 -13.28 1.87 -10.70
N GLY A 41 -14.53 2.27 -10.87
CA GLY A 41 -15.61 1.61 -10.15
C GLY A 41 -15.36 1.54 -8.66
N TYR A 42 -15.13 2.70 -8.04
CA TYR A 42 -14.86 2.76 -6.61
C TYR A 42 -13.97 1.62 -6.17
N ARG A 43 -13.15 1.13 -7.09
CA ARG A 43 -12.23 0.03 -6.80
C ARG A 43 -10.90 0.23 -7.50
N ILE A 44 -9.82 -0.12 -6.81
CA ILE A 44 -8.48 0.02 -7.38
C ILE A 44 -7.85 -1.35 -7.67
N LYS A 45 -7.14 -1.44 -8.78
CA LYS A 45 -6.49 -2.69 -9.17
C LYS A 45 -5.23 -2.92 -8.35
N LEU A 46 -5.06 -4.14 -7.84
CA LEU A 46 -3.90 -4.49 -7.05
C LEU A 46 -3.04 -5.53 -7.75
N HIS A 47 -1.87 -5.12 -8.21
CA HIS A 47 -0.96 -6.01 -8.91
C HIS A 47 0.13 -6.52 -7.98
N PHE A 48 0.45 -7.80 -8.08
CA PHE A 48 1.47 -8.41 -7.24
C PHE A 48 2.84 -8.36 -7.92
N ASP A 49 3.81 -7.74 -7.27
CA ASP A 49 5.15 -7.63 -7.80
C ASP A 49 5.75 -9.01 -8.07
N GLY A 50 6.06 -9.27 -9.34
CA GLY A 50 6.64 -10.55 -9.70
C GLY A 50 5.64 -11.45 -10.41
N TYR A 51 4.42 -11.51 -9.89
CA TYR A 51 3.38 -12.35 -10.48
C TYR A 51 2.90 -11.75 -11.81
N SER A 52 2.00 -12.47 -12.48
CA SER A 52 1.46 -12.02 -13.75
C SER A 52 0.16 -11.27 -13.56
N ASP A 53 -0.20 -10.44 -14.54
CA ASP A 53 -1.44 -9.66 -14.47
C ASP A 53 -2.63 -10.55 -14.14
N CYS A 54 -2.69 -11.72 -14.78
CA CYS A 54 -3.78 -12.66 -14.55
C CYS A 54 -4.12 -12.74 -13.07
N TYR A 55 -3.11 -12.57 -12.22
CA TYR A 55 -3.30 -12.64 -10.77
C TYR A 55 -3.63 -11.27 -10.21
N ASP A 56 -4.40 -10.48 -10.97
CA ASP A 56 -4.79 -9.15 -10.53
C ASP A 56 -6.12 -9.18 -9.80
N PHE A 57 -6.23 -8.38 -8.75
CA PHE A 57 -7.45 -8.32 -7.95
C PHE A 57 -7.75 -6.89 -7.52
N TRP A 58 -9.03 -6.56 -7.40
CA TRP A 58 -9.45 -5.23 -7.00
C TRP A 58 -9.97 -5.22 -5.57
N VAL A 59 -9.47 -4.28 -4.77
CA VAL A 59 -9.87 -4.17 -3.37
C VAL A 59 -10.61 -2.86 -3.13
N ASN A 60 -11.11 -2.71 -1.90
CA ASN A 60 -11.84 -1.50 -1.54
C ASN A 60 -10.93 -0.28 -1.51
N ALA A 61 -11.21 0.70 -2.35
CA ALA A 61 -10.41 1.91 -2.42
C ALA A 61 -10.04 2.40 -1.02
N ASP A 62 -10.94 2.21 -0.07
CA ASP A 62 -10.70 2.62 1.31
C ASP A 62 -10.68 1.42 2.24
N ALA A 63 -10.04 0.35 1.81
CA ALA A 63 -9.95 -0.87 2.61
C ALA A 63 -9.04 -0.66 3.82
N LEU A 64 -9.25 -1.47 4.86
CA LEU A 64 -8.45 -1.37 6.07
C LEU A 64 -7.24 -2.30 6.01
N ASP A 65 -7.40 -3.43 5.31
CA ASP A 65 -6.33 -4.39 5.17
C ASP A 65 -5.13 -3.78 4.44
N ILE A 66 -5.42 -2.84 3.55
CA ILE A 66 -4.36 -2.17 2.79
C ILE A 66 -3.71 -1.06 3.61
N HIS A 67 -2.42 -0.84 3.36
CA HIS A 67 -1.68 0.19 4.06
C HIS A 67 -0.65 0.86 3.15
N PRO A 68 -0.29 2.11 3.47
CA PRO A 68 0.69 2.87 2.69
C PRO A 68 2.10 2.32 2.82
N VAL A 69 2.92 2.57 1.80
CA VAL A 69 4.30 2.09 1.80
C VAL A 69 5.01 2.49 3.09
N GLY A 70 5.85 1.58 3.61
CA GLY A 70 6.57 1.85 4.83
C GLY A 70 5.67 1.88 6.05
N TRP A 71 4.54 1.18 5.96
CA TRP A 71 3.58 1.13 7.06
C TRP A 71 3.92 0.00 8.03
N CYS A 72 4.22 -1.17 7.47
CA CYS A 72 4.56 -2.33 8.28
C CYS A 72 5.52 -1.95 9.40
N GLU A 73 6.69 -1.43 9.01
CA GLU A 73 7.70 -1.02 9.98
C GLU A 73 7.19 0.11 10.86
N LYS A 74 6.49 1.06 10.24
CA LYS A 74 5.95 2.21 10.97
C LYS A 74 5.24 1.76 12.25
N THR A 75 4.33 0.80 12.11
CA THR A 75 3.59 0.28 13.25
C THR A 75 4.42 -0.73 14.04
N GLY A 76 4.83 -1.80 13.37
CA GLY A 76 5.63 -2.82 14.03
C GLY A 76 5.31 -4.21 13.56
N HIS A 77 5.17 -4.36 12.24
CA HIS A 77 4.85 -5.67 11.65
C HIS A 77 5.93 -6.08 10.66
N LYS A 78 5.81 -7.31 10.14
CA LYS A 78 6.77 -7.82 9.17
C LYS A 78 6.15 -7.93 7.78
N LEU A 79 6.76 -7.25 6.82
CA LEU A 79 6.27 -7.26 5.44
C LEU A 79 6.68 -8.55 4.73
N HIS A 80 5.77 -9.09 3.94
CA HIS A 80 6.03 -10.32 3.19
C HIS A 80 6.56 -10.01 1.80
N PRO A 81 7.78 -10.50 1.52
CA PRO A 81 8.43 -10.28 0.22
C PRO A 81 7.74 -11.05 -0.91
N PRO A 82 7.86 -10.53 -2.14
CA PRO A 82 7.26 -11.14 -3.32
C PRO A 82 7.95 -12.45 -3.71
N LYS A 83 7.57 -13.01 -4.85
CA LYS A 83 8.15 -14.25 -5.34
C LYS A 83 9.67 -14.12 -5.45
N GLY A 84 10.38 -15.07 -4.85
CA GLY A 84 11.83 -15.05 -4.91
C GLY A 84 12.42 -13.82 -4.25
N TYR A 85 11.90 -13.46 -3.09
CA TYR A 85 12.38 -12.29 -2.36
C TYR A 85 12.30 -12.52 -0.86
N LYS A 86 13.23 -11.92 -0.13
CA LYS A 86 13.29 -12.06 1.32
C LYS A 86 13.21 -10.69 2.00
N GLU A 87 12.46 -10.61 3.10
CA GLU A 87 12.31 -9.37 3.84
C GLU A 87 13.66 -8.69 4.05
N GLU A 88 14.63 -9.45 4.56
CA GLU A 88 15.96 -8.92 4.81
C GLU A 88 16.63 -8.51 3.51
N GLU A 89 16.16 -9.07 2.40
CA GLU A 89 16.71 -8.75 1.09
C GLU A 89 15.75 -7.88 0.29
N PHE A 90 15.03 -7.01 0.98
CA PHE A 90 14.08 -6.12 0.34
C PHE A 90 14.04 -4.76 1.03
N ASN A 91 14.28 -3.70 0.26
CA ASN A 91 14.28 -2.34 0.80
C ASN A 91 13.43 -1.41 -0.07
N TRP A 92 12.32 -0.95 0.48
CA TRP A 92 11.43 -0.05 -0.24
C TRP A 92 12.21 1.11 -0.86
N GLN A 93 12.66 2.02 0.00
CA GLN A 93 13.42 3.18 -0.46
C GLN A 93 14.40 2.79 -1.58
N THR A 94 15.08 1.67 -1.38
CA THR A 94 16.05 1.19 -2.36
C THR A 94 15.36 0.79 -3.66
N TYR A 95 14.16 0.21 -3.54
CA TYR A 95 13.40 -0.21 -4.70
C TYR A 95 12.69 0.97 -5.36
N LEU A 96 12.46 2.02 -4.58
CA LEU A 96 11.80 3.22 -5.07
C LEU A 96 12.80 4.19 -5.68
N LYS A 97 14.07 3.96 -5.40
CA LYS A 97 15.13 4.81 -5.93
C LYS A 97 15.73 4.22 -7.19
N THR A 98 15.80 2.90 -7.26
CA THR A 98 16.35 2.21 -8.42
C THR A 98 15.41 2.31 -9.62
N CYS A 99 14.11 2.35 -9.34
CA CYS A 99 13.11 2.44 -10.39
C CYS A 99 12.50 3.85 -10.44
N LYS A 100 13.15 4.78 -9.75
CA LYS A 100 12.67 6.17 -9.71
C LYS A 100 11.16 6.22 -9.54
N ALA A 101 10.66 5.47 -8.56
CA ALA A 101 9.23 5.44 -8.27
C ALA A 101 8.91 6.09 -6.93
N GLN A 102 7.66 6.51 -6.76
CA GLN A 102 7.24 7.13 -5.52
C GLN A 102 6.23 6.26 -4.78
N ALA A 103 6.14 6.45 -3.46
CA ALA A 103 5.21 5.67 -2.64
C ALA A 103 3.90 6.42 -2.46
N ALA A 104 2.81 5.65 -2.34
CA ALA A 104 1.48 6.24 -2.16
C ALA A 104 1.39 6.98 -0.84
N PRO A 105 0.65 8.10 -0.83
CA PRO A 105 0.47 8.94 0.35
C PRO A 105 -0.39 8.25 1.41
N LYS A 106 0.09 8.24 2.65
CA LYS A 106 -0.63 7.63 3.75
C LYS A 106 -2.00 8.28 3.94
N SER A 107 -2.22 9.40 3.25
CA SER A 107 -3.48 10.13 3.34
C SER A 107 -4.61 9.31 2.74
N LEU A 108 -4.30 8.55 1.70
CA LEU A 108 -5.30 7.72 1.03
C LEU A 108 -5.92 6.73 2.00
N PHE A 109 -5.23 6.47 3.11
CA PHE A 109 -5.71 5.54 4.12
C PHE A 109 -6.13 6.28 5.38
N GLU A 110 -7.00 7.27 5.23
CA GLU A 110 -7.47 8.05 6.36
C GLU A 110 -8.14 7.16 7.40
N ASN A 111 -8.98 6.24 6.93
CA ASN A 111 -9.69 5.32 7.82
C ASN A 111 -8.70 4.40 8.54
N GLN A 112 -7.85 3.73 7.76
CA GLN A 112 -6.86 2.82 8.31
C GLN A 112 -6.34 3.33 9.65
N ASN A 113 -5.83 4.56 9.66
CA ASN A 113 -5.29 5.16 10.87
C ASN A 113 -5.29 6.68 10.76
N ILE A 114 -5.43 7.35 11.91
CA ILE A 114 -5.45 8.80 11.94
C ILE A 114 -4.03 9.36 12.03
N THR A 115 -3.69 10.26 11.11
CA THR A 115 -2.37 10.87 11.09
C THR A 115 -2.09 11.63 12.39
N VAL A 116 -0.84 11.56 12.84
CA VAL A 116 -0.44 12.23 14.07
C VAL A 116 1.08 12.33 14.17
N ILE A 117 1.56 13.41 14.77
CA ILE A 117 3.00 13.62 14.94
C ILE A 117 3.50 12.99 16.23
N PRO A 118 4.71 12.43 16.19
CA PRO A 118 5.34 11.79 17.36
C PRO A 118 5.73 12.80 18.42
N SER A 119 6.06 12.29 19.61
CA SER A 119 6.47 13.16 20.72
C SER A 119 7.96 13.45 20.66
N GLY A 120 8.34 14.68 21.02
CA GLY A 120 9.74 15.06 21.01
C GLY A 120 10.38 14.96 22.38
N PHE A 121 11.70 14.97 22.41
CA PHE A 121 12.44 14.88 23.67
C PHE A 121 13.87 15.35 23.49
N SER A 122 14.37 16.12 24.46
CA SER A 122 15.72 16.64 24.41
C SER A 122 16.67 15.77 25.23
N GLY A 123 17.77 15.33 24.60
CA GLY A 123 18.74 14.50 25.28
C GLY A 123 19.75 15.30 26.06
N PRO A 124 20.18 14.78 27.22
CA PRO A 124 21.16 15.44 28.08
C PRO A 124 22.55 15.45 27.47
N SER A 125 23.35 16.44 27.85
CA SER A 125 24.72 16.57 27.33
C SER A 125 25.72 15.92 28.27
N SER A 126 26.84 15.47 27.71
CA SER A 126 27.88 14.81 28.49
C SER A 126 28.55 15.82 29.44
N GLY A 127 29.06 15.31 30.56
CA GLY A 127 29.72 16.17 31.51
C GLY A 127 29.15 16.03 32.92
N GLY A 1 -17.37 6.36 -29.11
CA GLY A 1 -18.20 7.26 -28.33
C GLY A 1 -17.75 7.33 -26.88
N SER A 2 -18.65 6.98 -25.97
CA SER A 2 -18.35 7.01 -24.54
C SER A 2 -17.85 8.39 -24.12
N SER A 3 -18.54 9.44 -24.58
CA SER A 3 -18.15 10.80 -24.25
C SER A 3 -18.48 11.13 -22.80
N GLY A 4 -17.43 11.23 -21.98
CA GLY A 4 -17.62 11.53 -20.57
C GLY A 4 -17.70 13.02 -20.31
N SER A 5 -18.86 13.60 -20.63
CA SER A 5 -19.07 15.03 -20.43
C SER A 5 -18.85 15.42 -18.97
N SER A 6 -19.41 14.61 -18.07
CA SER A 6 -19.30 14.87 -16.64
C SER A 6 -18.24 13.95 -16.01
N GLY A 7 -18.55 12.66 -15.96
CA GLY A 7 -17.62 11.70 -15.38
C GLY A 7 -18.30 10.72 -14.45
N PRO A 8 -18.82 9.62 -15.03
CA PRO A 8 -19.51 8.58 -14.26
C PRO A 8 -18.57 7.79 -13.37
N TYR A 9 -17.27 8.04 -13.52
CA TYR A 9 -16.26 7.34 -12.73
C TYR A 9 -15.85 8.18 -11.52
N ASN A 10 -15.85 7.54 -10.35
CA ASN A 10 -15.48 8.23 -9.11
C ASN A 10 -14.14 7.71 -8.58
N LYS A 11 -13.11 8.54 -8.72
CA LYS A 11 -11.78 8.18 -8.26
C LYS A 11 -11.63 8.45 -6.75
N ASN A 12 -10.88 7.58 -6.08
CA ASN A 12 -10.65 7.71 -4.65
C ASN A 12 -9.28 8.32 -4.37
N GLY A 13 -8.74 9.05 -5.34
CA GLY A 13 -7.45 9.66 -5.18
C GLY A 13 -6.31 8.76 -5.65
N PHE A 14 -6.57 7.46 -5.67
CA PHE A 14 -5.56 6.49 -6.10
C PHE A 14 -5.10 6.78 -7.53
N LYS A 15 -3.91 6.32 -7.86
CA LYS A 15 -3.36 6.52 -9.20
C LYS A 15 -2.49 5.34 -9.62
N VAL A 16 -2.12 5.30 -10.89
CA VAL A 16 -1.28 4.22 -11.41
C VAL A 16 0.20 4.54 -11.24
N GLY A 17 0.89 3.74 -10.45
CA GLY A 17 2.31 3.95 -10.22
C GLY A 17 2.67 3.91 -8.75
N MET A 18 1.77 4.40 -7.91
CA MET A 18 2.01 4.41 -6.47
C MET A 18 1.95 3.01 -5.89
N LYS A 19 3.03 2.59 -5.25
CA LYS A 19 3.10 1.25 -4.66
C LYS A 19 2.51 1.26 -3.26
N LEU A 20 2.01 0.10 -2.83
CA LEU A 20 1.41 -0.04 -1.51
C LEU A 20 1.33 -1.50 -1.08
N GLU A 21 0.95 -1.73 0.17
CA GLU A 21 0.84 -3.08 0.69
C GLU A 21 -0.62 -3.45 0.93
N GLY A 22 -0.97 -4.69 0.60
CA GLY A 22 -2.34 -5.15 0.78
C GLY A 22 -2.41 -6.57 1.33
N VAL A 23 -3.59 -6.96 1.79
CA VAL A 23 -3.78 -8.29 2.33
C VAL A 23 -4.24 -9.27 1.25
N ASP A 24 -3.79 -10.51 1.34
CA ASP A 24 -4.15 -11.54 0.38
C ASP A 24 -5.50 -12.16 0.73
N PRO A 25 -6.26 -12.54 -0.30
CA PRO A 25 -7.58 -13.16 -0.12
C PRO A 25 -7.50 -14.57 0.45
N GLU A 26 -6.33 -15.19 0.32
CA GLU A 26 -6.12 -16.53 0.83
C GLU A 26 -5.93 -16.52 2.34
N HIS A 27 -5.36 -15.43 2.84
CA HIS A 27 -5.12 -15.28 4.28
C HIS A 27 -5.21 -13.82 4.70
N GLN A 28 -6.03 -13.55 5.71
CA GLN A 28 -6.20 -12.19 6.21
C GLN A 28 -5.10 -11.82 7.19
N SER A 29 -3.97 -12.54 7.11
CA SER A 29 -2.85 -12.29 7.99
C SER A 29 -1.54 -12.21 7.20
N VAL A 30 -1.65 -11.83 5.93
CA VAL A 30 -0.48 -11.72 5.07
C VAL A 30 -0.42 -10.35 4.40
N TYR A 31 0.76 -9.74 4.41
CA TYR A 31 0.96 -8.43 3.81
C TYR A 31 2.01 -8.48 2.72
N CYS A 32 1.56 -8.40 1.47
CA CYS A 32 2.46 -8.43 0.33
C CYS A 32 2.53 -7.07 -0.36
N VAL A 33 3.54 -6.88 -1.21
CA VAL A 33 3.70 -5.63 -1.93
C VAL A 33 2.91 -5.63 -3.23
N LEU A 34 2.02 -4.65 -3.37
CA LEU A 34 1.19 -4.54 -4.57
C LEU A 34 1.40 -3.18 -5.24
N THR A 35 0.91 -3.06 -6.47
CA THR A 35 1.04 -1.81 -7.23
C THR A 35 -0.24 -1.51 -7.99
N VAL A 36 -0.59 -0.22 -8.06
CA VAL A 36 -1.79 0.20 -8.77
C VAL A 36 -1.67 -0.07 -10.26
N ALA A 37 -2.46 -1.03 -10.73
CA ALA A 37 -2.45 -1.40 -12.14
C ALA A 37 -3.51 -0.62 -12.92
N GLU A 38 -4.60 -0.27 -12.24
CA GLU A 38 -5.68 0.47 -12.87
C GLU A 38 -6.63 1.04 -11.82
N VAL A 39 -7.23 2.18 -12.13
CA VAL A 39 -8.16 2.83 -11.22
C VAL A 39 -9.50 3.08 -11.88
N CYS A 40 -10.57 2.76 -11.17
CA CYS A 40 -11.93 2.94 -11.69
C CYS A 40 -12.96 2.84 -10.58
N GLY A 41 -13.97 3.71 -10.63
CA GLY A 41 -15.01 3.68 -9.61
C GLY A 41 -14.44 3.66 -8.20
N TYR A 42 -15.25 3.19 -7.26
CA TYR A 42 -14.83 3.11 -5.87
C TYR A 42 -13.99 1.86 -5.61
N ARG A 43 -13.09 1.56 -6.56
CA ARG A 43 -12.23 0.39 -6.45
C ARG A 43 -10.92 0.62 -7.17
N ILE A 44 -9.88 -0.11 -6.76
CA ILE A 44 -8.56 0.02 -7.38
C ILE A 44 -7.96 -1.35 -7.68
N LYS A 45 -7.26 -1.44 -8.80
CA LYS A 45 -6.63 -2.70 -9.21
C LYS A 45 -5.32 -2.92 -8.46
N LEU A 46 -5.19 -4.08 -7.84
CA LEU A 46 -3.98 -4.41 -7.09
C LEU A 46 -3.18 -5.50 -7.80
N HIS A 47 -2.00 -5.12 -8.30
CA HIS A 47 -1.13 -6.06 -9.00
C HIS A 47 -0.07 -6.63 -8.06
N PHE A 48 0.18 -7.94 -8.19
CA PHE A 48 1.16 -8.60 -7.34
C PHE A 48 2.56 -8.46 -7.93
N ASP A 49 3.42 -7.72 -7.24
CA ASP A 49 4.79 -7.50 -7.68
C ASP A 49 5.50 -8.83 -7.91
N GLY A 50 5.90 -9.08 -9.15
CA GLY A 50 6.59 -10.32 -9.48
C GLY A 50 5.68 -11.33 -10.14
N TYR A 51 4.54 -11.60 -9.51
CA TYR A 51 3.58 -12.57 -10.04
C TYR A 51 2.89 -12.01 -11.29
N SER A 52 2.15 -12.87 -11.98
CA SER A 52 1.44 -12.47 -13.19
C SER A 52 0.31 -11.51 -12.85
N ASP A 53 -0.12 -10.73 -13.84
CA ASP A 53 -1.20 -9.77 -13.65
C ASP A 53 -2.54 -10.49 -13.53
N CYS A 54 -2.68 -11.60 -14.24
CA CYS A 54 -3.92 -12.37 -14.21
C CYS A 54 -4.41 -12.56 -12.78
N TYR A 55 -3.48 -12.70 -11.85
CA TYR A 55 -3.82 -12.89 -10.44
C TYR A 55 -4.03 -11.55 -9.75
N ASP A 56 -4.61 -10.60 -10.49
CA ASP A 56 -4.87 -9.27 -9.93
C ASP A 56 -6.32 -9.15 -9.46
N PHE A 57 -6.52 -8.39 -8.39
CA PHE A 57 -7.85 -8.20 -7.83
C PHE A 57 -8.08 -6.74 -7.46
N TRP A 58 -9.35 -6.36 -7.32
CA TRP A 58 -9.70 -4.99 -6.97
C TRP A 58 -10.15 -4.89 -5.51
N VAL A 59 -9.46 -4.06 -4.74
CA VAL A 59 -9.80 -3.88 -3.33
C VAL A 59 -10.63 -2.63 -3.11
N ASN A 60 -11.08 -2.42 -1.88
CA ASN A 60 -11.88 -1.25 -1.54
C ASN A 60 -11.03 0.00 -1.45
N ALA A 61 -11.43 1.05 -2.17
CA ALA A 61 -10.70 2.30 -2.18
C ALA A 61 -10.35 2.75 -0.75
N ASP A 62 -11.22 2.38 0.19
CA ASP A 62 -11.00 2.74 1.60
C ASP A 62 -10.85 1.49 2.46
N ALA A 63 -10.12 0.51 1.95
CA ALA A 63 -9.90 -0.73 2.67
C ALA A 63 -8.91 -0.54 3.81
N LEU A 64 -9.18 -1.18 4.95
CA LEU A 64 -8.32 -1.07 6.11
C LEU A 64 -7.12 -2.00 5.99
N ASP A 65 -7.34 -3.17 5.39
CA ASP A 65 -6.27 -4.15 5.20
C ASP A 65 -5.07 -3.52 4.52
N ILE A 66 -5.33 -2.76 3.47
CA ILE A 66 -4.27 -2.10 2.71
C ILE A 66 -3.60 -1.01 3.54
N HIS A 67 -2.31 -0.81 3.32
CA HIS A 67 -1.56 0.21 4.06
C HIS A 67 -0.50 0.84 3.16
N PRO A 68 -0.17 2.11 3.45
CA PRO A 68 0.83 2.87 2.69
C PRO A 68 2.25 2.34 2.90
N VAL A 69 3.03 2.29 1.83
CA VAL A 69 4.40 1.82 1.90
C VAL A 69 5.04 2.21 3.22
N GLY A 70 5.87 1.31 3.76
CA GLY A 70 6.54 1.57 5.02
C GLY A 70 5.63 1.36 6.21
N TRP A 71 4.81 0.33 6.15
CA TRP A 71 3.89 0.02 7.23
C TRP A 71 4.49 -0.98 8.21
N CYS A 72 5.06 -2.06 7.67
CA CYS A 72 5.67 -3.09 8.49
C CYS A 72 6.66 -2.48 9.48
N GLU A 73 7.44 -1.50 9.00
CA GLU A 73 8.44 -0.84 9.84
C GLU A 73 7.76 0.11 10.83
N LYS A 74 6.74 0.82 10.37
CA LYS A 74 6.01 1.75 11.21
C LYS A 74 5.40 1.05 12.41
N THR A 75 4.66 -0.03 12.15
CA THR A 75 4.03 -0.80 13.21
C THR A 75 5.01 -1.75 13.87
N GLY A 76 5.70 -2.55 13.06
CA GLY A 76 6.67 -3.49 13.58
C GLY A 76 6.38 -4.91 13.15
N HIS A 77 5.96 -5.09 11.90
CA HIS A 77 5.64 -6.41 11.37
C HIS A 77 6.62 -6.81 10.28
N LYS A 78 6.43 -8.00 9.72
CA LYS A 78 7.30 -8.51 8.66
C LYS A 78 6.59 -8.45 7.31
N LEU A 79 7.26 -7.89 6.32
CA LEU A 79 6.70 -7.78 4.97
C LEU A 79 7.17 -8.94 4.09
N HIS A 80 6.21 -9.68 3.54
CA HIS A 80 6.52 -10.82 2.68
C HIS A 80 6.99 -10.33 1.31
N PRO A 81 8.24 -10.70 0.95
CA PRO A 81 8.83 -10.32 -0.32
C PRO A 81 8.19 -11.03 -1.50
N PRO A 82 8.47 -10.55 -2.72
CA PRO A 82 7.93 -11.13 -3.95
C PRO A 82 8.51 -12.50 -4.26
N LYS A 83 8.35 -12.95 -5.49
CA LYS A 83 8.86 -14.25 -5.92
C LYS A 83 10.39 -14.25 -5.91
N GLY A 84 10.97 -15.21 -5.20
CA GLY A 84 12.42 -15.30 -5.12
C GLY A 84 13.06 -14.07 -4.53
N TYR A 85 12.51 -13.62 -3.40
CA TYR A 85 13.03 -12.43 -2.72
C TYR A 85 12.89 -12.57 -1.21
N LYS A 86 13.85 -11.99 -0.48
CA LYS A 86 13.85 -12.04 0.97
C LYS A 86 13.55 -10.67 1.57
N GLU A 87 12.87 -10.67 2.71
CA GLU A 87 12.52 -9.41 3.38
C GLU A 87 13.72 -8.48 3.44
N GLU A 88 14.85 -9.01 3.89
CA GLU A 88 16.07 -8.20 4.00
C GLU A 88 16.63 -7.87 2.62
N GLU A 89 16.54 -8.83 1.70
CA GLU A 89 17.03 -8.64 0.34
C GLU A 89 16.25 -7.55 -0.37
N PHE A 90 15.00 -7.36 0.04
CA PHE A 90 14.13 -6.34 -0.56
C PHE A 90 14.09 -5.09 0.30
N ASN A 91 14.37 -3.94 -0.31
CA ASN A 91 14.36 -2.67 0.40
C ASN A 91 13.49 -1.65 -0.32
N TRP A 92 12.46 -1.16 0.37
CA TRP A 92 11.56 -0.17 -0.21
C TRP A 92 12.33 1.02 -0.76
N GLN A 93 12.88 1.83 0.15
CA GLN A 93 13.64 3.01 -0.24
C GLN A 93 14.56 2.69 -1.42
N THR A 94 15.35 1.64 -1.28
CA THR A 94 16.28 1.23 -2.33
C THR A 94 15.54 0.95 -3.63
N TYR A 95 14.36 0.36 -3.52
CA TYR A 95 13.55 0.03 -4.69
C TYR A 95 12.85 1.27 -5.24
N LEU A 96 12.63 2.25 -4.37
CA LEU A 96 11.98 3.49 -4.75
C LEU A 96 12.99 4.50 -5.26
N LYS A 97 14.27 4.25 -4.99
CA LYS A 97 15.33 5.14 -5.42
C LYS A 97 15.86 4.74 -6.79
N THR A 98 15.86 3.44 -7.06
CA THR A 98 16.34 2.93 -8.34
C THR A 98 15.29 3.11 -9.43
N CYS A 99 14.02 3.13 -9.03
CA CYS A 99 12.93 3.31 -9.97
C CYS A 99 12.22 4.64 -9.76
N LYS A 100 12.89 5.56 -9.05
CA LYS A 100 12.32 6.87 -8.77
C LYS A 100 10.83 6.78 -8.57
N ALA A 101 10.38 5.73 -7.88
CA ALA A 101 8.96 5.54 -7.61
C ALA A 101 8.54 6.24 -6.33
N GLN A 102 7.38 6.90 -6.37
CA GLN A 102 6.88 7.62 -5.21
C GLN A 102 5.80 6.80 -4.49
N ALA A 103 6.09 6.40 -3.26
CA ALA A 103 5.16 5.61 -2.47
C ALA A 103 3.83 6.33 -2.32
N ALA A 104 2.74 5.59 -2.47
CA ALA A 104 1.40 6.16 -2.35
C ALA A 104 1.31 7.10 -1.15
N PRO A 105 0.54 8.18 -1.29
CA PRO A 105 0.35 9.18 -0.23
C PRO A 105 -0.47 8.63 0.94
N LYS A 106 -0.14 9.08 2.14
CA LYS A 106 -0.85 8.63 3.34
C LYS A 106 -2.32 9.03 3.28
N SER A 107 -2.59 10.20 2.71
CA SER A 107 -3.95 10.69 2.60
C SER A 107 -4.91 9.58 2.19
N LEU A 108 -4.51 8.81 1.20
CA LEU A 108 -5.34 7.69 0.72
C LEU A 108 -5.83 6.84 1.88
N PHE A 109 -4.95 6.62 2.85
CA PHE A 109 -5.30 5.81 4.02
C PHE A 109 -5.55 6.70 5.24
N GLU A 110 -6.20 7.84 5.01
CA GLU A 110 -6.51 8.78 6.08
C GLU A 110 -7.93 8.57 6.60
N ASN A 111 -8.36 7.32 6.63
CA ASN A 111 -9.71 6.99 7.10
C ASN A 111 -9.65 6.25 8.43
N GLN A 112 -8.74 5.30 8.53
CA GLN A 112 -8.58 4.52 9.75
C GLN A 112 -8.12 5.41 10.91
N ASN A 113 -7.15 6.27 10.63
CA ASN A 113 -6.61 7.17 11.65
C ASN A 113 -7.51 8.40 11.80
N ILE A 114 -7.21 9.22 12.82
CA ILE A 114 -7.98 10.42 13.07
C ILE A 114 -7.27 11.66 12.52
N THR A 115 -8.02 12.49 11.81
CA THR A 115 -7.46 13.70 11.22
C THR A 115 -6.81 14.58 12.29
N VAL A 116 -5.53 14.88 12.10
CA VAL A 116 -4.79 15.70 13.05
C VAL A 116 -3.85 16.66 12.33
N ILE A 117 -3.80 17.90 12.81
CA ILE A 117 -2.94 18.91 12.21
C ILE A 117 -1.47 18.48 12.25
N PRO A 118 -0.68 18.95 11.26
CA PRO A 118 0.74 18.62 11.17
C PRO A 118 1.56 19.30 12.26
N SER A 119 1.71 18.62 13.39
CA SER A 119 2.45 19.15 14.52
C SER A 119 3.77 19.79 14.04
N GLY A 120 4.56 19.01 13.30
CA GLY A 120 5.82 19.52 12.80
C GLY A 120 6.97 18.56 13.06
N PHE A 121 7.45 18.54 14.30
CA PHE A 121 8.56 17.67 14.67
C PHE A 121 8.51 17.34 16.16
N SER A 122 9.25 16.31 16.56
CA SER A 122 9.29 15.89 17.95
C SER A 122 10.46 14.94 18.21
N GLY A 123 10.75 14.69 19.48
CA GLY A 123 11.84 13.80 19.83
C GLY A 123 13.11 14.54 20.18
N PRO A 124 13.21 14.99 21.44
CA PRO A 124 14.37 15.72 21.94
C PRO A 124 15.62 14.84 22.04
N SER A 125 16.79 15.48 22.04
CA SER A 125 18.05 14.74 22.13
C SER A 125 18.45 14.54 23.59
N SER A 126 19.22 13.49 23.83
CA SER A 126 19.68 13.16 25.18
C SER A 126 20.74 14.15 25.64
N GLY A 127 21.18 14.00 26.90
CA GLY A 127 22.20 14.88 27.44
C GLY A 127 23.60 14.35 27.20
N GLY A 1 4.37 14.20 -18.11
CA GLY A 1 3.38 15.10 -18.67
C GLY A 1 2.22 15.33 -17.73
N SER A 2 1.31 16.22 -18.12
CA SER A 2 0.15 16.54 -17.29
C SER A 2 -0.98 17.13 -18.15
N SER A 3 -2.16 16.52 -18.06
CA SER A 3 -3.31 16.99 -18.82
C SER A 3 -4.09 18.06 -18.05
N GLY A 4 -4.52 17.71 -16.84
CA GLY A 4 -5.26 18.64 -16.03
C GLY A 4 -6.61 18.10 -15.60
N SER A 5 -6.75 17.80 -14.32
CA SER A 5 -8.00 17.26 -13.80
C SER A 5 -8.38 17.95 -12.49
N SER A 6 -9.42 18.77 -12.54
CA SER A 6 -9.90 19.50 -11.37
C SER A 6 -11.39 19.31 -11.17
N GLY A 7 -11.75 18.48 -10.19
CA GLY A 7 -13.16 18.23 -9.91
C GLY A 7 -13.36 16.93 -9.16
N PRO A 8 -14.37 16.91 -8.28
CA PRO A 8 -14.70 15.72 -7.47
C PRO A 8 -15.29 14.60 -8.31
N TYR A 9 -14.57 13.50 -8.42
CA TYR A 9 -15.02 12.36 -9.20
C TYR A 9 -15.18 11.13 -8.31
N ASN A 10 -15.77 10.07 -8.87
CA ASN A 10 -15.97 8.83 -8.13
C ASN A 10 -14.66 8.32 -7.55
N LYS A 11 -13.64 8.23 -8.39
CA LYS A 11 -12.33 7.76 -7.96
C LYS A 11 -12.03 8.22 -6.53
N ASN A 12 -11.36 7.36 -5.77
CA ASN A 12 -11.01 7.68 -4.39
C ASN A 12 -9.87 8.70 -4.33
N GLY A 13 -8.85 8.48 -5.15
CA GLY A 13 -7.71 9.38 -5.18
C GLY A 13 -6.44 8.70 -5.66
N PHE A 14 -6.41 7.38 -5.54
CA PHE A 14 -5.24 6.61 -5.95
C PHE A 14 -4.92 6.86 -7.43
N LYS A 15 -3.71 6.47 -7.83
CA LYS A 15 -3.28 6.65 -9.22
C LYS A 15 -2.36 5.53 -9.66
N VAL A 16 -2.49 5.12 -10.91
CA VAL A 16 -1.65 4.04 -11.45
C VAL A 16 -0.17 4.34 -11.26
N GLY A 17 0.57 3.37 -10.74
CA GLY A 17 1.99 3.55 -10.53
C GLY A 17 2.34 3.57 -9.05
N MET A 18 1.58 4.31 -8.27
CA MET A 18 1.82 4.42 -6.83
C MET A 18 1.84 3.03 -6.18
N LYS A 19 2.94 2.70 -5.52
CA LYS A 19 3.07 1.41 -4.86
C LYS A 19 2.50 1.46 -3.45
N LEU A 20 2.08 0.31 -2.95
CA LEU A 20 1.51 0.22 -1.61
C LEU A 20 1.54 -1.21 -1.09
N GLU A 21 0.97 -1.42 0.09
CA GLU A 21 0.94 -2.76 0.70
C GLU A 21 -0.48 -3.12 1.12
N GLY A 22 -0.85 -4.37 0.88
CA GLY A 22 -2.18 -4.82 1.24
C GLY A 22 -2.23 -6.32 1.53
N VAL A 23 -3.41 -6.81 1.87
CA VAL A 23 -3.59 -8.24 2.16
C VAL A 23 -4.13 -8.99 0.96
N ASP A 24 -3.61 -10.18 0.73
CA ASP A 24 -4.05 -11.01 -0.39
C ASP A 24 -5.36 -11.72 -0.07
N PRO A 25 -6.27 -11.73 -1.05
CA PRO A 25 -7.59 -12.37 -0.90
C PRO A 25 -7.49 -13.89 -0.82
N GLU A 26 -6.27 -14.41 -0.86
CA GLU A 26 -6.03 -15.84 -0.79
C GLU A 26 -5.44 -16.24 0.56
N HIS A 27 -5.11 -15.24 1.36
CA HIS A 27 -4.53 -15.47 2.68
C HIS A 27 -4.59 -14.22 3.54
N GLN A 28 -5.47 -14.23 4.54
CA GLN A 28 -5.63 -13.09 5.42
C GLN A 28 -4.38 -12.89 6.27
N SER A 29 -4.15 -11.64 6.69
CA SER A 29 -2.98 -11.31 7.51
C SER A 29 -1.70 -11.53 6.72
N VAL A 30 -1.72 -11.16 5.45
CA VAL A 30 -0.54 -11.31 4.59
C VAL A 30 -0.25 -10.01 3.83
N TYR A 31 0.60 -9.17 4.42
CA TYR A 31 0.96 -7.91 3.81
C TYR A 31 2.02 -8.11 2.73
N CYS A 32 1.61 -7.97 1.47
CA CYS A 32 2.52 -8.14 0.34
C CYS A 32 2.64 -6.84 -0.45
N VAL A 33 3.83 -6.61 -1.02
CA VAL A 33 4.08 -5.41 -1.81
C VAL A 33 3.25 -5.41 -3.08
N LEU A 34 2.28 -4.50 -3.16
CA LEU A 34 1.43 -4.40 -4.33
C LEU A 34 1.62 -3.06 -5.03
N THR A 35 1.16 -2.97 -6.28
CA THR A 35 1.28 -1.75 -7.06
C THR A 35 0.00 -1.46 -7.82
N VAL A 36 -0.41 -0.19 -7.83
CA VAL A 36 -1.62 0.22 -8.53
C VAL A 36 -1.43 0.16 -10.04
N ALA A 37 -2.28 -0.62 -10.70
CA ALA A 37 -2.21 -0.78 -12.15
C ALA A 37 -3.41 -0.12 -12.82
N GLU A 38 -4.51 0.00 -12.08
CA GLU A 38 -5.73 0.61 -12.62
C GLU A 38 -6.60 1.14 -11.49
N VAL A 39 -7.49 2.07 -11.83
CA VAL A 39 -8.39 2.67 -10.85
C VAL A 39 -9.73 3.02 -11.48
N CYS A 40 -10.81 2.42 -10.97
CA CYS A 40 -12.14 2.68 -11.48
C CYS A 40 -13.20 1.97 -10.63
N GLY A 41 -14.46 2.26 -10.89
CA GLY A 41 -15.54 1.64 -10.14
C GLY A 41 -15.27 1.61 -8.65
N TYR A 42 -15.15 2.80 -8.06
CA TYR A 42 -14.89 2.91 -6.62
C TYR A 42 -14.00 1.77 -6.14
N ARG A 43 -13.08 1.33 -7.01
CA ARG A 43 -12.18 0.25 -6.67
C ARG A 43 -10.83 0.44 -7.35
N ILE A 44 -9.76 0.00 -6.69
CA ILE A 44 -8.42 0.13 -7.23
C ILE A 44 -7.81 -1.25 -7.51
N LYS A 45 -7.13 -1.36 -8.64
CA LYS A 45 -6.49 -2.61 -9.04
C LYS A 45 -5.27 -2.89 -8.17
N LEU A 46 -5.16 -4.13 -7.70
CA LEU A 46 -4.02 -4.53 -6.87
C LEU A 46 -3.17 -5.57 -7.58
N HIS A 47 -2.02 -5.14 -8.09
CA HIS A 47 -1.10 -6.03 -8.78
C HIS A 47 -0.06 -6.60 -7.82
N PHE A 48 0.29 -7.87 -8.03
CA PHE A 48 1.27 -8.54 -7.18
C PHE A 48 2.67 -8.43 -7.77
N ASP A 49 3.61 -7.95 -6.97
CA ASP A 49 4.99 -7.80 -7.42
C ASP A 49 5.58 -9.13 -7.84
N GLY A 50 6.06 -9.21 -9.08
CA GLY A 50 6.64 -10.44 -9.57
C GLY A 50 5.61 -11.37 -10.18
N TYR A 51 4.49 -11.53 -9.48
CA TYR A 51 3.43 -12.40 -9.96
C TYR A 51 2.95 -11.98 -11.35
N SER A 52 2.03 -12.76 -11.91
CA SER A 52 1.50 -12.47 -13.24
C SER A 52 0.23 -11.62 -13.13
N ASP A 53 0.08 -10.69 -14.07
CA ASP A 53 -1.08 -9.81 -14.09
C ASP A 53 -2.37 -10.61 -13.89
N CYS A 54 -2.49 -11.73 -14.60
CA CYS A 54 -3.67 -12.59 -14.49
C CYS A 54 -4.11 -12.72 -13.04
N TYR A 55 -3.16 -12.65 -12.12
CA TYR A 55 -3.45 -12.77 -10.70
C TYR A 55 -3.75 -11.41 -10.09
N ASP A 56 -4.36 -10.53 -10.87
CA ASP A 56 -4.70 -9.19 -10.41
C ASP A 56 -6.08 -9.18 -9.76
N PHE A 57 -6.16 -8.55 -8.59
CA PHE A 57 -7.42 -8.47 -7.85
C PHE A 57 -7.73 -7.02 -7.49
N TRP A 58 -9.02 -6.73 -7.30
CA TRP A 58 -9.45 -5.38 -6.95
C TRP A 58 -9.97 -5.34 -5.52
N VAL A 59 -9.56 -4.33 -4.77
CA VAL A 59 -9.98 -4.17 -3.38
C VAL A 59 -10.76 -2.88 -3.19
N ASN A 60 -11.25 -2.66 -1.97
CA ASN A 60 -12.01 -1.46 -1.66
C ASN A 60 -11.10 -0.24 -1.57
N ALA A 61 -11.41 0.79 -2.34
CA ALA A 61 -10.62 2.02 -2.34
C ALA A 61 -10.31 2.46 -0.92
N ASP A 62 -11.24 2.23 -0.01
CA ASP A 62 -11.07 2.61 1.39
C ASP A 62 -10.93 1.38 2.27
N ALA A 63 -10.21 0.37 1.78
CA ALA A 63 -10.00 -0.86 2.52
C ALA A 63 -8.97 -0.66 3.64
N LEU A 64 -9.13 -1.43 4.71
CA LEU A 64 -8.20 -1.34 5.85
C LEU A 64 -6.95 -2.18 5.60
N ASP A 65 -7.14 -3.32 4.94
CA ASP A 65 -6.03 -4.21 4.63
C ASP A 65 -4.89 -3.46 3.98
N ILE A 66 -5.22 -2.63 2.99
CA ILE A 66 -4.21 -1.85 2.28
C ILE A 66 -3.59 -0.80 3.19
N HIS A 67 -2.39 -0.35 2.83
CA HIS A 67 -1.68 0.66 3.61
C HIS A 67 -0.54 1.28 2.80
N PRO A 68 -0.16 2.51 3.17
CA PRO A 68 0.92 3.23 2.49
C PRO A 68 2.29 2.61 2.76
N VAL A 69 3.13 2.57 1.73
CA VAL A 69 4.47 2.01 1.86
C VAL A 69 5.06 2.31 3.24
N GLY A 70 5.89 1.39 3.73
CA GLY A 70 6.51 1.57 5.03
C GLY A 70 5.50 1.53 6.16
N TRP A 71 4.45 0.74 5.98
CA TRP A 71 3.41 0.61 7.00
C TRP A 71 3.78 -0.46 8.02
N CYS A 72 4.21 -1.62 7.54
CA CYS A 72 4.60 -2.72 8.41
C CYS A 72 5.55 -2.25 9.50
N GLU A 73 6.50 -1.39 9.12
CA GLU A 73 7.47 -0.86 10.06
C GLU A 73 6.85 0.20 10.95
N LYS A 74 5.99 1.02 10.37
CA LYS A 74 5.32 2.09 11.11
C LYS A 74 4.48 1.52 12.25
N THR A 75 3.78 0.42 11.97
CA THR A 75 2.94 -0.23 12.97
C THR A 75 3.72 -1.29 13.73
N GLY A 76 4.13 -2.34 13.03
CA GLY A 76 4.87 -3.41 13.67
C GLY A 76 4.45 -4.78 13.18
N HIS A 77 4.62 -5.02 11.88
CA HIS A 77 4.26 -6.31 11.28
C HIS A 77 5.35 -6.79 10.34
N LYS A 78 5.27 -8.06 9.96
CA LYS A 78 6.25 -8.66 9.06
C LYS A 78 5.76 -8.61 7.61
N LEU A 79 6.46 -7.83 6.79
CA LEU A 79 6.08 -7.69 5.38
C LEU A 79 6.57 -8.90 4.58
N HIS A 80 5.65 -9.48 3.80
CA HIS A 80 5.98 -10.64 2.98
C HIS A 80 6.47 -10.21 1.60
N PRO A 81 7.75 -10.50 1.31
CA PRO A 81 8.36 -10.15 0.02
C PRO A 81 7.81 -10.98 -1.13
N PRO A 82 8.02 -10.50 -2.37
CA PRO A 82 7.55 -11.18 -3.58
C PRO A 82 8.31 -12.47 -3.85
N LYS A 83 8.17 -12.99 -5.06
CA LYS A 83 8.84 -14.22 -5.45
C LYS A 83 10.35 -14.02 -5.52
N GLY A 84 11.09 -14.90 -4.86
CA GLY A 84 12.54 -14.80 -4.86
C GLY A 84 13.03 -13.51 -4.23
N TYR A 85 12.42 -13.13 -3.11
CA TYR A 85 12.80 -11.91 -2.41
C TYR A 85 12.72 -12.09 -0.90
N LYS A 86 13.55 -11.36 -0.17
CA LYS A 86 13.56 -11.44 1.28
C LYS A 86 13.31 -10.08 1.91
N GLU A 87 12.99 -10.06 3.21
CA GLU A 87 12.73 -8.82 3.92
C GLU A 87 14.02 -8.03 4.12
N GLU A 88 15.08 -8.73 4.52
CA GLU A 88 16.37 -8.10 4.75
C GLU A 88 16.94 -7.53 3.46
N GLU A 89 16.81 -8.30 2.38
CA GLU A 89 17.31 -7.87 1.07
C GLU A 89 16.42 -6.80 0.46
N PHE A 90 15.12 -7.08 0.40
CA PHE A 90 14.16 -6.14 -0.16
C PHE A 90 14.08 -4.87 0.69
N ASN A 91 14.52 -3.76 0.11
CA ASN A 91 14.50 -2.48 0.80
C ASN A 91 13.68 -1.44 0.03
N TRP A 92 12.47 -1.17 0.51
CA TRP A 92 11.60 -0.21 -0.14
C TRP A 92 12.40 0.93 -0.75
N GLN A 93 12.96 1.77 0.12
CA GLN A 93 13.76 2.91 -0.33
C GLN A 93 14.61 2.54 -1.55
N THR A 94 15.30 1.41 -1.44
CA THR A 94 16.15 0.94 -2.53
C THR A 94 15.33 0.62 -3.77
N TYR A 95 14.13 0.10 -3.57
CA TYR A 95 13.25 -0.24 -4.68
C TYR A 95 12.56 1.00 -5.24
N LEU A 96 12.47 2.03 -4.41
CA LEU A 96 11.83 3.28 -4.82
C LEU A 96 12.84 4.23 -5.45
N LYS A 97 14.12 3.97 -5.20
CA LYS A 97 15.19 4.80 -5.75
C LYS A 97 15.66 4.25 -7.09
N THR A 98 15.66 2.93 -7.21
CA THR A 98 16.10 2.27 -8.44
C THR A 98 15.13 2.55 -9.59
N CYS A 99 13.84 2.62 -9.25
CA CYS A 99 12.81 2.87 -10.25
C CYS A 99 12.46 4.36 -10.30
N LYS A 100 12.88 5.10 -9.29
CA LYS A 100 12.62 6.53 -9.22
C LYS A 100 11.12 6.80 -9.13
N ALA A 101 10.45 6.07 -8.24
CA ALA A 101 9.01 6.24 -8.05
C ALA A 101 8.70 6.82 -6.68
N GLN A 102 7.45 7.25 -6.49
CA GLN A 102 7.03 7.84 -5.23
C GLN A 102 6.02 6.94 -4.51
N ALA A 103 6.24 6.74 -3.22
CA ALA A 103 5.35 5.90 -2.42
C ALA A 103 4.04 6.63 -2.11
N ALA A 104 2.93 5.93 -2.28
CA ALA A 104 1.61 6.51 -2.02
C ALA A 104 1.57 7.17 -0.64
N PRO A 105 0.84 8.28 -0.55
CA PRO A 105 0.70 9.04 0.70
C PRO A 105 -0.13 8.28 1.74
N LYS A 106 -0.14 8.81 2.96
CA LYS A 106 -0.89 8.19 4.05
C LYS A 106 -2.36 8.61 4.01
N SER A 107 -2.59 9.87 3.62
CA SER A 107 -3.95 10.40 3.55
C SER A 107 -4.89 9.41 2.86
N LEU A 108 -4.49 8.96 1.68
CA LEU A 108 -5.29 8.00 0.92
C LEU A 108 -5.96 6.99 1.85
N PHE A 109 -5.32 6.73 2.99
CA PHE A 109 -5.86 5.78 3.97
C PHE A 109 -6.30 6.51 5.23
N GLU A 110 -7.07 7.57 5.06
CA GLU A 110 -7.56 8.35 6.19
C GLU A 110 -8.68 7.61 6.92
N ASN A 111 -9.23 6.60 6.26
CA ASN A 111 -10.32 5.81 6.84
C ASN A 111 -9.78 4.54 7.48
N GLN A 112 -8.70 4.67 8.23
CA GLN A 112 -8.08 3.53 8.90
C GLN A 112 -8.28 3.61 10.41
N ASN A 113 -7.71 4.64 11.02
CA ASN A 113 -7.82 4.84 12.46
C ASN A 113 -8.70 6.05 12.79
N ILE A 114 -9.25 6.07 14.00
CA ILE A 114 -10.10 7.17 14.43
C ILE A 114 -9.29 8.45 14.62
N THR A 115 -9.93 9.58 14.32
CA THR A 115 -9.27 10.88 14.46
C THR A 115 -9.65 11.55 15.78
N VAL A 116 -8.66 11.75 16.64
CA VAL A 116 -8.88 12.39 17.94
C VAL A 116 -8.20 13.75 18.01
N ILE A 117 -8.92 14.73 18.52
CA ILE A 117 -8.40 16.09 18.65
C ILE A 117 -7.36 16.16 19.77
N PRO A 118 -6.32 16.97 19.56
CA PRO A 118 -5.25 17.16 20.53
C PRO A 118 -5.70 17.93 21.76
N SER A 119 -6.36 19.06 21.53
CA SER A 119 -6.87 19.89 22.63
C SER A 119 -7.53 19.04 23.70
N GLY A 120 -7.63 19.59 24.90
CA GLY A 120 -8.26 18.87 26.00
C GLY A 120 -7.96 19.49 27.35
N PHE A 121 -8.76 19.15 28.34
CA PHE A 121 -8.59 19.69 29.69
C PHE A 121 -7.74 18.76 30.54
N SER A 122 -6.64 19.28 31.06
CA SER A 122 -5.73 18.49 31.89
C SER A 122 -5.70 19.02 33.32
N GLY A 123 -5.04 18.28 34.20
CA GLY A 123 -4.94 18.70 35.59
C GLY A 123 -3.73 18.11 36.29
N PRO A 124 -3.15 18.88 37.21
CA PRO A 124 -1.96 18.45 37.96
C PRO A 124 -2.28 17.35 38.96
N SER A 125 -1.27 16.91 39.70
CA SER A 125 -1.45 15.85 40.70
C SER A 125 -0.85 16.26 42.04
N SER A 126 -1.10 15.44 43.05
CA SER A 126 -0.59 15.72 44.39
C SER A 126 0.94 15.74 44.41
N GLY A 127 1.51 16.28 45.48
CA GLY A 127 2.95 16.34 45.59
C GLY A 127 3.45 17.74 45.91
N GLY A 1 -4.75 14.66 -26.72
CA GLY A 1 -6.11 14.72 -26.24
C GLY A 1 -6.25 14.16 -24.83
N SER A 2 -7.24 14.64 -24.11
CA SER A 2 -7.48 14.20 -22.74
C SER A 2 -8.11 12.81 -22.71
N SER A 3 -7.51 11.91 -21.94
CA SER A 3 -8.01 10.54 -21.83
C SER A 3 -8.86 10.36 -20.59
N GLY A 4 -9.73 11.35 -20.32
CA GLY A 4 -10.59 11.28 -19.16
C GLY A 4 -10.30 12.38 -18.15
N SER A 5 -9.33 12.16 -17.29
CA SER A 5 -8.96 13.13 -16.27
C SER A 5 -10.19 13.83 -15.71
N SER A 6 -11.23 13.03 -15.45
CA SER A 6 -12.47 13.57 -14.90
C SER A 6 -12.23 14.26 -13.57
N GLY A 7 -11.68 13.51 -12.62
CA GLY A 7 -11.41 14.06 -11.29
C GLY A 7 -11.94 13.18 -10.19
N PRO A 8 -12.89 13.72 -9.40
CA PRO A 8 -13.50 13.00 -8.28
C PRO A 8 -14.40 11.87 -8.74
N TYR A 9 -14.60 11.77 -10.06
CA TYR A 9 -15.44 10.72 -10.63
C TYR A 9 -14.62 9.49 -10.97
N ASN A 10 -15.05 8.34 -10.48
CA ASN A 10 -14.37 7.08 -10.73
C ASN A 10 -12.90 7.18 -10.31
N LYS A 11 -12.67 7.66 -9.10
CA LYS A 11 -11.31 7.80 -8.57
C LYS A 11 -11.33 8.26 -7.12
N ASN A 12 -10.56 7.58 -6.27
CA ASN A 12 -10.50 7.92 -4.86
C ASN A 12 -9.12 8.44 -4.49
N GLY A 13 -8.46 9.10 -5.44
CA GLY A 13 -7.14 9.65 -5.20
C GLY A 13 -6.03 8.71 -5.63
N PHE A 14 -6.39 7.43 -5.82
CA PHE A 14 -5.42 6.43 -6.23
C PHE A 14 -4.97 6.66 -7.66
N LYS A 15 -3.66 6.60 -7.89
CA LYS A 15 -3.10 6.81 -9.22
C LYS A 15 -2.15 5.67 -9.59
N VAL A 16 -2.07 5.38 -10.89
CA VAL A 16 -1.20 4.32 -11.38
C VAL A 16 0.26 4.63 -11.09
N GLY A 17 0.98 3.63 -10.57
CA GLY A 17 2.39 3.82 -10.27
C GLY A 17 2.66 3.82 -8.77
N MET A 18 1.74 4.42 -8.02
CA MET A 18 1.88 4.50 -6.57
C MET A 18 1.85 3.11 -5.95
N LYS A 19 3.01 2.65 -5.48
CA LYS A 19 3.12 1.33 -4.86
C LYS A 19 2.55 1.35 -3.45
N LEU A 20 2.17 0.19 -2.95
CA LEU A 20 1.61 0.06 -1.60
C LEU A 20 1.60 -1.39 -1.14
N GLU A 21 1.19 -1.61 0.09
CA GLU A 21 1.13 -2.96 0.65
C GLU A 21 -0.31 -3.37 0.91
N GLY A 22 -0.68 -4.54 0.40
CA GLY A 22 -2.04 -5.04 0.59
C GLY A 22 -2.07 -6.43 1.18
N VAL A 23 -3.25 -6.84 1.67
CA VAL A 23 -3.40 -8.15 2.27
C VAL A 23 -3.89 -9.17 1.24
N ASP A 24 -3.40 -10.40 1.34
CA ASP A 24 -3.79 -11.46 0.43
C ASP A 24 -5.17 -12.02 0.80
N PRO A 25 -5.97 -12.32 -0.23
CA PRO A 25 -7.33 -12.86 -0.04
C PRO A 25 -7.31 -14.29 0.49
N GLU A 26 -6.11 -14.81 0.73
CA GLU A 26 -5.95 -16.17 1.24
C GLU A 26 -5.74 -16.16 2.75
N HIS A 27 -5.17 -15.07 3.25
CA HIS A 27 -4.90 -14.94 4.68
C HIS A 27 -4.91 -13.46 5.10
N GLN A 28 -5.71 -13.15 6.12
CA GLN A 28 -5.81 -11.78 6.61
C GLN A 28 -4.70 -11.48 7.60
N SER A 29 -3.59 -12.20 7.49
CA SER A 29 -2.46 -12.01 8.38
C SER A 29 -1.18 -11.71 7.59
N VAL A 30 -1.16 -12.12 6.33
CA VAL A 30 0.00 -11.90 5.47
C VAL A 30 -0.16 -10.60 4.68
N TYR A 31 0.92 -9.85 4.58
CA TYR A 31 0.91 -8.59 3.85
C TYR A 31 1.84 -8.65 2.64
N CYS A 32 1.27 -8.52 1.44
CA CYS A 32 2.05 -8.57 0.21
C CYS A 32 2.13 -7.18 -0.43
N VAL A 33 3.24 -6.92 -1.10
CA VAL A 33 3.45 -5.63 -1.76
C VAL A 33 2.76 -5.59 -3.12
N LEU A 34 1.87 -4.62 -3.30
CA LEU A 34 1.14 -4.47 -4.56
C LEU A 34 1.38 -3.09 -5.16
N THR A 35 1.03 -2.94 -6.44
CA THR A 35 1.20 -1.67 -7.13
C THR A 35 -0.04 -1.31 -7.92
N VAL A 36 -0.49 -0.06 -7.78
CA VAL A 36 -1.67 0.42 -8.48
C VAL A 36 -1.45 0.42 -9.98
N ALA A 37 -2.06 -0.53 -10.67
CA ALA A 37 -1.94 -0.63 -12.12
C ALA A 37 -3.12 0.03 -12.82
N GLU A 38 -4.29 -0.04 -12.20
CA GLU A 38 -5.49 0.56 -12.76
C GLU A 38 -6.40 1.10 -11.67
N VAL A 39 -7.11 2.19 -11.97
CA VAL A 39 -8.01 2.81 -11.02
C VAL A 39 -9.34 3.19 -11.67
N CYS A 40 -10.44 2.79 -11.04
CA CYS A 40 -11.76 3.08 -11.57
C CYS A 40 -12.82 2.98 -10.47
N GLY A 41 -13.94 3.66 -10.66
CA GLY A 41 -15.00 3.63 -9.68
C GLY A 41 -14.48 3.72 -8.25
N TYR A 42 -15.22 3.12 -7.32
CA TYR A 42 -14.83 3.14 -5.91
C TYR A 42 -13.92 1.95 -5.59
N ARG A 43 -13.13 1.54 -6.58
CA ARG A 43 -12.21 0.41 -6.40
C ARG A 43 -10.89 0.67 -7.11
N ILE A 44 -9.88 -0.12 -6.79
CA ILE A 44 -8.56 0.02 -7.40
C ILE A 44 -7.96 -1.33 -7.73
N LYS A 45 -7.30 -1.41 -8.89
CA LYS A 45 -6.67 -2.66 -9.33
C LYS A 45 -5.36 -2.89 -8.58
N LEU A 46 -5.15 -4.13 -8.13
CA LEU A 46 -3.93 -4.48 -7.42
C LEU A 46 -3.11 -5.50 -8.20
N HIS A 47 -1.84 -5.16 -8.44
CA HIS A 47 -0.95 -6.05 -9.18
C HIS A 47 0.15 -6.59 -8.27
N PHE A 48 0.38 -7.89 -8.35
CA PHE A 48 1.41 -8.54 -7.53
C PHE A 48 2.78 -8.43 -8.19
N ASP A 49 3.68 -7.70 -7.54
CA ASP A 49 5.03 -7.51 -8.06
C ASP A 49 5.76 -8.84 -8.17
N GLY A 50 6.01 -9.28 -9.38
CA GLY A 50 6.70 -10.53 -9.60
C GLY A 50 5.79 -11.62 -10.14
N TYR A 51 4.66 -11.82 -9.47
CA TYR A 51 3.71 -12.84 -9.87
C TYR A 51 3.04 -12.46 -11.19
N SER A 52 2.09 -13.29 -11.63
CA SER A 52 1.38 -13.05 -12.88
C SER A 52 0.20 -12.10 -12.66
N ASP A 53 0.08 -11.09 -13.51
CA ASP A 53 -1.00 -10.12 -13.41
C ASP A 53 -2.35 -10.84 -13.28
N CYS A 54 -2.50 -11.94 -13.99
CA CYS A 54 -3.73 -12.72 -13.96
C CYS A 54 -4.25 -12.85 -12.53
N TYR A 55 -3.33 -12.85 -11.57
CA TYR A 55 -3.70 -12.98 -10.17
C TYR A 55 -3.96 -11.61 -9.55
N ASP A 56 -4.43 -10.67 -10.36
CA ASP A 56 -4.73 -9.32 -9.90
C ASP A 56 -6.19 -9.20 -9.46
N PHE A 57 -6.42 -8.48 -8.37
CA PHE A 57 -7.77 -8.29 -7.86
C PHE A 57 -8.02 -6.82 -7.52
N TRP A 58 -9.29 -6.46 -7.34
CA TRP A 58 -9.67 -5.09 -7.01
C TRP A 58 -10.14 -4.99 -5.57
N VAL A 59 -9.53 -4.09 -4.81
CA VAL A 59 -9.90 -3.89 -3.41
C VAL A 59 -10.69 -2.60 -3.23
N ASN A 60 -11.18 -2.38 -2.01
CA ASN A 60 -11.95 -1.17 -1.71
C ASN A 60 -11.02 0.04 -1.59
N ALA A 61 -11.33 1.09 -2.34
CA ALA A 61 -10.52 2.30 -2.32
C ALA A 61 -10.16 2.68 -0.88
N ASP A 62 -11.06 2.40 0.04
CA ASP A 62 -10.82 2.72 1.46
C ASP A 62 -10.72 1.44 2.29
N ALA A 63 -10.04 0.44 1.74
CA ALA A 63 -9.87 -0.83 2.43
C ALA A 63 -8.98 -0.67 3.66
N LEU A 64 -9.29 -1.41 4.72
CA LEU A 64 -8.52 -1.36 5.95
C LEU A 64 -7.30 -2.28 5.87
N ASP A 65 -7.50 -3.47 5.32
CA ASP A 65 -6.41 -4.43 5.18
C ASP A 65 -5.20 -3.80 4.51
N ILE A 66 -5.45 -3.03 3.46
CA ILE A 66 -4.37 -2.37 2.73
C ILE A 66 -3.71 -1.28 3.59
N HIS A 67 -2.45 -0.97 3.27
CA HIS A 67 -1.72 0.04 4.01
C HIS A 67 -0.68 0.72 3.12
N PRO A 68 -0.34 1.97 3.46
CA PRO A 68 0.65 2.74 2.69
C PRO A 68 2.07 2.21 2.85
N VAL A 69 2.95 2.61 1.95
CA VAL A 69 4.34 2.16 1.99
C VAL A 69 5.00 2.54 3.31
N GLY A 70 5.87 1.66 3.81
CA GLY A 70 6.55 1.91 5.07
C GLY A 70 5.61 1.87 6.26
N TRP A 71 4.64 0.96 6.21
CA TRP A 71 3.67 0.81 7.29
C TRP A 71 4.14 -0.22 8.30
N CYS A 72 4.64 -1.35 7.80
CA CYS A 72 5.13 -2.41 8.67
C CYS A 72 6.15 -1.89 9.66
N GLU A 73 6.93 -0.90 9.23
CA GLU A 73 7.96 -0.32 10.08
C GLU A 73 7.38 0.80 10.95
N LYS A 74 6.32 1.43 10.45
CA LYS A 74 5.67 2.51 11.18
C LYS A 74 4.95 1.98 12.41
N THR A 75 4.20 0.89 12.24
CA THR A 75 3.46 0.28 13.33
C THR A 75 4.30 -0.76 14.05
N GLY A 76 4.80 -1.74 13.29
CA GLY A 76 5.62 -2.79 13.86
C GLY A 76 5.08 -4.17 13.55
N HIS A 77 5.07 -4.52 12.27
CA HIS A 77 4.58 -5.83 11.84
C HIS A 77 5.60 -6.51 10.94
N LYS A 78 5.26 -7.71 10.48
CA LYS A 78 6.15 -8.48 9.61
C LYS A 78 5.60 -8.53 8.18
N LEU A 79 6.32 -7.90 7.27
CA LEU A 79 5.91 -7.86 5.87
C LEU A 79 6.57 -8.99 5.08
N HIS A 80 5.82 -9.57 4.14
CA HIS A 80 6.34 -10.65 3.32
C HIS A 80 6.84 -10.13 1.97
N PRO A 81 8.07 -10.51 1.61
CA PRO A 81 8.69 -10.09 0.35
C PRO A 81 8.03 -10.73 -0.87
N PRO A 82 8.16 -10.08 -2.02
CA PRO A 82 7.58 -10.58 -3.28
C PRO A 82 8.29 -11.83 -3.79
N LYS A 83 7.81 -12.35 -4.91
CA LYS A 83 8.39 -13.55 -5.51
C LYS A 83 9.89 -13.38 -5.72
N GLY A 84 10.67 -14.34 -5.22
CA GLY A 84 12.11 -14.26 -5.37
C GLY A 84 12.72 -13.12 -4.59
N TYR A 85 12.22 -12.89 -3.38
CA TYR A 85 12.71 -11.81 -2.54
C TYR A 85 12.64 -12.19 -1.07
N LYS A 86 13.68 -11.81 -0.32
CA LYS A 86 13.73 -12.10 1.11
C LYS A 86 13.42 -10.86 1.94
N GLU A 87 12.81 -11.07 3.11
CA GLU A 87 12.47 -9.96 3.99
C GLU A 87 13.61 -8.96 4.07
N GLU A 88 14.79 -9.45 4.43
CA GLU A 88 15.97 -8.59 4.56
C GLU A 88 16.48 -8.18 3.19
N GLU A 89 16.23 -9.01 2.18
CA GLU A 89 16.67 -8.73 0.81
C GLU A 89 15.66 -7.86 0.08
N PHE A 90 14.91 -7.06 0.85
CA PHE A 90 13.90 -6.18 0.27
C PHE A 90 13.93 -4.81 0.94
N ASN A 91 14.29 -3.78 0.17
CA ASN A 91 14.37 -2.42 0.69
C ASN A 91 13.48 -1.49 -0.12
N TRP A 92 12.44 -0.97 0.51
CA TRP A 92 11.52 -0.06 -0.14
C TRP A 92 12.26 1.10 -0.80
N GLN A 93 12.81 1.99 0.02
CA GLN A 93 13.55 3.14 -0.48
C GLN A 93 14.45 2.74 -1.65
N THR A 94 15.21 1.67 -1.46
CA THR A 94 16.12 1.18 -2.50
C THR A 94 15.35 0.79 -3.75
N TYR A 95 14.16 0.24 -3.57
CA TYR A 95 13.33 -0.19 -4.69
C TYR A 95 12.57 1.00 -5.29
N LEU A 96 12.47 2.07 -4.51
CA LEU A 96 11.77 3.28 -4.97
C LEU A 96 12.75 4.25 -5.62
N LYS A 97 14.03 4.03 -5.38
CA LYS A 97 15.07 4.89 -5.96
C LYS A 97 15.54 4.35 -7.30
N THR A 98 15.56 3.03 -7.44
CA THR A 98 15.98 2.39 -8.68
C THR A 98 14.91 2.49 -9.75
N CYS A 99 13.65 2.49 -9.32
CA CYS A 99 12.52 2.59 -10.24
C CYS A 99 11.94 4.00 -10.24
N LYS A 100 12.72 4.96 -9.77
CA LYS A 100 12.28 6.35 -9.71
C LYS A 100 10.77 6.43 -9.49
N ALA A 101 10.25 5.54 -8.64
CA ALA A 101 8.83 5.52 -8.34
C ALA A 101 8.54 6.14 -6.97
N GLN A 102 7.36 6.74 -6.84
CA GLN A 102 6.97 7.37 -5.59
C GLN A 102 5.96 6.52 -4.84
N ALA A 103 6.08 6.50 -3.52
CA ALA A 103 5.16 5.72 -2.68
C ALA A 103 3.84 6.44 -2.50
N ALA A 104 2.76 5.67 -2.45
CA ALA A 104 1.42 6.22 -2.27
C ALA A 104 1.33 7.04 -0.98
N PRO A 105 0.57 8.14 -1.03
CA PRO A 105 0.38 9.02 0.12
C PRO A 105 -0.46 8.37 1.22
N LYS A 106 -0.16 8.72 2.46
CA LYS A 106 -0.88 8.17 3.61
C LYS A 106 -2.33 8.67 3.63
N SER A 107 -2.55 9.86 3.07
CA SER A 107 -3.88 10.45 3.02
C SER A 107 -4.89 9.45 2.47
N LEU A 108 -4.43 8.59 1.56
CA LEU A 108 -5.29 7.59 0.95
C LEU A 108 -5.84 6.63 1.99
N PHE A 109 -5.02 6.33 3.00
CA PHE A 109 -5.42 5.42 4.07
C PHE A 109 -5.71 6.19 5.36
N GLU A 110 -6.21 7.42 5.20
CA GLU A 110 -6.54 8.26 6.35
C GLU A 110 -7.99 8.09 6.75
N ASN A 111 -8.51 6.87 6.61
CA ASN A 111 -9.89 6.58 6.96
C ASN A 111 -9.99 5.95 8.33
N GLN A 112 -9.14 4.94 8.58
CA GLN A 112 -9.13 4.25 9.86
C GLN A 112 -8.81 5.22 11.00
N ASN A 113 -8.81 4.72 12.23
CA ASN A 113 -8.53 5.54 13.40
C ASN A 113 -7.04 5.90 13.46
N ILE A 114 -6.65 6.64 14.48
CA ILE A 114 -5.26 7.04 14.66
C ILE A 114 -4.37 5.84 14.96
N THR A 115 -3.25 5.76 14.26
CA THR A 115 -2.30 4.65 14.45
C THR A 115 -1.19 5.05 15.41
N VAL A 116 -1.33 4.68 16.67
CA VAL A 116 -0.33 4.99 17.69
C VAL A 116 0.74 3.91 17.75
N ILE A 117 1.99 4.33 17.97
CA ILE A 117 3.10 3.39 18.05
C ILE A 117 3.19 2.77 19.45
N PRO A 118 3.72 1.54 19.52
CA PRO A 118 3.88 0.82 20.78
C PRO A 118 4.96 1.44 21.68
N SER A 119 4.81 1.24 22.99
CA SER A 119 5.77 1.79 23.94
C SER A 119 6.03 0.79 25.07
N GLY A 120 7.31 0.58 25.39
CA GLY A 120 7.68 -0.34 26.44
C GLY A 120 9.17 -0.45 26.63
N PHE A 121 9.86 -1.02 25.65
CA PHE A 121 11.30 -1.17 25.71
C PHE A 121 11.85 -1.75 24.40
N SER A 122 12.53 -0.91 23.63
CA SER A 122 13.10 -1.34 22.36
C SER A 122 13.95 -2.59 22.53
N GLY A 123 14.44 -3.12 21.42
CA GLY A 123 15.26 -4.32 21.46
C GLY A 123 14.50 -5.53 21.96
N PRO A 124 13.79 -6.20 21.03
CA PRO A 124 13.00 -7.40 21.35
C PRO A 124 13.88 -8.60 21.69
N SER A 125 13.32 -9.53 22.47
CA SER A 125 14.06 -10.71 22.88
C SER A 125 13.59 -11.94 22.08
N SER A 126 14.33 -12.28 21.04
CA SER A 126 13.99 -13.42 20.20
C SER A 126 13.91 -14.70 21.03
N GLY A 127 14.88 -14.88 21.92
CA GLY A 127 14.90 -16.07 22.75
C GLY A 127 16.22 -16.82 22.66
N GLY A 1 -0.95 11.15 -15.42
CA GLY A 1 -1.57 11.75 -16.60
C GLY A 1 -3.07 11.56 -16.62
N SER A 2 -3.78 12.52 -17.20
CA SER A 2 -5.24 12.47 -17.27
C SER A 2 -5.72 12.85 -18.66
N SER A 3 -6.28 11.88 -19.38
CA SER A 3 -6.78 12.12 -20.73
C SER A 3 -8.30 12.03 -20.76
N GLY A 4 -8.96 13.18 -20.69
CA GLY A 4 -10.41 13.21 -20.71
C GLY A 4 -11.01 13.64 -19.38
N SER A 5 -12.27 14.03 -19.41
CA SER A 5 -12.96 14.48 -18.20
C SER A 5 -12.67 13.53 -17.04
N SER A 6 -12.34 14.10 -15.89
CA SER A 6 -12.04 13.31 -14.70
C SER A 6 -12.68 13.93 -13.46
N GLY A 7 -13.45 13.13 -12.75
CA GLY A 7 -14.12 13.61 -11.54
C GLY A 7 -13.98 12.64 -10.38
N PRO A 8 -13.87 13.19 -9.16
CA PRO A 8 -13.73 12.39 -7.94
C PRO A 8 -15.01 11.64 -7.59
N TYR A 9 -16.10 12.00 -8.27
CA TYR A 9 -17.39 11.36 -8.03
C TYR A 9 -17.22 9.87 -7.72
N ASN A 10 -16.56 9.16 -8.63
CA ASN A 10 -16.34 7.73 -8.45
C ASN A 10 -14.92 7.46 -7.93
N LYS A 11 -13.92 7.93 -8.69
CA LYS A 11 -12.53 7.74 -8.31
C LYS A 11 -12.31 8.13 -6.85
N ASN A 12 -11.70 7.24 -6.09
CA ASN A 12 -11.43 7.48 -4.68
C ASN A 12 -10.24 8.44 -4.51
N GLY A 13 -9.26 8.32 -5.40
CA GLY A 13 -8.09 9.17 -5.34
C GLY A 13 -6.83 8.45 -5.75
N PHE A 14 -6.83 7.13 -5.62
CA PHE A 14 -5.67 6.32 -5.97
C PHE A 14 -5.23 6.61 -7.42
N LYS A 15 -3.99 6.26 -7.72
CA LYS A 15 -3.45 6.46 -9.06
C LYS A 15 -2.53 5.31 -9.47
N VAL A 16 -2.26 5.21 -10.76
CA VAL A 16 -1.40 4.15 -11.28
C VAL A 16 0.07 4.54 -11.18
N GLY A 17 0.85 3.71 -10.50
CA GLY A 17 2.27 3.99 -10.34
C GLY A 17 2.70 3.95 -8.89
N MET A 18 1.80 4.29 -7.99
CA MET A 18 2.09 4.31 -6.57
C MET A 18 2.06 2.90 -5.99
N LYS A 19 3.01 2.61 -5.10
CA LYS A 19 3.10 1.29 -4.48
C LYS A 19 2.49 1.32 -3.08
N LEU A 20 2.15 0.14 -2.57
CA LEU A 20 1.56 0.02 -1.23
C LEU A 20 1.60 -1.42 -0.74
N GLU A 21 1.03 -1.67 0.43
CA GLU A 21 1.01 -3.00 1.02
C GLU A 21 -0.42 -3.45 1.27
N GLY A 22 -0.81 -4.57 0.66
CA GLY A 22 -2.15 -5.09 0.83
C GLY A 22 -2.16 -6.52 1.32
N VAL A 23 -3.34 -7.01 1.71
CA VAL A 23 -3.48 -8.37 2.20
C VAL A 23 -3.74 -9.35 1.06
N ASP A 24 -3.34 -10.60 1.25
CA ASP A 24 -3.53 -11.63 0.23
C ASP A 24 -4.83 -12.38 0.47
N PRO A 25 -5.48 -12.82 -0.63
CA PRO A 25 -6.74 -13.55 -0.58
C PRO A 25 -6.57 -14.96 -0.01
N GLU A 26 -5.32 -15.36 0.20
CA GLU A 26 -5.01 -16.67 0.74
C GLU A 26 -4.70 -16.59 2.22
N HIS A 27 -4.26 -15.42 2.68
CA HIS A 27 -3.92 -15.22 4.07
C HIS A 27 -4.23 -13.78 4.50
N GLN A 28 -5.03 -13.64 5.56
CA GLN A 28 -5.40 -12.33 6.06
C GLN A 28 -4.31 -11.77 6.96
N SER A 29 -3.22 -12.51 7.10
CA SER A 29 -2.11 -12.09 7.94
C SER A 29 -0.81 -12.01 7.13
N VAL A 30 -0.95 -11.73 5.84
CA VAL A 30 0.21 -11.63 4.96
C VAL A 30 0.16 -10.34 4.13
N TYR A 31 1.00 -9.38 4.50
CA TYR A 31 1.06 -8.11 3.80
C TYR A 31 2.11 -8.13 2.70
N CYS A 32 1.65 -8.10 1.45
CA CYS A 32 2.54 -8.11 0.31
C CYS A 32 2.56 -6.76 -0.40
N VAL A 33 3.63 -6.50 -1.15
CA VAL A 33 3.77 -5.25 -1.87
C VAL A 33 2.95 -5.25 -3.16
N LEU A 34 1.98 -4.35 -3.24
CA LEU A 34 1.13 -4.24 -4.42
C LEU A 34 1.25 -2.87 -5.07
N THR A 35 1.06 -2.83 -6.38
CA THR A 35 1.15 -1.58 -7.13
C THR A 35 -0.15 -1.28 -7.86
N VAL A 36 -0.53 -0.01 -7.91
CA VAL A 36 -1.76 0.41 -8.57
C VAL A 36 -1.67 0.13 -10.07
N ALA A 37 -2.41 -0.86 -10.53
CA ALA A 37 -2.42 -1.23 -11.95
C ALA A 37 -3.52 -0.47 -12.70
N GLU A 38 -4.65 -0.26 -12.03
CA GLU A 38 -5.77 0.45 -12.65
C GLU A 38 -6.69 1.02 -11.57
N VAL A 39 -7.58 1.93 -11.98
CA VAL A 39 -8.52 2.55 -11.06
C VAL A 39 -9.84 2.85 -11.74
N CYS A 40 -10.93 2.41 -11.13
CA CYS A 40 -12.26 2.63 -11.69
C CYS A 40 -13.33 2.50 -10.61
N GLY A 41 -14.44 3.21 -10.78
CA GLY A 41 -15.52 3.16 -9.82
C GLY A 41 -15.03 3.28 -8.40
N TYR A 42 -15.72 2.63 -7.47
CA TYR A 42 -15.36 2.66 -6.06
C TYR A 42 -14.41 1.52 -5.71
N ARG A 43 -13.50 1.21 -6.64
CA ARG A 43 -12.55 0.13 -6.44
C ARG A 43 -11.25 0.41 -7.21
N ILE A 44 -10.17 -0.24 -6.78
CA ILE A 44 -8.88 -0.07 -7.44
C ILE A 44 -8.24 -1.42 -7.76
N LYS A 45 -7.57 -1.49 -8.91
CA LYS A 45 -6.91 -2.72 -9.33
C LYS A 45 -5.56 -2.88 -8.65
N LEU A 46 -5.33 -4.04 -8.06
CA LEU A 46 -4.07 -4.32 -7.38
C LEU A 46 -3.26 -5.37 -8.13
N HIS A 47 -1.97 -5.10 -8.30
CA HIS A 47 -1.09 -6.03 -9.00
C HIS A 47 0.01 -6.55 -8.07
N PHE A 48 0.50 -7.75 -8.36
CA PHE A 48 1.55 -8.35 -7.54
C PHE A 48 2.91 -8.25 -8.23
N ASP A 49 3.77 -7.39 -7.71
CA ASP A 49 5.10 -7.19 -8.27
C ASP A 49 5.75 -8.53 -8.61
N GLY A 50 6.00 -8.75 -9.89
CA GLY A 50 6.62 -9.99 -10.32
C GLY A 50 5.61 -10.99 -10.84
N TYR A 51 4.65 -11.35 -10.00
CA TYR A 51 3.62 -12.31 -10.39
C TYR A 51 2.95 -11.90 -11.70
N SER A 52 2.05 -12.74 -12.18
CA SER A 52 1.34 -12.47 -13.43
C SER A 52 0.09 -11.62 -13.16
N ASP A 53 -0.38 -10.95 -14.21
CA ASP A 53 -1.56 -10.10 -14.10
C ASP A 53 -2.79 -10.93 -13.71
N CYS A 54 -2.89 -12.13 -14.28
CA CYS A 54 -4.02 -13.01 -13.99
C CYS A 54 -4.29 -13.07 -12.50
N TYR A 55 -3.26 -12.82 -11.70
CA TYR A 55 -3.38 -12.85 -10.25
C TYR A 55 -3.67 -11.46 -9.70
N ASP A 56 -4.36 -10.65 -10.48
CA ASP A 56 -4.70 -9.29 -10.07
C ASP A 56 -6.16 -9.21 -9.60
N PHE A 57 -6.37 -8.57 -8.46
CA PHE A 57 -7.71 -8.42 -7.90
C PHE A 57 -8.00 -6.97 -7.55
N TRP A 58 -9.27 -6.67 -7.29
CA TRP A 58 -9.68 -5.31 -6.93
C TRP A 58 -10.16 -5.24 -5.50
N VAL A 59 -9.65 -4.28 -4.74
CA VAL A 59 -10.04 -4.11 -3.35
C VAL A 59 -10.85 -2.84 -3.16
N ASN A 60 -11.38 -2.66 -1.95
CA ASN A 60 -12.19 -1.48 -1.64
C ASN A 60 -11.31 -0.24 -1.51
N ALA A 61 -11.64 0.79 -2.29
CA ALA A 61 -10.89 2.03 -2.27
C ALA A 61 -10.63 2.50 -0.84
N ASP A 62 -11.56 2.16 0.06
CA ASP A 62 -11.44 2.55 1.46
C ASP A 62 -11.24 1.32 2.34
N ALA A 63 -10.48 0.35 1.83
CA ALA A 63 -10.21 -0.88 2.58
C ALA A 63 -9.26 -0.61 3.74
N LEU A 64 -9.40 -1.41 4.80
CA LEU A 64 -8.56 -1.26 5.98
C LEU A 64 -7.31 -2.13 5.88
N ASP A 65 -7.44 -3.25 5.16
CA ASP A 65 -6.33 -4.17 4.98
C ASP A 65 -5.15 -3.48 4.31
N ILE A 66 -5.45 -2.68 3.28
CA ILE A 66 -4.41 -1.97 2.54
C ILE A 66 -3.74 -0.92 3.43
N HIS A 67 -2.45 -0.69 3.21
CA HIS A 67 -1.70 0.28 3.98
C HIS A 67 -0.63 0.95 3.12
N PRO A 68 -0.29 2.20 3.47
CA PRO A 68 0.72 2.97 2.73
C PRO A 68 2.13 2.43 2.94
N VAL A 69 2.97 2.59 1.92
CA VAL A 69 4.35 2.11 1.99
C VAL A 69 5.00 2.50 3.31
N GLY A 70 5.91 1.66 3.79
CA GLY A 70 6.58 1.94 5.04
C GLY A 70 5.71 1.67 6.25
N TRP A 71 4.87 0.65 6.16
CA TRP A 71 3.96 0.31 7.25
C TRP A 71 4.62 -0.70 8.19
N CYS A 72 5.26 -1.71 7.62
CA CYS A 72 5.93 -2.74 8.42
C CYS A 72 6.90 -2.11 9.41
N GLU A 73 7.66 -1.11 8.95
CA GLU A 73 8.62 -0.43 9.79
C GLU A 73 7.92 0.50 10.79
N LYS A 74 6.85 1.14 10.33
CA LYS A 74 6.09 2.05 11.18
C LYS A 74 5.51 1.32 12.39
N THR A 75 4.72 0.28 12.12
CA THR A 75 4.10 -0.51 13.18
C THR A 75 5.08 -1.52 13.75
N GLY A 76 5.82 -2.19 12.87
CA GLY A 76 6.79 -3.18 13.31
C GLY A 76 6.38 -4.58 12.95
N HIS A 77 6.00 -4.79 11.69
CA HIS A 77 5.58 -6.10 11.22
C HIS A 77 6.54 -6.63 10.16
N LYS A 78 6.20 -7.79 9.59
CA LYS A 78 7.03 -8.40 8.56
C LYS A 78 6.38 -8.30 7.19
N LEU A 79 7.14 -7.85 6.20
CA LEU A 79 6.62 -7.69 4.84
C LEU A 79 7.04 -8.88 3.97
N HIS A 80 6.08 -9.43 3.25
CA HIS A 80 6.34 -10.57 2.37
C HIS A 80 6.83 -10.09 1.01
N PRO A 81 8.08 -10.45 0.67
CA PRO A 81 8.70 -10.08 -0.61
C PRO A 81 8.07 -10.81 -1.79
N PRO A 82 8.23 -10.23 -2.99
CA PRO A 82 7.69 -10.82 -4.23
C PRO A 82 8.41 -12.09 -4.63
N LYS A 83 8.22 -12.50 -5.88
CA LYS A 83 8.85 -13.71 -6.39
C LYS A 83 10.36 -13.57 -6.42
N GLY A 84 11.07 -14.52 -5.83
CA GLY A 84 12.52 -14.47 -5.81
C GLY A 84 13.06 -13.23 -5.12
N TYR A 85 12.48 -12.90 -3.97
CA TYR A 85 12.89 -11.72 -3.22
C TYR A 85 12.80 -11.97 -1.72
N LYS A 86 13.77 -11.45 -0.98
CA LYS A 86 13.80 -11.61 0.47
C LYS A 86 13.56 -10.28 1.17
N GLU A 87 13.33 -10.34 2.48
CA GLU A 87 13.08 -9.14 3.27
C GLU A 87 14.37 -8.32 3.45
N GLU A 88 15.41 -8.99 3.97
CA GLU A 88 16.69 -8.33 4.20
C GLU A 88 17.27 -7.81 2.88
N GLU A 89 17.00 -8.54 1.80
CA GLU A 89 17.51 -8.16 0.48
C GLU A 89 16.64 -7.06 -0.13
N PHE A 90 15.33 -7.32 -0.18
CA PHE A 90 14.39 -6.36 -0.76
C PHE A 90 14.07 -5.26 0.24
N ASN A 91 14.32 -4.01 -0.15
CA ASN A 91 14.06 -2.86 0.70
C ASN A 91 13.25 -1.80 -0.04
N TRP A 92 12.21 -1.30 0.62
CA TRP A 92 11.35 -0.29 0.03
C TRP A 92 12.18 0.85 -0.55
N GLN A 93 12.83 1.61 0.33
CA GLN A 93 13.66 2.73 -0.10
C GLN A 93 14.59 2.32 -1.23
N THR A 94 15.20 1.14 -1.09
CA THR A 94 16.13 0.62 -2.08
C THR A 94 15.43 0.41 -3.42
N TYR A 95 14.18 -0.05 -3.36
CA TYR A 95 13.40 -0.31 -4.57
C TYR A 95 12.82 0.99 -5.12
N LEU A 96 12.64 1.97 -4.25
CA LEU A 96 12.10 3.26 -4.66
C LEU A 96 13.20 4.18 -5.19
N LYS A 97 14.45 3.78 -4.97
CA LYS A 97 15.59 4.56 -5.43
C LYS A 97 16.08 4.05 -6.79
N THR A 98 15.97 2.74 -6.99
CA THR A 98 16.41 2.14 -8.24
C THR A 98 15.42 2.42 -9.37
N CYS A 99 14.14 2.55 -9.02
CA CYS A 99 13.10 2.82 -10.00
C CYS A 99 12.50 4.21 -9.77
N LYS A 100 13.25 5.07 -9.09
CA LYS A 100 12.78 6.42 -8.80
C LYS A 100 11.27 6.45 -8.62
N ALA A 101 10.74 5.42 -7.98
CA ALA A 101 9.30 5.33 -7.75
C ALA A 101 8.90 6.11 -6.50
N GLN A 102 7.65 6.53 -6.45
CA GLN A 102 7.14 7.30 -5.31
C GLN A 102 6.07 6.50 -4.56
N ALA A 103 6.18 6.49 -3.23
CA ALA A 103 5.21 5.77 -2.40
C ALA A 103 3.91 6.52 -2.30
N ALA A 104 2.80 5.79 -2.31
CA ALA A 104 1.47 6.39 -2.22
C ALA A 104 1.37 7.32 -1.01
N PRO A 105 0.65 8.44 -1.19
CA PRO A 105 0.46 9.42 -0.13
C PRO A 105 -0.43 8.91 1.00
N LYS A 106 0.08 8.96 2.22
CA LYS A 106 -0.66 8.49 3.39
C LYS A 106 -2.06 9.11 3.41
N SER A 107 -2.21 10.25 2.76
CA SER A 107 -3.49 10.95 2.72
C SER A 107 -4.59 10.03 2.19
N LEU A 108 -4.19 9.05 1.39
CA LEU A 108 -5.15 8.09 0.82
C LEU A 108 -5.71 7.18 1.90
N PHE A 109 -4.86 6.81 2.86
CA PHE A 109 -5.27 5.93 3.95
C PHE A 109 -5.57 6.75 5.21
N GLU A 110 -6.22 7.90 5.03
CA GLU A 110 -6.56 8.77 6.15
C GLU A 110 -7.69 8.17 6.97
N ASN A 111 -8.73 7.70 6.28
CA ASN A 111 -9.88 7.11 6.95
C ASN A 111 -9.45 6.34 8.20
N GLN A 112 -8.44 5.49 8.05
CA GLN A 112 -7.94 4.70 9.16
C GLN A 112 -7.49 5.59 10.31
N ASN A 113 -7.90 5.25 11.52
CA ASN A 113 -7.55 6.03 12.70
C ASN A 113 -6.04 6.30 12.74
N ILE A 114 -5.64 7.25 13.58
CA ILE A 114 -4.22 7.60 13.71
C ILE A 114 -3.41 6.43 14.24
N THR A 115 -2.32 6.11 13.56
CA THR A 115 -1.45 5.02 13.96
C THR A 115 -0.68 5.36 15.23
N VAL A 116 -0.65 4.42 16.17
CA VAL A 116 0.05 4.62 17.43
C VAL A 116 1.36 3.82 17.47
N ILE A 117 2.41 4.43 18.01
CA ILE A 117 3.70 3.77 18.10
C ILE A 117 3.72 2.77 19.25
N PRO A 118 4.47 1.67 19.06
CA PRO A 118 4.59 0.61 20.07
C PRO A 118 5.39 1.07 21.28
N SER A 119 4.73 1.08 22.44
CA SER A 119 5.39 1.50 23.68
C SER A 119 5.63 0.29 24.59
N GLY A 120 4.80 -0.73 24.44
CA GLY A 120 4.93 -1.92 25.27
C GLY A 120 5.72 -3.01 24.57
N PHE A 121 6.80 -2.63 23.90
CA PHE A 121 7.65 -3.59 23.19
C PHE A 121 8.62 -4.27 24.15
N SER A 122 8.57 -5.60 24.19
CA SER A 122 9.45 -6.36 25.06
C SER A 122 10.24 -7.40 24.26
N GLY A 123 11.56 -7.26 24.27
CA GLY A 123 12.41 -8.18 23.55
C GLY A 123 13.64 -8.59 24.34
N PRO A 124 14.71 -7.78 24.24
CA PRO A 124 15.96 -8.04 24.94
C PRO A 124 15.84 -7.84 26.45
N SER A 125 16.56 -8.64 27.22
CA SER A 125 16.54 -8.55 28.67
C SER A 125 17.93 -8.27 29.23
N SER A 126 18.90 -9.08 28.82
CA SER A 126 20.27 -8.92 29.28
C SER A 126 21.25 -9.62 28.35
N GLY A 127 22.06 -8.84 27.65
CA GLY A 127 23.03 -9.39 26.73
C GLY A 127 22.95 -8.76 25.36
N GLY A 1 -14.98 26.07 1.94
CA GLY A 1 -15.70 25.04 1.22
C GLY A 1 -14.83 23.86 0.83
N SER A 2 -14.72 23.61 -0.47
CA SER A 2 -13.92 22.50 -0.96
C SER A 2 -12.43 22.77 -0.72
N SER A 3 -11.76 21.80 -0.10
CA SER A 3 -10.34 21.94 0.19
C SER A 3 -9.56 22.33 -1.06
N GLY A 4 -9.73 21.55 -2.12
CA GLY A 4 -9.04 21.84 -3.37
C GLY A 4 -9.90 21.56 -4.59
N SER A 5 -9.90 20.29 -5.02
CA SER A 5 -10.68 19.89 -6.18
C SER A 5 -11.01 18.41 -6.12
N SER A 6 -12.26 18.06 -6.42
CA SER A 6 -12.71 16.67 -6.40
C SER A 6 -11.98 15.86 -7.48
N GLY A 7 -11.98 16.38 -8.71
CA GLY A 7 -11.33 15.69 -9.80
C GLY A 7 -12.17 14.56 -10.35
N PRO A 8 -11.51 13.57 -10.96
CA PRO A 8 -12.18 12.40 -11.55
C PRO A 8 -12.78 11.48 -10.48
N TYR A 9 -14.10 11.55 -10.32
CA TYR A 9 -14.80 10.74 -9.34
C TYR A 9 -14.20 9.33 -9.29
N ASN A 10 -14.16 8.66 -10.44
CA ASN A 10 -13.63 7.32 -10.53
C ASN A 10 -12.46 7.13 -9.57
N LYS A 11 -11.35 7.80 -9.85
CA LYS A 11 -10.16 7.73 -9.01
C LYS A 11 -10.41 8.39 -7.66
N ASN A 12 -10.46 7.58 -6.60
CA ASN A 12 -10.70 8.09 -5.26
C ASN A 12 -9.39 8.49 -4.60
N GLY A 13 -8.42 8.92 -5.42
CA GLY A 13 -7.13 9.33 -4.90
C GLY A 13 -6.00 8.44 -5.39
N PHE A 14 -6.29 7.15 -5.54
CA PHE A 14 -5.28 6.20 -6.00
C PHE A 14 -4.90 6.47 -7.46
N LYS A 15 -3.62 6.32 -7.75
CA LYS A 15 -3.12 6.55 -9.10
C LYS A 15 -2.13 5.45 -9.51
N VAL A 16 -2.15 5.10 -10.79
CA VAL A 16 -1.26 4.08 -11.31
C VAL A 16 0.20 4.44 -11.07
N GLY A 17 0.96 3.48 -10.53
CA GLY A 17 2.37 3.71 -10.25
C GLY A 17 2.65 3.76 -8.77
N MET A 18 1.78 4.42 -8.02
CA MET A 18 1.96 4.54 -6.58
C MET A 18 1.96 3.17 -5.91
N LYS A 19 3.11 2.78 -5.37
CA LYS A 19 3.24 1.49 -4.70
C LYS A 19 2.56 1.52 -3.33
N LEU A 20 2.05 0.36 -2.91
CA LEU A 20 1.38 0.25 -1.62
C LEU A 20 1.31 -1.20 -1.16
N GLU A 21 1.02 -1.40 0.12
CA GLU A 21 0.92 -2.75 0.68
C GLU A 21 -0.53 -3.14 0.91
N GLY A 22 -0.76 -4.42 1.16
CA GLY A 22 -2.11 -4.91 1.41
C GLY A 22 -2.15 -6.40 1.65
N VAL A 23 -3.34 -6.92 1.93
CA VAL A 23 -3.52 -8.34 2.18
C VAL A 23 -4.01 -9.07 0.93
N ASP A 24 -3.49 -10.26 0.68
CA ASP A 24 -3.87 -11.05 -0.48
C ASP A 24 -5.18 -11.78 -0.22
N PRO A 25 -6.07 -11.78 -1.23
CA PRO A 25 -7.37 -12.45 -1.14
C PRO A 25 -7.25 -13.97 -1.11
N GLU A 26 -6.01 -14.46 -1.14
CA GLU A 26 -5.76 -15.90 -1.11
C GLU A 26 -5.21 -16.33 0.24
N HIS A 27 -4.91 -15.35 1.10
CA HIS A 27 -4.38 -15.64 2.42
C HIS A 27 -4.46 -14.40 3.31
N GLN A 28 -5.39 -14.43 4.27
CA GLN A 28 -5.57 -13.31 5.18
C GLN A 28 -4.36 -13.15 6.10
N SER A 29 -4.11 -11.93 6.54
CA SER A 29 -2.98 -11.64 7.41
C SER A 29 -1.66 -11.78 6.66
N VAL A 30 -1.67 -11.38 5.39
CA VAL A 30 -0.47 -11.46 4.56
C VAL A 30 -0.20 -10.14 3.87
N TYR A 31 0.60 -9.28 4.51
CA TYR A 31 0.94 -7.99 3.96
C TYR A 31 2.04 -8.11 2.90
N CYS A 32 1.65 -8.02 1.63
CA CYS A 32 2.60 -8.12 0.54
C CYS A 32 2.68 -6.81 -0.24
N VAL A 33 3.85 -6.53 -0.80
CA VAL A 33 4.06 -5.31 -1.57
C VAL A 33 3.28 -5.34 -2.88
N LEU A 34 2.28 -4.46 -2.98
CA LEU A 34 1.46 -4.38 -4.19
C LEU A 34 1.65 -3.05 -4.89
N THR A 35 1.17 -2.97 -6.14
CA THR A 35 1.30 -1.75 -6.92
C THR A 35 0.02 -1.47 -7.71
N VAL A 36 -0.42 -0.22 -7.71
CA VAL A 36 -1.63 0.17 -8.42
C VAL A 36 -1.43 0.05 -9.93
N ALA A 37 -2.16 -0.87 -10.55
CA ALA A 37 -2.08 -1.09 -11.98
C ALA A 37 -3.14 -0.28 -12.73
N GLU A 38 -4.32 -0.20 -12.13
CA GLU A 38 -5.42 0.54 -12.74
C GLU A 38 -6.40 1.05 -11.67
N VAL A 39 -7.11 2.12 -11.99
CA VAL A 39 -8.07 2.69 -11.06
C VAL A 39 -9.39 2.99 -11.76
N CYS A 40 -10.47 2.42 -11.24
CA CYS A 40 -11.80 2.62 -11.81
C CYS A 40 -12.87 2.49 -10.74
N GLY A 41 -13.99 3.20 -10.93
CA GLY A 41 -15.08 3.15 -9.98
C GLY A 41 -14.60 3.33 -8.55
N TYR A 42 -15.29 2.70 -7.61
CA TYR A 42 -14.94 2.80 -6.20
C TYR A 42 -13.98 1.69 -5.79
N ARG A 43 -13.14 1.27 -6.73
CA ARG A 43 -12.18 0.20 -6.46
C ARG A 43 -10.87 0.45 -7.22
N ILE A 44 -9.84 -0.30 -6.86
CA ILE A 44 -8.54 -0.17 -7.50
C ILE A 44 -7.91 -1.53 -7.78
N LYS A 45 -7.10 -1.61 -8.83
CA LYS A 45 -6.44 -2.85 -9.20
C LYS A 45 -5.22 -3.09 -8.33
N LEU A 46 -5.15 -4.28 -7.73
CA LEU A 46 -4.02 -4.64 -6.88
C LEU A 46 -3.13 -5.68 -7.54
N HIS A 47 -1.91 -5.28 -7.88
CA HIS A 47 -0.96 -6.18 -8.53
C HIS A 47 0.09 -6.67 -7.53
N PHE A 48 0.50 -7.92 -7.69
CA PHE A 48 1.50 -8.51 -6.80
C PHE A 48 2.90 -8.41 -7.41
N ASP A 49 3.70 -7.50 -6.87
CA ASP A 49 5.06 -7.30 -7.37
C ASP A 49 5.75 -8.63 -7.62
N GLY A 50 6.29 -8.80 -8.82
CA GLY A 50 6.97 -10.04 -9.17
C GLY A 50 6.02 -11.10 -9.68
N TYR A 51 4.92 -11.30 -8.97
CA TYR A 51 3.93 -12.29 -9.35
C TYR A 51 3.17 -11.85 -10.60
N SER A 52 2.73 -12.83 -11.38
CA SER A 52 2.00 -12.55 -12.62
C SER A 52 0.81 -11.63 -12.35
N ASP A 53 0.49 -10.78 -13.31
CA ASP A 53 -0.62 -9.84 -13.18
C ASP A 53 -1.93 -10.50 -13.60
N CYS A 54 -2.04 -11.80 -13.34
CA CYS A 54 -3.25 -12.54 -13.70
C CYS A 54 -4.17 -12.69 -12.50
N TYR A 55 -3.59 -12.90 -11.32
CA TYR A 55 -4.35 -13.06 -10.10
C TYR A 55 -4.63 -11.71 -9.44
N ASP A 56 -4.86 -10.70 -10.26
CA ASP A 56 -5.13 -9.36 -9.77
C ASP A 56 -6.52 -9.28 -9.15
N PHE A 57 -6.63 -8.57 -8.02
CA PHE A 57 -7.90 -8.42 -7.33
C PHE A 57 -8.20 -6.95 -7.07
N TRP A 58 -9.45 -6.56 -7.29
CA TRP A 58 -9.87 -5.18 -7.09
C TRP A 58 -10.40 -4.99 -5.66
N VAL A 59 -9.74 -4.13 -4.89
CA VAL A 59 -10.14 -3.85 -3.52
C VAL A 59 -10.87 -2.51 -3.42
N ASN A 60 -11.40 -2.22 -2.24
CA ASN A 60 -12.12 -0.97 -2.01
C ASN A 60 -11.16 0.19 -1.84
N ALA A 61 -11.49 1.33 -2.44
CA ALA A 61 -10.65 2.52 -2.34
C ALA A 61 -10.40 2.90 -0.90
N ASP A 62 -11.34 2.55 -0.02
CA ASP A 62 -11.22 2.85 1.40
C ASP A 62 -11.18 1.57 2.24
N ALA A 63 -10.40 0.60 1.78
CA ALA A 63 -10.28 -0.66 2.49
C ALA A 63 -9.32 -0.56 3.67
N LEU A 64 -9.38 -1.53 4.56
CA LEU A 64 -8.52 -1.54 5.74
C LEU A 64 -7.27 -2.39 5.50
N ASP A 65 -7.47 -3.58 4.95
CA ASP A 65 -6.35 -4.48 4.66
C ASP A 65 -5.20 -3.73 4.03
N ILE A 66 -5.49 -2.95 2.99
CA ILE A 66 -4.47 -2.17 2.30
C ILE A 66 -3.76 -1.21 3.25
N HIS A 67 -2.54 -0.85 2.90
CA HIS A 67 -1.75 0.06 3.73
C HIS A 67 -0.69 0.78 2.90
N PRO A 68 -0.26 1.96 3.36
CA PRO A 68 0.75 2.76 2.66
C PRO A 68 2.14 2.13 2.75
N VAL A 69 3.06 2.62 1.94
CA VAL A 69 4.42 2.10 1.92
C VAL A 69 5.12 2.34 3.25
N GLY A 70 5.99 1.41 3.64
CA GLY A 70 6.71 1.54 4.90
C GLY A 70 5.79 1.49 6.10
N TRP A 71 4.74 0.67 6.02
CA TRP A 71 3.78 0.54 7.10
C TRP A 71 4.15 -0.63 8.02
N CYS A 72 4.58 -1.74 7.42
CA CYS A 72 4.97 -2.92 8.17
C CYS A 72 5.95 -2.56 9.27
N GLU A 73 6.97 -1.77 8.92
CA GLU A 73 7.98 -1.36 9.88
C GLU A 73 7.45 -0.27 10.81
N LYS A 74 6.45 0.47 10.33
CA LYS A 74 5.85 1.53 11.12
C LYS A 74 5.11 0.98 12.32
N THR A 75 4.40 -0.13 12.12
CA THR A 75 3.65 -0.77 13.19
C THR A 75 4.48 -1.84 13.88
N GLY A 76 5.36 -2.48 13.12
CA GLY A 76 6.21 -3.52 13.67
C GLY A 76 5.70 -4.91 13.35
N HIS A 77 5.76 -5.28 12.07
CA HIS A 77 5.31 -6.60 11.64
C HIS A 77 6.27 -7.20 10.62
N LYS A 78 5.92 -8.36 10.09
CA LYS A 78 6.76 -9.04 9.10
C LYS A 78 6.14 -8.94 7.70
N LEU A 79 6.69 -8.04 6.90
CA LEU A 79 6.20 -7.85 5.53
C LEU A 79 6.57 -9.04 4.66
N HIS A 80 5.65 -9.44 3.79
CA HIS A 80 5.88 -10.57 2.88
C HIS A 80 6.42 -10.08 1.54
N PRO A 81 7.72 -10.31 1.30
CA PRO A 81 8.38 -9.90 0.06
C PRO A 81 7.93 -10.71 -1.14
N PRO A 82 8.30 -10.27 -2.34
CA PRO A 82 7.94 -10.94 -3.59
C PRO A 82 8.67 -12.28 -3.75
N LYS A 83 8.50 -12.90 -4.92
CA LYS A 83 9.14 -14.18 -5.20
C LYS A 83 10.67 -14.03 -5.17
N GLY A 84 11.31 -14.88 -4.37
CA GLY A 84 12.76 -14.83 -4.27
C GLY A 84 13.26 -13.54 -3.66
N TYR A 85 12.61 -13.10 -2.59
CA TYR A 85 13.00 -11.86 -1.91
C TYR A 85 12.81 -11.98 -0.41
N LYS A 86 13.53 -11.15 0.33
CA LYS A 86 13.44 -11.16 1.80
C LYS A 86 13.14 -9.76 2.33
N GLU A 87 12.85 -9.68 3.62
CA GLU A 87 12.54 -8.40 4.26
C GLU A 87 13.81 -7.58 4.46
N GLU A 88 14.93 -8.25 4.69
CA GLU A 88 16.20 -7.58 4.89
C GLU A 88 16.79 -7.11 3.57
N GLU A 89 16.64 -7.93 2.54
CA GLU A 89 17.16 -7.60 1.21
C GLU A 89 16.26 -6.57 0.52
N PHE A 90 14.95 -6.80 0.62
CA PHE A 90 13.97 -5.90 0.00
C PHE A 90 13.90 -4.58 0.75
N ASN A 91 14.38 -3.51 0.13
CA ASN A 91 14.36 -2.19 0.73
C ASN A 91 13.47 -1.23 -0.05
N TRP A 92 12.33 -0.88 0.53
CA TRP A 92 11.38 0.03 -0.11
C TRP A 92 12.11 1.16 -0.81
N GLN A 93 12.67 2.07 -0.02
CA GLN A 93 13.40 3.21 -0.57
C GLN A 93 14.29 2.79 -1.74
N THR A 94 15.09 1.74 -1.53
CA THR A 94 15.98 1.23 -2.55
C THR A 94 15.21 0.82 -3.80
N TYR A 95 14.00 0.29 -3.59
CA TYR A 95 13.16 -0.15 -4.70
C TYR A 95 12.44 1.04 -5.33
N LEU A 96 12.28 2.10 -4.56
CA LEU A 96 11.60 3.30 -5.04
C LEU A 96 12.59 4.26 -5.70
N LYS A 97 13.87 4.04 -5.43
CA LYS A 97 14.92 4.89 -6.00
C LYS A 97 15.41 4.33 -7.33
N THR A 98 15.43 3.00 -7.44
CA THR A 98 15.87 2.34 -8.66
C THR A 98 14.81 2.44 -9.76
N CYS A 99 13.55 2.56 -9.34
CA CYS A 99 12.44 2.67 -10.29
C CYS A 99 12.00 4.12 -10.45
N LYS A 100 12.43 4.97 -9.52
CA LYS A 100 12.07 6.38 -9.55
C LYS A 100 10.56 6.57 -9.38
N ALA A 101 9.96 5.76 -8.52
CA ALA A 101 8.53 5.84 -8.28
C ALA A 101 8.24 6.54 -6.94
N GLN A 102 7.01 7.02 -6.79
CA GLN A 102 6.61 7.71 -5.57
C GLN A 102 5.71 6.81 -4.73
N ALA A 103 5.95 6.79 -3.42
CA ALA A 103 5.16 5.99 -2.50
C ALA A 103 3.82 6.67 -2.19
N ALA A 104 2.73 5.92 -2.40
CA ALA A 104 1.40 6.45 -2.14
C ALA A 104 1.36 7.26 -0.85
N PRO A 105 0.58 8.35 -0.84
CA PRO A 105 0.45 9.22 0.32
C PRO A 105 -0.33 8.56 1.46
N LYS A 106 0.07 8.86 2.68
CA LYS A 106 -0.58 8.29 3.87
C LYS A 106 -2.04 8.74 3.95
N SER A 107 -2.32 9.93 3.42
CA SER A 107 -3.68 10.46 3.44
C SER A 107 -4.68 9.44 2.92
N LEU A 108 -4.31 8.75 1.85
CA LEU A 108 -5.17 7.73 1.26
C LEU A 108 -5.65 6.74 2.31
N PHE A 109 -4.80 6.49 3.30
CA PHE A 109 -5.14 5.56 4.37
C PHE A 109 -5.30 6.29 5.70
N GLU A 110 -5.98 7.44 5.65
CA GLU A 110 -6.21 8.24 6.86
C GLU A 110 -7.51 7.82 7.54
N ASN A 111 -7.82 6.54 7.47
CA ASN A 111 -9.05 6.02 8.08
C ASN A 111 -8.71 5.11 9.26
N GLN A 112 -7.89 4.09 9.00
CA GLN A 112 -7.49 3.15 10.04
C GLN A 112 -6.19 3.59 10.71
N ASN A 113 -6.19 3.61 12.04
CA ASN A 113 -5.02 4.02 12.81
C ASN A 113 -5.17 3.65 14.28
N ILE A 114 -4.14 3.04 14.83
CA ILE A 114 -4.15 2.62 16.23
C ILE A 114 -4.45 3.81 17.15
N THR A 115 -5.35 3.60 18.10
CA THR A 115 -5.73 4.64 19.04
C THR A 115 -4.75 4.72 20.21
N VAL A 116 -4.51 5.92 20.69
CA VAL A 116 -3.60 6.12 21.81
C VAL A 116 -4.32 6.73 23.02
N ILE A 117 -3.92 6.32 24.21
CA ILE A 117 -4.52 6.83 25.44
C ILE A 117 -4.12 8.27 25.69
N PRO A 118 -4.99 9.04 26.36
CA PRO A 118 -4.74 10.44 26.69
C PRO A 118 -3.65 10.61 27.75
N SER A 119 -2.56 11.25 27.36
CA SER A 119 -1.44 11.47 28.27
C SER A 119 -1.94 11.79 29.68
N GLY A 120 -1.43 11.06 30.66
CA GLY A 120 -1.83 11.27 32.04
C GLY A 120 -0.72 10.95 33.02
N PHE A 121 0.35 11.73 32.99
CA PHE A 121 1.48 11.52 33.89
C PHE A 121 1.61 12.68 34.87
N SER A 122 2.45 12.48 35.89
CA SER A 122 2.67 13.51 36.90
C SER A 122 3.67 14.55 36.42
N GLY A 123 3.54 15.77 36.93
CA GLY A 123 4.43 16.85 36.55
C GLY A 123 5.26 17.35 37.70
N PRO A 124 6.14 16.50 38.24
CA PRO A 124 7.01 16.85 39.37
C PRO A 124 8.09 17.85 38.97
N SER A 125 8.93 18.21 39.93
CA SER A 125 10.01 19.17 39.68
C SER A 125 11.37 18.53 39.91
N SER A 126 12.13 18.34 38.84
CA SER A 126 13.45 17.73 38.92
C SER A 126 14.52 18.79 39.19
N GLY A 127 14.60 19.78 38.31
CA GLY A 127 15.57 20.83 38.47
C GLY A 127 16.41 21.06 37.22
N GLY A 1 4.44 1.38 -27.44
CA GLY A 1 4.23 0.89 -26.10
C GLY A 1 2.86 1.24 -25.55
N SER A 2 1.89 0.35 -25.79
CA SER A 2 0.53 0.58 -25.34
C SER A 2 0.41 0.32 -23.84
N SER A 3 0.80 1.31 -23.04
CA SER A 3 0.74 1.20 -21.59
C SER A 3 -0.68 1.37 -21.08
N GLY A 4 -1.42 0.27 -21.01
CA GLY A 4 -2.79 0.31 -20.54
C GLY A 4 -3.52 1.56 -21.01
N SER A 5 -4.07 1.51 -22.22
CA SER A 5 -4.79 2.64 -22.79
C SER A 5 -6.13 2.84 -22.08
N SER A 6 -6.18 3.78 -21.15
CA SER A 6 -7.40 4.07 -20.41
C SER A 6 -7.38 5.49 -19.87
N GLY A 7 -8.52 5.92 -19.32
CA GLY A 7 -8.62 7.27 -18.78
C GLY A 7 -9.28 7.29 -17.41
N PRO A 8 -8.98 8.34 -16.63
CA PRO A 8 -9.54 8.51 -15.29
C PRO A 8 -11.04 8.81 -15.31
N TYR A 9 -11.85 7.76 -15.35
CA TYR A 9 -13.30 7.91 -15.38
C TYR A 9 -13.85 8.18 -13.98
N ASN A 10 -13.61 7.25 -13.07
CA ASN A 10 -14.07 7.38 -11.69
C ASN A 10 -13.06 6.80 -10.71
N LYS A 11 -12.67 7.60 -9.73
CA LYS A 11 -11.71 7.16 -8.72
C LYS A 11 -11.83 8.00 -7.46
N ASN A 12 -11.21 7.54 -6.37
CA ASN A 12 -11.24 8.24 -5.10
C ASN A 12 -10.01 9.11 -4.93
N GLY A 13 -8.83 8.48 -4.95
CA GLY A 13 -7.59 9.22 -4.79
C GLY A 13 -6.38 8.37 -5.15
N PHE A 14 -6.59 7.33 -5.95
CA PHE A 14 -5.50 6.45 -6.36
C PHE A 14 -5.12 6.69 -7.82
N LYS A 15 -3.89 6.35 -8.17
CA LYS A 15 -3.40 6.52 -9.52
C LYS A 15 -2.43 5.41 -9.90
N VAL A 16 -2.42 5.05 -11.18
CA VAL A 16 -1.54 3.99 -11.67
C VAL A 16 -0.08 4.32 -11.39
N GLY A 17 0.59 3.42 -10.69
CA GLY A 17 2.00 3.63 -10.35
C GLY A 17 2.24 3.67 -8.86
N MET A 18 1.37 4.36 -8.13
CA MET A 18 1.50 4.47 -6.69
C MET A 18 1.57 3.09 -6.04
N LYS A 19 2.75 2.75 -5.53
CA LYS A 19 2.95 1.46 -4.87
C LYS A 19 2.41 1.48 -3.45
N LEU A 20 1.99 0.32 -2.97
CA LEU A 20 1.44 0.19 -1.61
C LEU A 20 1.43 -1.27 -1.16
N GLU A 21 1.15 -1.48 0.12
CA GLU A 21 1.10 -2.82 0.67
C GLU A 21 -0.33 -3.23 1.00
N GLY A 22 -0.75 -4.38 0.48
CA GLY A 22 -2.10 -4.87 0.73
C GLY A 22 -2.13 -6.33 1.13
N VAL A 23 -3.30 -6.80 1.54
CA VAL A 23 -3.45 -8.19 1.96
C VAL A 23 -3.97 -9.05 0.81
N ASP A 24 -3.51 -10.29 0.77
CA ASP A 24 -3.92 -11.23 -0.28
C ASP A 24 -5.25 -11.90 0.08
N PRO A 25 -6.11 -12.07 -0.94
CA PRO A 25 -7.43 -12.70 -0.75
C PRO A 25 -7.32 -14.19 -0.46
N GLU A 26 -6.09 -14.71 -0.51
CA GLU A 26 -5.86 -16.13 -0.26
C GLU A 26 -5.51 -16.36 1.21
N HIS A 27 -4.79 -15.42 1.80
CA HIS A 27 -4.39 -15.53 3.20
C HIS A 27 -4.33 -14.16 3.85
N GLN A 28 -5.16 -13.95 4.87
CA GLN A 28 -5.20 -12.67 5.58
C GLN A 28 -3.94 -12.48 6.43
N SER A 29 -3.76 -11.26 6.94
CA SER A 29 -2.60 -10.96 7.76
C SER A 29 -1.31 -11.12 6.97
N VAL A 30 -1.40 -10.93 5.66
CA VAL A 30 -0.24 -11.06 4.79
C VAL A 30 -0.09 -9.83 3.89
N TYR A 31 0.69 -8.86 4.36
CA TYR A 31 0.91 -7.63 3.60
C TYR A 31 2.01 -7.83 2.56
N CYS A 32 1.64 -7.73 1.28
CA CYS A 32 2.59 -7.89 0.20
C CYS A 32 2.76 -6.59 -0.58
N VAL A 33 3.89 -6.47 -1.28
CA VAL A 33 4.17 -5.27 -2.06
C VAL A 33 3.37 -5.26 -3.37
N LEU A 34 2.36 -4.42 -3.42
CA LEU A 34 1.52 -4.31 -4.61
C LEU A 34 1.71 -2.95 -5.29
N THR A 35 1.21 -2.84 -6.51
CA THR A 35 1.32 -1.59 -7.27
C THR A 35 0.06 -1.34 -8.09
N VAL A 36 -0.50 -0.14 -7.94
CA VAL A 36 -1.70 0.24 -8.66
C VAL A 36 -1.48 0.22 -10.17
N ALA A 37 -2.03 -0.80 -10.83
CA ALA A 37 -1.89 -0.93 -12.28
C ALA A 37 -3.07 -0.29 -13.01
N GLU A 38 -4.20 -0.19 -12.32
CA GLU A 38 -5.40 0.39 -12.90
C GLU A 38 -6.30 0.96 -11.82
N VAL A 39 -7.13 1.94 -12.20
CA VAL A 39 -8.05 2.57 -11.26
C VAL A 39 -9.40 2.83 -11.91
N CYS A 40 -10.48 2.54 -11.18
CA CYS A 40 -11.83 2.74 -11.69
C CYS A 40 -12.84 2.70 -10.55
N GLY A 41 -14.04 3.22 -10.81
CA GLY A 41 -15.08 3.22 -9.81
C GLY A 41 -14.54 3.48 -8.42
N TYR A 42 -15.21 2.94 -7.41
CA TYR A 42 -14.80 3.12 -6.02
C TYR A 42 -13.82 2.04 -5.59
N ARG A 43 -13.03 1.54 -6.56
CA ARG A 43 -12.05 0.50 -6.27
C ARG A 43 -10.76 0.75 -7.05
N ILE A 44 -9.74 -0.04 -6.75
CA ILE A 44 -8.45 0.09 -7.41
C ILE A 44 -7.83 -1.27 -7.70
N LYS A 45 -7.17 -1.39 -8.85
CA LYS A 45 -6.53 -2.64 -9.25
C LYS A 45 -5.29 -2.89 -8.41
N LEU A 46 -5.12 -4.14 -7.97
CA LEU A 46 -3.96 -4.52 -7.16
C LEU A 46 -3.07 -5.50 -7.92
N HIS A 47 -1.94 -5.01 -8.41
CA HIS A 47 -1.00 -5.85 -9.15
C HIS A 47 0.13 -6.33 -8.24
N PHE A 48 0.44 -7.62 -8.32
CA PHE A 48 1.50 -8.20 -7.50
C PHE A 48 2.86 -8.00 -8.16
N ASP A 49 3.77 -7.36 -7.44
CA ASP A 49 5.12 -7.10 -7.95
C ASP A 49 5.91 -8.40 -8.06
N GLY A 50 5.73 -9.12 -9.17
CA GLY A 50 6.43 -10.36 -9.37
C GLY A 50 5.59 -11.40 -10.09
N TYR A 51 4.45 -11.73 -9.50
CA TYR A 51 3.54 -12.71 -10.09
C TYR A 51 3.03 -12.24 -11.44
N SER A 52 2.15 -13.05 -12.05
CA SER A 52 1.58 -12.70 -13.35
C SER A 52 0.31 -11.89 -13.20
N ASP A 53 -0.03 -11.12 -14.23
CA ASP A 53 -1.23 -10.30 -14.21
C ASP A 53 -2.47 -11.15 -13.90
N CYS A 54 -2.51 -12.35 -14.45
CA CYS A 54 -3.63 -13.26 -14.24
C CYS A 54 -4.05 -13.26 -12.78
N TYR A 55 -3.12 -12.93 -11.89
CA TYR A 55 -3.40 -12.91 -10.46
C TYR A 55 -3.76 -11.49 -10.01
N ASP A 56 -4.43 -10.75 -10.88
CA ASP A 56 -4.85 -9.39 -10.57
C ASP A 56 -6.17 -9.39 -9.81
N PHE A 57 -6.25 -8.53 -8.79
CA PHE A 57 -7.46 -8.44 -7.98
C PHE A 57 -7.74 -6.99 -7.60
N TRP A 58 -8.99 -6.69 -7.30
CA TRP A 58 -9.40 -5.34 -6.92
C TRP A 58 -9.84 -5.28 -5.47
N VAL A 59 -9.44 -4.23 -4.76
CA VAL A 59 -9.80 -4.06 -3.36
C VAL A 59 -10.57 -2.76 -3.14
N ASN A 60 -11.04 -2.56 -1.92
CA ASN A 60 -11.79 -1.35 -1.58
C ASN A 60 -10.86 -0.15 -1.47
N ALA A 61 -11.12 0.86 -2.29
CA ALA A 61 -10.31 2.08 -2.27
C ALA A 61 -9.98 2.50 -0.85
N ASP A 62 -10.95 2.37 0.04
CA ASP A 62 -10.77 2.75 1.43
C ASP A 62 -10.68 1.51 2.32
N ALA A 63 -9.99 0.49 1.85
CA ALA A 63 -9.82 -0.75 2.60
C ALA A 63 -8.89 -0.55 3.79
N LEU A 64 -8.99 -1.45 4.76
CA LEU A 64 -8.16 -1.37 5.96
C LEU A 64 -6.99 -2.35 5.88
N ASP A 65 -7.23 -3.51 5.25
CA ASP A 65 -6.20 -4.52 5.10
C ASP A 65 -5.00 -3.97 4.34
N ILE A 66 -5.18 -2.81 3.73
CA ILE A 66 -4.11 -2.16 2.97
C ILE A 66 -3.48 -1.02 3.77
N HIS A 67 -2.17 -0.84 3.59
CA HIS A 67 -1.45 0.22 4.30
C HIS A 67 -0.42 0.87 3.38
N PRO A 68 -0.14 2.15 3.62
CA PRO A 68 0.83 2.92 2.83
C PRO A 68 2.27 2.46 3.07
N VAL A 69 3.02 2.29 1.98
CA VAL A 69 4.41 1.85 2.07
C VAL A 69 5.08 2.40 3.33
N GLY A 70 5.92 1.59 3.95
CA GLY A 70 6.60 2.01 5.16
C GLY A 70 5.77 1.82 6.41
N TRP A 71 4.46 1.79 6.24
CA TRP A 71 3.55 1.61 7.36
C TRP A 71 3.97 0.42 8.23
N CYS A 72 4.44 -0.63 7.58
CA CYS A 72 4.90 -1.83 8.29
C CYS A 72 5.67 -1.46 9.54
N GLU A 73 6.65 -0.59 9.39
CA GLU A 73 7.48 -0.15 10.51
C GLU A 73 6.67 0.72 11.47
N LYS A 74 5.86 1.62 10.91
CA LYS A 74 5.03 2.51 11.72
C LYS A 74 4.38 1.75 12.87
N THR A 75 3.76 0.63 12.55
CA THR A 75 3.09 -0.19 13.56
C THR A 75 4.05 -1.20 14.18
N GLY A 76 4.81 -1.88 13.32
CA GLY A 76 5.75 -2.87 13.80
C GLY A 76 5.50 -4.25 13.22
N HIS A 77 4.84 -4.30 12.07
CA HIS A 77 4.51 -5.57 11.43
C HIS A 77 5.59 -5.93 10.40
N LYS A 78 5.84 -7.22 10.24
CA LYS A 78 6.84 -7.71 9.29
C LYS A 78 6.25 -7.81 7.89
N LEU A 79 6.84 -7.09 6.95
CA LEU A 79 6.37 -7.10 5.56
C LEU A 79 6.82 -8.37 4.84
N HIS A 80 5.89 -9.04 4.18
CA HIS A 80 6.19 -10.26 3.44
C HIS A 80 6.69 -9.94 2.04
N PRO A 81 7.80 -10.59 1.65
CA PRO A 81 8.40 -10.38 0.34
C PRO A 81 7.56 -10.99 -0.79
N PRO A 82 7.80 -10.53 -2.02
CA PRO A 82 7.07 -11.00 -3.21
C PRO A 82 7.42 -12.45 -3.56
N LYS A 83 7.09 -12.85 -4.78
CA LYS A 83 7.37 -14.20 -5.24
C LYS A 83 8.87 -14.47 -5.29
N GLY A 84 9.31 -15.50 -4.60
CA GLY A 84 10.72 -15.85 -4.58
C GLY A 84 11.58 -14.71 -4.05
N TYR A 85 11.18 -14.14 -2.93
CA TYR A 85 11.91 -13.04 -2.31
C TYR A 85 11.86 -13.12 -0.80
N LYS A 86 12.94 -12.69 -0.15
CA LYS A 86 13.03 -12.71 1.31
C LYS A 86 12.72 -11.33 1.89
N GLU A 87 12.32 -11.31 3.15
CA GLU A 87 11.99 -10.05 3.83
C GLU A 87 13.20 -9.13 3.86
N GLU A 88 14.38 -9.71 3.96
CA GLU A 88 15.62 -8.94 3.99
C GLU A 88 16.17 -8.72 2.59
N GLU A 89 15.90 -9.67 1.70
CA GLU A 89 16.37 -9.58 0.32
C GLU A 89 15.65 -8.47 -0.43
N PHE A 90 14.45 -8.13 0.04
CA PHE A 90 13.65 -7.08 -0.58
C PHE A 90 13.68 -5.80 0.25
N ASN A 91 13.43 -4.67 -0.40
CA ASN A 91 13.43 -3.38 0.27
C ASN A 91 12.62 -2.35 -0.51
N TRP A 92 11.76 -1.62 0.19
CA TRP A 92 10.93 -0.60 -0.45
C TRP A 92 11.77 0.57 -0.93
N GLN A 93 12.29 1.35 0.01
CA GLN A 93 13.11 2.51 -0.32
C GLN A 93 14.03 2.20 -1.50
N THR A 94 14.76 1.09 -1.40
CA THR A 94 15.68 0.68 -2.45
C THR A 94 14.95 0.48 -3.77
N TYR A 95 13.77 -0.14 -3.70
CA TYR A 95 12.97 -0.39 -4.89
C TYR A 95 12.35 0.90 -5.41
N LEU A 96 12.16 1.86 -4.52
CA LEU A 96 11.56 3.14 -4.89
C LEU A 96 12.62 4.11 -5.41
N LYS A 97 13.87 3.85 -5.03
CA LYS A 97 14.98 4.69 -5.47
C LYS A 97 15.52 4.22 -6.81
N THR A 98 15.45 2.92 -7.05
CA THR A 98 15.93 2.35 -8.30
C THR A 98 14.94 2.58 -9.44
N CYS A 99 13.67 2.71 -9.09
CA CYS A 99 12.63 2.93 -10.08
C CYS A 99 12.28 4.42 -10.18
N LYS A 100 12.72 5.19 -9.19
CA LYS A 100 12.46 6.63 -9.17
C LYS A 100 10.97 6.90 -8.99
N ALA A 101 10.27 5.98 -8.34
CA ALA A 101 8.84 6.12 -8.11
C ALA A 101 8.56 6.60 -6.68
N GLN A 102 7.30 6.90 -6.40
CA GLN A 102 6.90 7.37 -5.07
C GLN A 102 5.78 6.50 -4.51
N ALA A 103 5.87 6.21 -3.22
CA ALA A 103 4.87 5.39 -2.55
C ALA A 103 3.59 6.19 -2.29
N ALA A 104 2.45 5.55 -2.56
CA ALA A 104 1.16 6.21 -2.36
C ALA A 104 1.15 7.02 -1.06
N PRO A 105 0.33 8.07 -1.04
CA PRO A 105 0.20 8.95 0.14
C PRO A 105 -0.48 8.26 1.30
N LYS A 106 -0.13 8.67 2.52
CA LYS A 106 -0.71 8.08 3.73
C LYS A 106 -2.14 8.60 3.94
N SER A 107 -2.48 9.69 3.26
CA SER A 107 -3.81 10.28 3.38
C SER A 107 -4.87 9.33 2.85
N LEU A 108 -4.53 8.57 1.82
CA LEU A 108 -5.45 7.61 1.22
C LEU A 108 -5.93 6.60 2.26
N PHE A 109 -5.20 6.49 3.36
CA PHE A 109 -5.55 5.55 4.42
C PHE A 109 -5.89 6.30 5.70
N GLU A 110 -6.89 7.19 5.62
CA GLU A 110 -7.31 7.96 6.78
C GLU A 110 -8.49 7.29 7.49
N ASN A 111 -9.46 6.84 6.70
CA ASN A 111 -10.64 6.18 7.25
C ASN A 111 -10.27 4.85 7.91
N GLN A 112 -9.72 4.93 9.13
CA GLN A 112 -9.32 3.74 9.86
C GLN A 112 -8.90 4.08 11.28
N ASN A 113 -8.64 3.07 12.09
CA ASN A 113 -8.24 3.27 13.47
C ASN A 113 -9.32 4.01 14.25
N ILE A 114 -10.54 3.53 14.17
CA ILE A 114 -11.67 4.15 14.87
C ILE A 114 -12.25 3.21 15.92
N THR A 115 -12.99 3.76 16.86
CA THR A 115 -13.61 2.98 17.92
C THR A 115 -14.07 1.62 17.40
N VAL A 116 -13.49 0.56 17.96
CA VAL A 116 -13.83 -0.80 17.56
C VAL A 116 -15.33 -1.05 17.71
N ILE A 117 -15.74 -2.29 17.44
CA ILE A 117 -17.15 -2.66 17.55
C ILE A 117 -17.44 -3.31 18.90
N PRO A 118 -18.66 -3.09 19.42
CA PRO A 118 -19.10 -3.65 20.70
C PRO A 118 -19.28 -5.16 20.64
N SER A 119 -18.88 -5.85 21.70
CA SER A 119 -19.00 -7.30 21.76
C SER A 119 -20.06 -7.71 22.79
N GLY A 120 -19.95 -7.16 24.00
CA GLY A 120 -20.90 -7.48 25.05
C GLY A 120 -20.22 -7.70 26.39
N PHE A 121 -19.82 -8.93 26.65
CA PHE A 121 -19.15 -9.27 27.91
C PHE A 121 -18.33 -10.55 27.76
N SER A 122 -17.12 -10.53 28.30
CA SER A 122 -16.22 -11.68 28.22
C SER A 122 -16.06 -12.34 29.59
N GLY A 123 -16.27 -13.64 29.64
CA GLY A 123 -16.14 -14.37 30.89
C GLY A 123 -14.73 -14.84 31.15
N PRO A 124 -14.31 -14.80 32.42
CA PRO A 124 -12.97 -15.22 32.82
C PRO A 124 -12.78 -16.73 32.71
N SER A 125 -13.82 -17.42 32.26
CA SER A 125 -13.77 -18.88 32.10
C SER A 125 -12.38 -19.32 31.64
N SER A 126 -11.97 -18.85 30.47
CA SER A 126 -10.67 -19.21 29.92
C SER A 126 -10.51 -20.72 29.83
N GLY A 127 -11.51 -21.38 29.24
CA GLY A 127 -11.47 -22.83 29.10
C GLY A 127 -12.02 -23.29 27.77
N GLY A 1 -12.06 -3.48 -25.26
CA GLY A 1 -11.09 -2.46 -24.91
C GLY A 1 -10.45 -1.83 -26.14
N SER A 2 -9.17 -1.47 -26.02
CA SER A 2 -8.45 -0.86 -27.13
C SER A 2 -9.15 0.41 -27.60
N SER A 3 -9.62 1.21 -26.65
CA SER A 3 -10.32 2.45 -26.96
C SER A 3 -9.46 3.67 -26.62
N GLY A 4 -9.79 4.80 -27.22
CA GLY A 4 -9.03 6.01 -26.98
C GLY A 4 -8.94 6.36 -25.50
N SER A 5 -9.96 7.04 -25.00
CA SER A 5 -10.00 7.44 -23.60
C SER A 5 -11.04 6.62 -22.83
N SER A 6 -10.57 5.66 -22.05
CA SER A 6 -11.45 4.80 -21.28
C SER A 6 -12.46 5.64 -20.49
N GLY A 7 -11.95 6.53 -19.65
CA GLY A 7 -12.82 7.39 -18.85
C GLY A 7 -13.68 6.60 -17.90
N PRO A 8 -13.17 6.37 -16.67
CA PRO A 8 -13.89 5.62 -15.64
C PRO A 8 -15.11 6.38 -15.11
N TYR A 9 -15.74 5.82 -14.09
CA TYR A 9 -16.91 6.45 -13.48
C TYR A 9 -16.53 7.25 -12.24
N ASN A 10 -16.04 6.54 -11.23
CA ASN A 10 -15.63 7.18 -9.98
C ASN A 10 -14.13 7.01 -9.75
N LYS A 11 -13.62 7.69 -8.72
CA LYS A 11 -12.20 7.62 -8.39
C LYS A 11 -11.95 8.09 -6.96
N ASN A 12 -11.27 7.26 -6.18
CA ASN A 12 -10.96 7.59 -4.79
C ASN A 12 -9.75 8.53 -4.71
N GLY A 13 -8.65 8.11 -5.31
CA GLY A 13 -7.44 8.93 -5.30
C GLY A 13 -6.22 8.16 -5.75
N PHE A 14 -6.26 6.84 -5.61
CA PHE A 14 -5.14 5.99 -6.01
C PHE A 14 -4.77 6.24 -7.48
N LYS A 15 -3.48 6.41 -7.74
CA LYS A 15 -3.00 6.66 -9.09
C LYS A 15 -2.04 5.56 -9.53
N VAL A 16 -2.09 5.22 -10.81
CA VAL A 16 -1.23 4.18 -11.36
C VAL A 16 0.24 4.49 -11.09
N GLY A 17 0.97 3.50 -10.57
CA GLY A 17 2.38 3.70 -10.26
C GLY A 17 2.66 3.73 -8.78
N MET A 18 1.82 4.44 -8.03
CA MET A 18 1.97 4.54 -6.59
C MET A 18 1.95 3.17 -5.94
N LYS A 19 3.11 2.76 -5.41
CA LYS A 19 3.22 1.46 -4.76
C LYS A 19 2.61 1.49 -3.35
N LEU A 20 2.28 0.33 -2.83
CA LEU A 20 1.69 0.22 -1.51
C LEU A 20 1.65 -1.22 -1.03
N GLU A 21 1.22 -1.43 0.22
CA GLU A 21 1.14 -2.77 0.78
C GLU A 21 -0.31 -3.18 0.97
N GLY A 22 -0.66 -4.37 0.47
CA GLY A 22 -2.02 -4.87 0.59
C GLY A 22 -2.08 -6.27 1.18
N VAL A 23 -3.26 -6.67 1.63
CA VAL A 23 -3.45 -7.99 2.21
C VAL A 23 -3.95 -8.98 1.17
N ASP A 24 -3.55 -10.24 1.32
CA ASP A 24 -3.97 -11.28 0.40
C ASP A 24 -5.37 -11.80 0.73
N PRO A 25 -6.17 -12.05 -0.30
CA PRO A 25 -7.54 -12.55 -0.13
C PRO A 25 -7.58 -13.98 0.39
N GLU A 26 -6.41 -14.55 0.66
CA GLU A 26 -6.32 -15.91 1.16
C GLU A 26 -6.04 -15.91 2.67
N HIS A 27 -5.45 -14.83 3.16
CA HIS A 27 -5.14 -14.71 4.58
C HIS A 27 -5.15 -13.25 5.02
N GLN A 28 -5.92 -12.96 6.07
CA GLN A 28 -6.02 -11.60 6.59
C GLN A 28 -4.86 -11.30 7.54
N SER A 29 -3.77 -12.02 7.39
CA SER A 29 -2.60 -11.84 8.24
C SER A 29 -1.31 -11.77 7.41
N VAL A 30 -1.44 -11.31 6.17
CA VAL A 30 -0.30 -11.20 5.27
C VAL A 30 -0.30 -9.87 4.54
N TYR A 31 0.88 -9.31 4.32
CA TYR A 31 1.02 -8.04 3.64
C TYR A 31 2.09 -8.12 2.55
N CYS A 32 1.64 -8.09 1.30
CA CYS A 32 2.57 -8.16 0.16
C CYS A 32 2.64 -6.82 -0.56
N VAL A 33 3.71 -6.62 -1.34
CA VAL A 33 3.90 -5.38 -2.07
C VAL A 33 3.09 -5.39 -3.37
N LEU A 34 2.16 -4.45 -3.49
CA LEU A 34 1.33 -4.34 -4.68
C LEU A 34 1.54 -3.00 -5.38
N THR A 35 1.14 -2.92 -6.64
CA THR A 35 1.29 -1.70 -7.42
C THR A 35 0.01 -1.39 -8.20
N VAL A 36 -0.51 -0.19 -8.01
CA VAL A 36 -1.73 0.23 -8.69
C VAL A 36 -1.58 0.10 -10.21
N ALA A 37 -2.25 -0.90 -10.77
CA ALA A 37 -2.20 -1.14 -12.20
C ALA A 37 -3.35 -0.44 -12.92
N GLU A 38 -4.48 -0.32 -12.24
CA GLU A 38 -5.66 0.33 -12.81
C GLU A 38 -6.55 0.90 -11.71
N VAL A 39 -7.34 1.91 -12.07
CA VAL A 39 -8.25 2.54 -11.12
C VAL A 39 -9.60 2.85 -11.76
N CYS A 40 -10.67 2.39 -11.13
CA CYS A 40 -12.01 2.61 -11.63
C CYS A 40 -13.02 2.62 -10.50
N GLY A 41 -14.13 3.33 -10.71
CA GLY A 41 -15.16 3.41 -9.68
C GLY A 41 -14.59 3.45 -8.28
N TYR A 42 -15.36 2.96 -7.31
CA TYR A 42 -14.93 2.95 -5.92
C TYR A 42 -14.06 1.72 -5.63
N ARG A 43 -13.15 1.42 -6.54
CA ARG A 43 -12.26 0.27 -6.38
C ARG A 43 -10.93 0.51 -7.07
N ILE A 44 -9.94 -0.31 -6.75
CA ILE A 44 -8.61 -0.19 -7.34
C ILE A 44 -8.02 -1.56 -7.64
N LYS A 45 -7.31 -1.66 -8.75
CA LYS A 45 -6.67 -2.91 -9.16
C LYS A 45 -5.39 -3.15 -8.36
N LEU A 46 -5.20 -4.38 -7.91
CA LEU A 46 -4.02 -4.73 -7.14
C LEU A 46 -3.16 -5.75 -7.90
N HIS A 47 -1.92 -5.37 -8.19
CA HIS A 47 -1.00 -6.24 -8.90
C HIS A 47 0.15 -6.68 -7.99
N PHE A 48 0.54 -7.95 -8.14
CA PHE A 48 1.63 -8.50 -7.33
C PHE A 48 2.98 -8.28 -8.01
N ASP A 49 3.83 -7.49 -7.37
CA ASP A 49 5.15 -7.20 -7.92
C ASP A 49 5.81 -8.47 -8.45
N GLY A 50 5.95 -8.54 -9.77
CA GLY A 50 6.56 -9.70 -10.39
C GLY A 50 5.54 -10.76 -10.75
N TYR A 51 4.92 -11.36 -9.74
CA TYR A 51 3.93 -12.41 -9.97
C TYR A 51 3.08 -12.09 -11.19
N SER A 52 2.52 -13.14 -11.80
CA SER A 52 1.68 -12.98 -12.98
C SER A 52 0.52 -12.03 -12.70
N ASP A 53 0.15 -11.25 -13.71
CA ASP A 53 -0.96 -10.30 -13.58
C ASP A 53 -2.30 -10.98 -13.84
N CYS A 54 -2.41 -12.24 -13.43
CA CYS A 54 -3.64 -13.00 -13.62
C CYS A 54 -4.45 -13.03 -12.33
N TYR A 55 -3.77 -13.10 -11.20
CA TYR A 55 -4.44 -13.14 -9.90
C TYR A 55 -4.74 -11.73 -9.40
N ASP A 56 -5.13 -10.86 -10.31
CA ASP A 56 -5.45 -9.47 -9.97
C ASP A 56 -6.78 -9.40 -9.22
N PHE A 57 -6.78 -8.71 -8.09
CA PHE A 57 -7.98 -8.55 -7.29
C PHE A 57 -8.20 -7.09 -6.90
N TRP A 58 -9.39 -6.58 -7.19
CA TRP A 58 -9.73 -5.20 -6.87
C TRP A 58 -10.24 -5.08 -5.44
N VAL A 59 -9.61 -4.21 -4.65
CA VAL A 59 -10.01 -4.00 -3.26
C VAL A 59 -10.83 -2.73 -3.12
N ASN A 60 -11.35 -2.50 -1.92
CA ASN A 60 -12.16 -1.31 -1.64
C ASN A 60 -11.28 -0.08 -1.50
N ALA A 61 -11.55 0.92 -2.33
CA ALA A 61 -10.78 2.17 -2.29
C ALA A 61 -10.60 2.66 -0.86
N ASP A 62 -11.53 2.31 0.01
CA ASP A 62 -11.48 2.71 1.41
C ASP A 62 -11.33 1.50 2.32
N ALA A 63 -10.49 0.55 1.91
CA ALA A 63 -10.26 -0.65 2.69
C ALA A 63 -9.33 -0.39 3.85
N LEU A 64 -9.32 -1.30 4.82
CA LEU A 64 -8.46 -1.15 6.00
C LEU A 64 -7.23 -2.04 5.88
N ASP A 65 -7.41 -3.22 5.30
CA ASP A 65 -6.30 -4.16 5.13
C ASP A 65 -5.13 -3.49 4.42
N ILE A 66 -5.43 -2.74 3.36
CA ILE A 66 -4.40 -2.05 2.60
C ILE A 66 -3.71 -0.98 3.45
N HIS A 67 -2.46 -0.68 3.10
CA HIS A 67 -1.69 0.33 3.83
C HIS A 67 -0.62 0.94 2.94
N PRO A 68 -0.23 2.19 3.25
CA PRO A 68 0.79 2.91 2.49
C PRO A 68 2.18 2.32 2.68
N VAL A 69 3.11 2.68 1.78
CA VAL A 69 4.48 2.18 1.86
C VAL A 69 5.07 2.43 3.24
N GLY A 70 5.88 1.48 3.71
CA GLY A 70 6.50 1.61 5.01
C GLY A 70 5.51 1.43 6.15
N TRP A 71 4.70 0.39 6.05
CA TRP A 71 3.70 0.09 7.07
C TRP A 71 4.23 -0.92 8.07
N CYS A 72 4.86 -1.98 7.56
CA CYS A 72 5.41 -3.02 8.42
C CYS A 72 6.47 -2.45 9.36
N GLU A 73 7.21 -1.45 8.87
CA GLU A 73 8.25 -0.83 9.67
C GLU A 73 7.66 0.21 10.62
N LYS A 74 6.61 0.88 10.17
CA LYS A 74 5.95 1.90 10.98
C LYS A 74 5.20 1.26 12.15
N THR A 75 4.46 0.19 11.87
CA THR A 75 3.70 -0.51 12.89
C THR A 75 4.58 -1.50 13.65
N GLY A 76 5.39 -2.25 12.92
CA GLY A 76 6.28 -3.21 13.55
C GLY A 76 5.87 -4.64 13.24
N HIS A 77 6.18 -5.09 12.03
CA HIS A 77 5.84 -6.46 11.61
C HIS A 77 6.72 -6.90 10.46
N LYS A 78 6.55 -8.14 10.03
CA LYS A 78 7.32 -8.69 8.92
C LYS A 78 6.57 -8.55 7.60
N LEU A 79 7.28 -8.06 6.58
CA LEU A 79 6.67 -7.87 5.26
C LEU A 79 7.05 -9.01 4.33
N HIS A 80 6.07 -9.53 3.60
CA HIS A 80 6.29 -10.63 2.67
C HIS A 80 6.75 -10.09 1.31
N PRO A 81 8.01 -10.41 0.95
CA PRO A 81 8.59 -9.97 -0.33
C PRO A 81 7.96 -10.67 -1.52
N PRO A 82 8.14 -10.08 -2.72
CA PRO A 82 7.60 -10.64 -3.96
C PRO A 82 8.30 -11.93 -4.37
N LYS A 83 8.12 -12.32 -5.63
CA LYS A 83 8.75 -13.53 -6.16
C LYS A 83 10.27 -13.39 -6.21
N GLY A 84 10.96 -14.42 -5.76
CA GLY A 84 12.41 -14.39 -5.76
C GLY A 84 12.97 -13.21 -5.00
N TYR A 85 12.31 -12.85 -3.90
CA TYR A 85 12.75 -11.72 -3.08
C TYR A 85 12.62 -12.04 -1.59
N LYS A 86 13.48 -11.42 -0.80
CA LYS A 86 13.47 -11.64 0.65
C LYS A 86 13.06 -10.37 1.40
N GLU A 87 12.61 -10.53 2.63
CA GLU A 87 12.20 -9.39 3.44
C GLU A 87 13.40 -8.54 3.85
N GLU A 88 14.47 -9.21 4.27
CA GLU A 88 15.69 -8.51 4.68
C GLU A 88 16.33 -7.78 3.50
N GLU A 89 16.38 -8.47 2.37
CA GLU A 89 16.97 -7.89 1.16
C GLU A 89 16.06 -6.82 0.57
N PHE A 90 14.86 -7.23 0.16
CA PHE A 90 13.90 -6.31 -0.42
C PHE A 90 13.75 -5.06 0.43
N ASN A 91 14.31 -3.95 -0.06
CA ASN A 91 14.24 -2.68 0.66
C ASN A 91 13.43 -1.66 -0.12
N TRP A 92 12.30 -1.26 0.44
CA TRP A 92 11.42 -0.29 -0.20
C TRP A 92 12.23 0.86 -0.79
N GLN A 93 12.77 1.71 0.07
CA GLN A 93 13.57 2.85 -0.36
C GLN A 93 14.49 2.46 -1.51
N THR A 94 15.19 1.34 -1.34
CA THR A 94 16.12 0.86 -2.36
C THR A 94 15.39 0.54 -3.66
N TYR A 95 14.17 0.03 -3.54
CA TYR A 95 13.37 -0.32 -4.71
C TYR A 95 12.71 0.92 -5.29
N LEU A 96 12.59 1.97 -4.49
CA LEU A 96 11.97 3.21 -4.92
C LEU A 96 13.02 4.18 -5.45
N LYS A 97 14.29 3.90 -5.15
CA LYS A 97 15.39 4.74 -5.61
C LYS A 97 15.89 4.30 -6.98
N THR A 98 15.86 2.99 -7.22
CA THR A 98 16.31 2.44 -8.48
C THR A 98 15.29 2.68 -9.58
N CYS A 99 14.01 2.71 -9.21
CA CYS A 99 12.93 2.93 -10.17
C CYS A 99 12.25 4.27 -9.90
N LYS A 100 12.96 5.17 -9.24
CA LYS A 100 12.42 6.49 -8.92
C LYS A 100 10.91 6.43 -8.72
N ALA A 101 10.46 5.37 -8.06
CA ALA A 101 9.03 5.19 -7.79
C ALA A 101 8.60 5.98 -6.56
N GLN A 102 7.42 6.60 -6.65
CA GLN A 102 6.90 7.39 -5.54
C GLN A 102 5.84 6.62 -4.76
N ALA A 103 5.97 6.60 -3.44
CA ALA A 103 5.03 5.89 -2.58
C ALA A 103 3.74 6.69 -2.42
N ALA A 104 2.64 5.98 -2.19
CA ALA A 104 1.35 6.62 -2.00
C ALA A 104 1.27 7.33 -0.66
N PRO A 105 0.58 8.48 -0.63
CA PRO A 105 0.41 9.28 0.59
C PRO A 105 -0.48 8.61 1.62
N LYS A 106 0.02 8.47 2.84
CA LYS A 106 -0.74 7.85 3.91
C LYS A 106 -2.17 8.38 3.96
N SER A 107 -2.35 9.60 3.49
CA SER A 107 -3.67 10.23 3.47
C SER A 107 -4.70 9.31 2.82
N LEU A 108 -4.38 8.84 1.62
CA LEU A 108 -5.28 7.94 0.89
C LEU A 108 -5.88 6.89 1.82
N PHE A 109 -5.17 6.58 2.89
CA PHE A 109 -5.64 5.60 3.86
C PHE A 109 -6.12 6.28 5.14
N GLU A 110 -7.08 7.19 5.00
CA GLU A 110 -7.62 7.91 6.15
C GLU A 110 -8.82 7.16 6.74
N ASN A 111 -8.75 5.84 6.72
CA ASN A 111 -9.82 5.00 7.25
C ASN A 111 -9.60 4.73 8.73
N GLN A 112 -8.52 4.02 9.05
CA GLN A 112 -8.20 3.68 10.43
C GLN A 112 -7.18 4.68 11.01
N ASN A 113 -7.48 5.17 12.21
CA ASN A 113 -6.59 6.12 12.87
C ASN A 113 -6.88 6.18 14.37
N ILE A 114 -6.11 6.98 15.08
CA ILE A 114 -6.29 7.13 16.53
C ILE A 114 -7.76 7.29 16.88
N THR A 115 -8.19 6.54 17.89
CA THR A 115 -9.59 6.60 18.34
C THR A 115 -9.68 6.79 19.84
N VAL A 116 -10.67 7.54 20.28
CA VAL A 116 -10.88 7.81 21.70
C VAL A 116 -11.08 6.52 22.49
N ILE A 117 -10.40 6.42 23.62
CA ILE A 117 -10.50 5.23 24.46
C ILE A 117 -11.77 5.26 25.29
N PRO A 118 -12.31 4.06 25.61
CA PRO A 118 -13.52 3.93 26.42
C PRO A 118 -13.31 4.33 27.87
N SER A 119 -12.23 3.82 28.47
CA SER A 119 -11.91 4.12 29.85
C SER A 119 -10.45 3.81 30.16
N GLY A 120 -9.94 4.37 31.25
CA GLY A 120 -8.56 4.14 31.63
C GLY A 120 -7.61 5.11 30.96
N PHE A 121 -7.41 6.27 31.58
CA PHE A 121 -6.52 7.29 31.03
C PHE A 121 -5.16 7.24 31.73
N SER A 122 -4.17 6.72 31.01
CA SER A 122 -2.82 6.60 31.55
C SER A 122 -1.80 7.16 30.56
N GLY A 123 -0.71 7.72 31.09
CA GLY A 123 0.32 8.28 30.25
C GLY A 123 1.09 7.22 29.49
N PRO A 124 2.32 7.56 29.05
CA PRO A 124 3.18 6.64 28.31
C PRO A 124 3.70 5.50 29.18
N SER A 125 3.01 4.37 29.14
CA SER A 125 3.41 3.21 29.93
C SER A 125 4.86 2.82 29.66
N SER A 126 5.55 2.36 30.68
CA SER A 126 6.95 1.97 30.55
C SER A 126 7.06 0.54 30.03
N GLY A 127 8.28 0.14 29.66
CA GLY A 127 8.50 -1.19 29.15
C GLY A 127 9.90 -1.39 28.62
N GLY A 1 -13.08 25.49 -4.98
CA GLY A 1 -12.30 25.49 -6.20
C GLY A 1 -12.57 26.71 -7.07
N SER A 2 -12.15 26.64 -8.32
CA SER A 2 -12.34 27.75 -9.25
C SER A 2 -13.74 27.72 -9.86
N SER A 3 -14.71 28.27 -9.13
CA SER A 3 -16.09 28.31 -9.59
C SER A 3 -16.69 26.90 -9.60
N GLY A 4 -16.40 26.13 -8.56
CA GLY A 4 -16.93 24.78 -8.47
C GLY A 4 -16.14 23.92 -7.51
N SER A 5 -16.31 22.60 -7.63
CA SER A 5 -15.60 21.66 -6.76
C SER A 5 -14.75 20.70 -7.57
N SER A 6 -13.69 20.18 -6.96
CA SER A 6 -12.79 19.25 -7.63
C SER A 6 -13.56 18.36 -8.59
N GLY A 7 -14.57 17.67 -8.08
CA GLY A 7 -15.38 16.79 -8.90
C GLY A 7 -14.78 15.40 -9.01
N PRO A 8 -15.10 14.54 -8.02
CA PRO A 8 -14.60 13.16 -7.98
C PRO A 8 -15.22 12.29 -9.07
N TYR A 9 -14.47 12.07 -10.14
CA TYR A 9 -14.95 11.25 -11.25
C TYR A 9 -14.66 9.77 -11.01
N ASN A 10 -15.58 9.10 -10.34
CA ASN A 10 -15.42 7.68 -10.04
C ASN A 10 -13.97 7.34 -9.73
N LYS A 11 -13.33 8.18 -8.91
CA LYS A 11 -11.95 7.98 -8.54
C LYS A 11 -11.71 8.37 -7.07
N ASN A 12 -11.02 7.51 -6.34
CA ASN A 12 -10.71 7.76 -4.93
C ASN A 12 -9.49 8.66 -4.80
N GLY A 13 -8.46 8.37 -5.59
CA GLY A 13 -7.24 9.17 -5.53
C GLY A 13 -6.02 8.37 -5.96
N PHE A 14 -6.02 7.08 -5.66
CA PHE A 14 -4.92 6.21 -6.01
C PHE A 14 -4.50 6.42 -7.46
N LYS A 15 -3.21 6.69 -7.67
CA LYS A 15 -2.68 6.90 -9.02
C LYS A 15 -1.84 5.73 -9.47
N VAL A 16 -1.90 5.43 -10.76
CA VAL A 16 -1.12 4.31 -11.32
C VAL A 16 0.37 4.54 -11.16
N GLY A 17 1.05 3.55 -10.59
CA GLY A 17 2.48 3.66 -10.38
C GLY A 17 2.85 3.68 -8.92
N MET A 18 1.99 4.27 -8.09
CA MET A 18 2.23 4.36 -6.66
C MET A 18 2.19 2.98 -6.01
N LYS A 19 3.25 2.61 -5.32
CA LYS A 19 3.33 1.32 -4.65
C LYS A 19 2.66 1.37 -3.28
N LEU A 20 2.23 0.21 -2.81
CA LEU A 20 1.57 0.11 -1.51
C LEU A 20 1.54 -1.33 -1.01
N GLU A 21 1.09 -1.51 0.22
CA GLU A 21 1.00 -2.85 0.82
C GLU A 21 -0.44 -3.31 0.93
N GLY A 22 -0.66 -4.61 0.74
CA GLY A 22 -1.99 -5.16 0.81
C GLY A 22 -2.02 -6.54 1.43
N VAL A 23 -3.22 -7.09 1.62
CA VAL A 23 -3.37 -8.40 2.22
C VAL A 23 -3.76 -9.43 1.16
N ASP A 24 -3.26 -10.66 1.32
CA ASP A 24 -3.56 -11.73 0.38
C ASP A 24 -4.96 -12.30 0.63
N PRO A 25 -5.68 -12.60 -0.47
CA PRO A 25 -7.04 -13.14 -0.39
C PRO A 25 -7.06 -14.58 0.15
N GLU A 26 -5.89 -15.08 0.51
CA GLU A 26 -5.77 -16.44 1.03
C GLU A 26 -5.59 -16.43 2.55
N HIS A 27 -5.07 -15.31 3.06
CA HIS A 27 -4.84 -15.17 4.50
C HIS A 27 -4.95 -13.71 4.92
N GLN A 28 -5.78 -13.45 5.92
CA GLN A 28 -5.98 -12.09 6.42
C GLN A 28 -4.92 -11.73 7.45
N SER A 29 -3.76 -12.36 7.33
CA SER A 29 -2.65 -12.11 8.25
C SER A 29 -1.37 -11.77 7.49
N VAL A 30 -1.25 -12.30 6.28
CA VAL A 30 -0.09 -12.05 5.45
C VAL A 30 -0.22 -10.74 4.68
N TYR A 31 0.87 -9.97 4.62
CA TYR A 31 0.86 -8.70 3.92
C TYR A 31 1.89 -8.70 2.80
N CYS A 32 1.41 -8.59 1.57
CA CYS A 32 2.29 -8.57 0.41
C CYS A 32 2.33 -7.19 -0.24
N VAL A 33 3.33 -6.96 -1.08
CA VAL A 33 3.48 -5.68 -1.76
C VAL A 33 2.73 -5.67 -3.08
N LEU A 34 1.89 -4.66 -3.28
CA LEU A 34 1.12 -4.53 -4.51
C LEU A 34 1.38 -3.20 -5.20
N THR A 35 1.00 -3.09 -6.46
CA THR A 35 1.19 -1.87 -7.22
C THR A 35 -0.06 -1.50 -8.00
N VAL A 36 -0.47 -0.23 -7.87
CA VAL A 36 -1.66 0.25 -8.57
C VAL A 36 -1.46 0.25 -10.08
N ALA A 37 -2.09 -0.70 -10.76
CA ALA A 37 -1.97 -0.81 -12.20
C ALA A 37 -3.16 -0.14 -12.90
N GLU A 38 -4.34 -0.25 -12.29
CA GLU A 38 -5.54 0.34 -12.85
C GLU A 38 -6.47 0.84 -11.74
N VAL A 39 -7.26 1.86 -12.06
CA VAL A 39 -8.19 2.43 -11.10
C VAL A 39 -9.53 2.76 -11.75
N CYS A 40 -10.61 2.55 -11.00
CA CYS A 40 -11.94 2.82 -11.50
C CYS A 40 -12.98 2.77 -10.38
N GLY A 41 -14.04 3.55 -10.52
CA GLY A 41 -15.08 3.57 -9.51
C GLY A 41 -14.52 3.66 -8.10
N TYR A 42 -15.25 3.11 -7.15
CA TYR A 42 -14.81 3.12 -5.75
C TYR A 42 -13.88 1.96 -5.45
N ARG A 43 -13.23 1.44 -6.49
CA ARG A 43 -12.31 0.33 -6.34
C ARG A 43 -11.00 0.61 -7.06
N ILE A 44 -10.03 -0.29 -6.88
CA ILE A 44 -8.72 -0.14 -7.52
C ILE A 44 -8.09 -1.50 -7.81
N LYS A 45 -7.48 -1.63 -8.98
CA LYS A 45 -6.83 -2.87 -9.37
C LYS A 45 -5.53 -3.07 -8.61
N LEU A 46 -5.34 -4.29 -8.10
CA LEU A 46 -4.13 -4.61 -7.34
C LEU A 46 -3.26 -5.59 -8.11
N HIS A 47 -2.03 -5.18 -8.39
CA HIS A 47 -1.08 -6.02 -9.12
C HIS A 47 0.04 -6.51 -8.21
N PHE A 48 0.20 -7.83 -8.14
CA PHE A 48 1.25 -8.42 -7.30
C PHE A 48 2.63 -8.15 -7.88
N ASP A 49 3.57 -7.81 -7.01
CA ASP A 49 4.94 -7.53 -7.42
C ASP A 49 5.63 -8.79 -7.94
N GLY A 50 5.97 -8.79 -9.22
CA GLY A 50 6.62 -9.95 -9.82
C GLY A 50 5.64 -10.90 -10.48
N TYR A 51 4.49 -11.10 -9.84
CA TYR A 51 3.47 -11.99 -10.36
C TYR A 51 2.86 -11.42 -11.65
N SER A 52 1.92 -12.16 -12.22
CA SER A 52 1.26 -11.74 -13.45
C SER A 52 -0.02 -10.97 -13.15
N ASP A 53 -0.46 -10.17 -14.12
CA ASP A 53 -1.68 -9.39 -13.96
C ASP A 53 -2.88 -10.28 -13.67
N CYS A 54 -2.89 -11.46 -14.29
CA CYS A 54 -3.98 -12.41 -14.10
C CYS A 54 -4.32 -12.56 -12.62
N TYR A 55 -3.29 -12.60 -11.78
CA TYR A 55 -3.48 -12.74 -10.34
C TYR A 55 -3.71 -11.39 -9.69
N ASP A 56 -4.45 -10.51 -10.37
CA ASP A 56 -4.75 -9.19 -9.86
C ASP A 56 -6.22 -9.08 -9.45
N PHE A 57 -6.47 -8.48 -8.30
CA PHE A 57 -7.84 -8.30 -7.81
C PHE A 57 -8.12 -6.83 -7.50
N TRP A 58 -9.40 -6.51 -7.39
CA TRP A 58 -9.81 -5.14 -7.11
C TRP A 58 -10.33 -5.01 -5.67
N VAL A 59 -9.72 -4.11 -4.91
CA VAL A 59 -10.12 -3.89 -3.52
C VAL A 59 -10.94 -2.61 -3.38
N ASN A 60 -11.35 -2.31 -2.15
CA ASN A 60 -12.13 -1.12 -1.87
C ASN A 60 -11.23 0.11 -1.71
N ALA A 61 -11.56 1.17 -2.44
CA ALA A 61 -10.77 2.40 -2.38
C ALA A 61 -10.51 2.81 -0.93
N ASP A 62 -11.42 2.43 -0.04
CA ASP A 62 -11.29 2.76 1.37
C ASP A 62 -11.16 1.49 2.22
N ALA A 63 -10.37 0.55 1.73
CA ALA A 63 -10.16 -0.71 2.44
C ALA A 63 -9.17 -0.53 3.59
N LEU A 64 -9.31 -1.36 4.62
CA LEU A 64 -8.42 -1.30 5.77
C LEU A 64 -7.21 -2.19 5.58
N ASP A 65 -7.41 -3.35 4.96
CA ASP A 65 -6.32 -4.28 4.70
C ASP A 65 -5.12 -3.57 4.10
N ILE A 66 -5.36 -2.82 3.03
CA ILE A 66 -4.30 -2.09 2.35
C ILE A 66 -3.68 -1.04 3.27
N HIS A 67 -2.39 -0.79 3.11
CA HIS A 67 -1.70 0.19 3.92
C HIS A 67 -0.58 0.87 3.12
N PRO A 68 -0.25 2.12 3.50
CA PRO A 68 0.79 2.89 2.83
C PRO A 68 2.19 2.35 3.10
N VAL A 69 3.09 2.53 2.15
CA VAL A 69 4.46 2.06 2.29
C VAL A 69 5.03 2.41 3.65
N GLY A 70 5.89 1.54 4.17
CA GLY A 70 6.50 1.78 5.47
C GLY A 70 5.51 1.58 6.61
N TRP A 71 4.69 0.55 6.51
CA TRP A 71 3.69 0.25 7.54
C TRP A 71 4.24 -0.78 8.53
N CYS A 72 4.97 -1.75 8.03
CA CYS A 72 5.54 -2.80 8.87
C CYS A 72 6.31 -2.19 10.03
N GLU A 73 6.98 -1.07 9.78
CA GLU A 73 7.76 -0.40 10.81
C GLU A 73 6.88 0.60 11.58
N LYS A 74 6.02 1.30 10.86
CA LYS A 74 5.13 2.28 11.48
C LYS A 74 4.32 1.64 12.60
N THR A 75 3.82 0.43 12.36
CA THR A 75 3.02 -0.28 13.34
C THR A 75 3.89 -1.19 14.19
N GLY A 76 4.60 -2.11 13.54
CA GLY A 76 5.46 -3.03 14.25
C GLY A 76 5.30 -4.46 13.80
N HIS A 77 5.01 -4.64 12.50
CA HIS A 77 4.83 -5.97 11.94
C HIS A 77 5.91 -6.28 10.91
N LYS A 78 5.79 -7.42 10.26
CA LYS A 78 6.76 -7.84 9.24
C LYS A 78 6.14 -7.78 7.85
N LEU A 79 7.00 -7.80 6.83
CA LEU A 79 6.54 -7.76 5.44
C LEU A 79 7.11 -8.92 4.64
N HIS A 80 6.29 -9.49 3.77
CA HIS A 80 6.71 -10.61 2.93
C HIS A 80 7.11 -10.13 1.54
N PRO A 81 8.36 -10.44 1.14
CA PRO A 81 8.90 -10.05 -0.16
C PRO A 81 8.24 -10.81 -1.31
N PRO A 82 8.35 -10.26 -2.53
CA PRO A 82 7.77 -10.88 -3.73
C PRO A 82 8.50 -12.17 -4.12
N LYS A 83 8.26 -12.61 -5.35
CA LYS A 83 8.88 -13.83 -5.86
C LYS A 83 10.39 -13.66 -5.97
N GLY A 84 11.14 -14.62 -5.44
CA GLY A 84 12.59 -14.54 -5.51
C GLY A 84 13.15 -13.30 -4.83
N TYR A 85 12.54 -12.93 -3.71
CA TYR A 85 12.98 -11.75 -2.96
C TYR A 85 12.91 -12.00 -1.46
N LYS A 86 13.93 -11.53 -0.75
CA LYS A 86 13.99 -11.70 0.70
C LYS A 86 13.55 -10.42 1.41
N GLU A 87 13.09 -10.58 2.65
CA GLU A 87 12.63 -9.44 3.44
C GLU A 87 13.80 -8.56 3.85
N GLU A 88 14.98 -9.16 3.95
CA GLU A 88 16.18 -8.43 4.34
C GLU A 88 16.90 -7.86 3.11
N GLU A 89 16.77 -8.56 1.98
CA GLU A 89 17.40 -8.13 0.74
C GLU A 89 16.59 -7.01 0.08
N PHE A 90 15.28 -7.19 0.03
CA PHE A 90 14.39 -6.21 -0.57
C PHE A 90 14.27 -4.97 0.31
N ASN A 91 14.33 -3.80 -0.30
CA ASN A 91 14.23 -2.54 0.42
C ASN A 91 13.32 -1.56 -0.31
N TRP A 92 12.33 -1.03 0.41
CA TRP A 92 11.39 -0.09 -0.17
C TRP A 92 12.11 1.11 -0.78
N GLN A 93 12.70 1.94 0.08
CA GLN A 93 13.43 3.11 -0.38
C GLN A 93 14.29 2.78 -1.59
N THR A 94 15.04 1.68 -1.51
CA THR A 94 15.90 1.26 -2.59
C THR A 94 15.10 0.93 -3.85
N TYR A 95 13.92 0.34 -3.65
CA TYR A 95 13.05 -0.02 -4.77
C TYR A 95 12.32 1.20 -5.30
N LEU A 96 12.16 2.21 -4.45
CA LEU A 96 11.47 3.44 -4.84
C LEU A 96 12.44 4.42 -5.50
N LYS A 97 13.74 4.17 -5.32
CA LYS A 97 14.76 5.03 -5.90
C LYS A 97 15.22 4.49 -7.25
N THR A 98 15.27 3.17 -7.37
CA THR A 98 15.69 2.53 -8.61
C THR A 98 14.64 2.68 -9.69
N CYS A 99 13.37 2.58 -9.29
CA CYS A 99 12.26 2.71 -10.23
C CYS A 99 11.67 4.11 -10.19
N LYS A 100 12.44 5.06 -9.69
CA LYS A 100 11.98 6.44 -9.59
C LYS A 100 10.51 6.51 -9.23
N ALA A 101 10.10 5.71 -8.25
CA ALA A 101 8.71 5.69 -7.81
C ALA A 101 8.55 6.35 -6.45
N GLN A 102 7.38 6.94 -6.22
CA GLN A 102 7.10 7.62 -4.96
C GLN A 102 6.02 6.88 -4.17
N ALA A 103 6.39 6.34 -3.01
CA ALA A 103 5.46 5.61 -2.17
C ALA A 103 4.15 6.39 -2.00
N ALA A 104 3.04 5.71 -2.23
CA ALA A 104 1.72 6.35 -2.10
C ALA A 104 1.64 7.19 -0.83
N PRO A 105 0.93 8.32 -0.92
CA PRO A 105 0.76 9.23 0.22
C PRO A 105 -0.13 8.64 1.31
N LYS A 106 0.15 9.03 2.56
CA LYS A 106 -0.62 8.54 3.70
C LYS A 106 -2.06 9.04 3.64
N SER A 107 -2.24 10.24 3.10
CA SER A 107 -3.57 10.84 2.98
C SER A 107 -4.57 9.84 2.41
N LEU A 108 -4.10 9.00 1.50
CA LEU A 108 -4.95 7.99 0.87
C LEU A 108 -5.58 7.08 1.92
N PHE A 109 -4.80 6.71 2.92
CA PHE A 109 -5.28 5.84 3.99
C PHE A 109 -5.53 6.64 5.27
N GLU A 110 -6.12 7.81 5.12
CA GLU A 110 -6.40 8.68 6.26
C GLU A 110 -7.83 8.46 6.77
N ASN A 111 -8.29 7.21 6.69
CA ASN A 111 -9.63 6.87 7.13
C ASN A 111 -9.61 6.30 8.55
N GLN A 112 -8.91 5.19 8.72
CA GLN A 112 -8.80 4.55 10.03
C GLN A 112 -8.72 5.58 11.14
N ASN A 113 -9.49 5.36 12.20
CA ASN A 113 -9.50 6.28 13.34
C ASN A 113 -8.09 6.57 13.82
N ILE A 114 -7.98 7.41 14.84
CA ILE A 114 -6.68 7.77 15.41
C ILE A 114 -6.28 6.82 16.53
N THR A 115 -5.03 6.39 16.52
CA THR A 115 -4.52 5.48 17.55
C THR A 115 -3.14 5.91 18.02
N VAL A 116 -2.87 5.67 19.30
CA VAL A 116 -1.59 6.04 19.89
C VAL A 116 -1.05 4.92 20.78
N ILE A 117 0.26 4.73 20.75
CA ILE A 117 0.90 3.69 21.55
C ILE A 117 0.90 4.06 23.03
N PRO A 118 0.74 3.05 23.89
CA PRO A 118 0.71 3.24 25.34
C PRO A 118 2.09 3.62 25.91
N SER A 119 2.10 4.58 26.83
CA SER A 119 3.34 5.04 27.43
C SER A 119 3.96 3.95 28.29
N GLY A 120 3.23 3.54 29.34
CA GLY A 120 3.73 2.51 30.23
C GLY A 120 4.98 2.93 30.98
N PHE A 121 4.99 4.17 31.47
CA PHE A 121 6.13 4.69 32.21
C PHE A 121 5.77 4.92 33.67
N SER A 122 6.63 4.43 34.56
CA SER A 122 6.40 4.58 35.99
C SER A 122 7.71 4.46 36.77
N GLY A 123 7.67 4.83 38.04
CA GLY A 123 8.87 4.77 38.87
C GLY A 123 8.69 5.45 40.21
N PRO A 124 9.22 4.84 41.28
CA PRO A 124 9.12 5.38 42.63
C PRO A 124 9.96 6.64 42.82
N SER A 125 9.90 7.22 44.01
CA SER A 125 10.65 8.44 44.31
C SER A 125 10.82 8.61 45.81
N SER A 126 11.73 9.51 46.20
CA SER A 126 12.00 9.76 47.62
C SER A 126 11.10 10.87 48.15
N GLY A 127 11.13 11.06 49.46
CA GLY A 127 10.32 12.10 50.08
C GLY A 127 10.37 12.05 51.59
N GLY A 1 7.13 24.95 -17.53
CA GLY A 1 5.82 24.36 -17.38
C GLY A 1 5.86 22.86 -17.25
N SER A 2 5.30 22.34 -16.17
CA SER A 2 5.29 20.89 -15.92
C SER A 2 4.18 20.22 -16.73
N SER A 3 4.15 18.89 -16.68
CA SER A 3 3.16 18.12 -17.41
C SER A 3 2.18 17.45 -16.44
N GLY A 4 1.16 16.79 -17.00
CA GLY A 4 0.17 16.12 -16.18
C GLY A 4 -0.33 14.84 -16.81
N SER A 5 -0.70 13.88 -15.98
CA SER A 5 -1.20 12.60 -16.46
C SER A 5 -2.72 12.63 -16.64
N SER A 6 -3.15 13.14 -17.80
CA SER A 6 -4.58 13.24 -18.10
C SER A 6 -5.08 11.97 -18.76
N GLY A 7 -5.70 11.10 -17.96
CA GLY A 7 -6.23 9.85 -18.49
C GLY A 7 -7.40 9.33 -17.69
N PRO A 8 -7.11 8.43 -16.73
CA PRO A 8 -8.14 7.83 -15.87
C PRO A 8 -8.72 8.83 -14.89
N TYR A 9 -9.89 9.35 -15.20
CA TYR A 9 -10.55 10.33 -14.34
C TYR A 9 -11.19 9.64 -13.13
N ASN A 10 -11.65 8.42 -13.34
CA ASN A 10 -12.28 7.65 -12.26
C ASN A 10 -11.24 7.18 -11.26
N LYS A 11 -10.99 7.99 -10.23
CA LYS A 11 -10.02 7.65 -9.20
C LYS A 11 -10.23 8.51 -7.96
N ASN A 12 -10.25 7.87 -6.80
CA ASN A 12 -10.43 8.59 -5.54
C ASN A 12 -9.09 8.93 -4.90
N GLY A 13 -8.14 9.35 -5.75
CA GLY A 13 -6.81 9.71 -5.24
C GLY A 13 -5.74 8.75 -5.73
N PHE A 14 -6.09 7.46 -5.80
CA PHE A 14 -5.14 6.45 -6.25
C PHE A 14 -4.76 6.66 -7.71
N LYS A 15 -3.53 6.28 -8.06
CA LYS A 15 -3.05 6.44 -9.43
C LYS A 15 -2.08 5.32 -9.79
N VAL A 16 -2.04 4.96 -11.07
CA VAL A 16 -1.16 3.90 -11.54
C VAL A 16 0.29 4.22 -11.22
N GLY A 17 1.00 3.25 -10.65
CA GLY A 17 2.40 3.44 -10.31
C GLY A 17 2.62 3.48 -8.80
N MET A 18 1.79 4.23 -8.10
CA MET A 18 1.89 4.34 -6.65
C MET A 18 1.90 2.97 -6.00
N LYS A 19 3.05 2.58 -5.45
CA LYS A 19 3.18 1.28 -4.78
C LYS A 19 2.55 1.32 -3.39
N LEU A 20 2.09 0.16 -2.93
CA LEU A 20 1.47 0.05 -1.62
C LEU A 20 1.45 -1.40 -1.15
N GLU A 21 1.02 -1.60 0.10
CA GLU A 21 0.95 -2.94 0.67
C GLU A 21 -0.50 -3.36 0.91
N GLY A 22 -0.87 -4.51 0.40
CA GLY A 22 -2.22 -5.01 0.56
C GLY A 22 -2.28 -6.37 1.24
N VAL A 23 -3.48 -6.88 1.45
CA VAL A 23 -3.67 -8.18 2.09
C VAL A 23 -4.10 -9.24 1.07
N ASP A 24 -3.62 -10.46 1.26
CA ASP A 24 -3.95 -11.56 0.37
C ASP A 24 -5.35 -12.09 0.66
N PRO A 25 -6.10 -12.43 -0.40
CA PRO A 25 -7.46 -12.95 -0.28
C PRO A 25 -7.49 -14.36 0.30
N GLU A 26 -6.31 -14.87 0.67
CA GLU A 26 -6.21 -16.20 1.25
C GLU A 26 -5.73 -16.14 2.69
N HIS A 27 -5.10 -15.02 3.06
CA HIS A 27 -4.60 -14.84 4.41
C HIS A 27 -4.77 -13.38 4.86
N GLN A 28 -5.57 -13.18 5.90
CA GLN A 28 -5.81 -11.84 6.42
C GLN A 28 -4.70 -11.43 7.40
N SER A 29 -3.58 -12.14 7.34
CA SER A 29 -2.46 -11.84 8.22
C SER A 29 -1.18 -11.60 7.42
N VAL A 30 -1.22 -11.98 6.14
CA VAL A 30 -0.07 -11.81 5.26
C VAL A 30 -0.16 -10.51 4.48
N TYR A 31 0.92 -9.74 4.50
CA TYR A 31 0.96 -8.46 3.80
C TYR A 31 1.98 -8.50 2.67
N CYS A 32 1.48 -8.45 1.43
CA CYS A 32 2.35 -8.47 0.26
C CYS A 32 2.37 -7.11 -0.43
N VAL A 33 3.50 -6.79 -1.07
CA VAL A 33 3.65 -5.53 -1.76
C VAL A 33 2.94 -5.54 -3.11
N LEU A 34 2.00 -4.63 -3.30
CA LEU A 34 1.25 -4.54 -4.54
C LEU A 34 1.48 -3.20 -5.23
N THR A 35 1.09 -3.12 -6.50
CA THR A 35 1.26 -1.89 -7.27
C THR A 35 -0.02 -1.54 -8.03
N VAL A 36 -0.44 -0.29 -7.93
CA VAL A 36 -1.64 0.18 -8.61
C VAL A 36 -1.50 0.05 -10.12
N ALA A 37 -2.11 -0.98 -10.68
CA ALA A 37 -2.06 -1.22 -12.12
C ALA A 37 -3.16 -0.44 -12.84
N GLU A 38 -4.27 -0.22 -12.15
CA GLU A 38 -5.39 0.51 -12.72
C GLU A 38 -6.32 1.02 -11.63
N VAL A 39 -7.19 1.96 -11.99
CA VAL A 39 -8.14 2.54 -11.04
C VAL A 39 -9.48 2.82 -11.71
N CYS A 40 -10.56 2.50 -11.01
CA CYS A 40 -11.90 2.72 -11.53
C CYS A 40 -12.93 2.77 -10.40
N GLY A 41 -13.98 3.54 -10.61
CA GLY A 41 -15.02 3.66 -9.59
C GLY A 41 -14.46 3.74 -8.19
N TYR A 42 -15.21 3.24 -7.21
CA TYR A 42 -14.78 3.27 -5.83
C TYR A 42 -13.89 2.07 -5.51
N ARG A 43 -13.05 1.69 -6.46
CA ARG A 43 -12.15 0.55 -6.29
C ARG A 43 -10.87 0.74 -7.09
N ILE A 44 -9.83 0.01 -6.73
CA ILE A 44 -8.55 0.09 -7.42
C ILE A 44 -8.00 -1.29 -7.75
N LYS A 45 -7.27 -1.39 -8.85
CA LYS A 45 -6.69 -2.66 -9.28
C LYS A 45 -5.38 -2.93 -8.55
N LEU A 46 -5.26 -4.11 -7.97
CA LEU A 46 -4.06 -4.50 -7.25
C LEU A 46 -3.27 -5.55 -8.02
N HIS A 47 -1.97 -5.30 -8.19
CA HIS A 47 -1.10 -6.23 -8.91
C HIS A 47 0.04 -6.71 -8.02
N PHE A 48 0.18 -8.02 -7.90
CA PHE A 48 1.24 -8.61 -7.07
C PHE A 48 2.61 -8.34 -7.68
N ASP A 49 3.42 -7.56 -6.99
CA ASP A 49 4.76 -7.22 -7.46
C ASP A 49 5.55 -8.50 -7.77
N GLY A 50 5.94 -8.65 -9.03
CA GLY A 50 6.70 -9.82 -9.43
C GLY A 50 5.81 -10.95 -9.92
N TYR A 51 4.98 -11.46 -9.02
CA TYR A 51 4.07 -12.55 -9.36
C TYR A 51 3.23 -12.20 -10.58
N SER A 52 2.63 -13.22 -11.19
CA SER A 52 1.80 -13.03 -12.37
C SER A 52 0.68 -12.03 -12.09
N ASP A 53 0.26 -11.30 -13.11
CA ASP A 53 -0.80 -10.32 -12.97
C ASP A 53 -2.16 -10.99 -12.86
N CYS A 54 -2.32 -12.12 -13.55
CA CYS A 54 -3.57 -12.87 -13.51
C CYS A 54 -4.13 -12.94 -12.10
N TYR A 55 -3.24 -12.89 -11.12
CA TYR A 55 -3.65 -12.95 -9.72
C TYR A 55 -3.94 -11.56 -9.17
N ASP A 56 -4.53 -10.71 -10.01
CA ASP A 56 -4.86 -9.35 -9.60
C ASP A 56 -6.32 -9.24 -9.18
N PHE A 57 -6.57 -8.43 -8.15
CA PHE A 57 -7.92 -8.26 -7.64
C PHE A 57 -8.18 -6.79 -7.27
N TRP A 58 -9.44 -6.38 -7.35
CA TRP A 58 -9.82 -5.01 -7.02
C TRP A 58 -10.33 -4.90 -5.59
N VAL A 59 -9.71 -4.04 -4.80
CA VAL A 59 -10.12 -3.84 -3.41
C VAL A 59 -10.78 -2.49 -3.22
N ASN A 60 -11.28 -2.24 -2.01
CA ASN A 60 -11.94 -0.98 -1.69
C ASN A 60 -10.92 0.15 -1.59
N ALA A 61 -11.18 1.23 -2.32
CA ALA A 61 -10.29 2.39 -2.32
C ALA A 61 -9.91 2.77 -0.89
N ASP A 62 -10.86 2.65 0.03
CA ASP A 62 -10.61 2.98 1.43
C ASP A 62 -10.62 1.73 2.29
N ALA A 63 -10.04 0.65 1.78
CA ALA A 63 -9.97 -0.61 2.50
C ALA A 63 -9.00 -0.52 3.67
N LEU A 64 -9.29 -1.26 4.74
CA LEU A 64 -8.44 -1.27 5.92
C LEU A 64 -7.25 -2.21 5.74
N ASP A 65 -7.53 -3.41 5.23
CA ASP A 65 -6.48 -4.41 5.01
C ASP A 65 -5.25 -3.77 4.38
N ILE A 66 -5.47 -2.93 3.36
CA ILE A 66 -4.38 -2.26 2.68
C ILE A 66 -3.75 -1.18 3.56
N HIS A 67 -2.51 -0.83 3.27
CA HIS A 67 -1.80 0.19 4.03
C HIS A 67 -0.76 0.90 3.17
N PRO A 68 -0.42 2.13 3.56
CA PRO A 68 0.57 2.94 2.83
C PRO A 68 1.98 2.40 2.97
N VAL A 69 2.84 2.73 2.01
CA VAL A 69 4.23 2.27 2.04
C VAL A 69 4.88 2.60 3.37
N GLY A 70 5.77 1.71 3.82
CA GLY A 70 6.44 1.92 5.08
C GLY A 70 5.54 1.72 6.28
N TRP A 71 4.64 0.75 6.18
CA TRP A 71 3.71 0.46 7.27
C TRP A 71 4.24 -0.65 8.17
N CYS A 72 4.55 -1.80 7.58
CA CYS A 72 5.07 -2.93 8.33
C CYS A 72 6.19 -2.49 9.27
N GLU A 73 7.08 -1.65 8.78
CA GLU A 73 8.20 -1.16 9.58
C GLU A 73 7.71 -0.18 10.64
N LYS A 74 6.80 0.71 10.25
CA LYS A 74 6.25 1.70 11.16
C LYS A 74 5.65 1.03 12.39
N THR A 75 4.87 -0.02 12.16
CA THR A 75 4.24 -0.75 13.26
C THR A 75 5.12 -1.90 13.74
N GLY A 76 5.49 -2.79 12.82
CA GLY A 76 6.33 -3.92 13.18
C GLY A 76 5.72 -5.24 12.79
N HIS A 77 5.72 -5.53 11.48
CA HIS A 77 5.17 -6.79 10.97
C HIS A 77 6.11 -7.42 9.95
N LYS A 78 6.06 -8.75 9.85
CA LYS A 78 6.90 -9.47 8.92
C LYS A 78 6.34 -9.40 7.50
N LEU A 79 6.78 -8.41 6.75
CA LEU A 79 6.32 -8.22 5.38
C LEU A 79 6.77 -9.38 4.48
N HIS A 80 5.96 -9.71 3.49
CA HIS A 80 6.29 -10.79 2.57
C HIS A 80 6.85 -10.24 1.26
N PRO A 81 8.14 -10.54 1.01
CA PRO A 81 8.82 -10.08 -0.21
C PRO A 81 8.29 -10.78 -1.46
N PRO A 82 8.54 -10.15 -2.63
CA PRO A 82 8.10 -10.70 -3.92
C PRO A 82 8.89 -11.94 -4.32
N LYS A 83 8.59 -12.46 -5.51
CA LYS A 83 9.27 -13.65 -6.01
C LYS A 83 10.78 -13.43 -6.06
N GLY A 84 11.54 -14.38 -5.50
CA GLY A 84 12.98 -14.27 -5.49
C GLY A 84 13.47 -13.07 -4.71
N TYR A 85 12.83 -12.81 -3.56
CA TYR A 85 13.21 -11.69 -2.71
C TYR A 85 13.06 -12.06 -1.24
N LYS A 86 13.89 -11.44 -0.40
CA LYS A 86 13.85 -11.69 1.04
C LYS A 86 13.65 -10.39 1.81
N GLU A 87 12.92 -10.48 2.93
CA GLU A 87 12.66 -9.32 3.76
C GLU A 87 13.96 -8.59 4.09
N GLU A 88 15.08 -9.28 3.94
CA GLU A 88 16.38 -8.70 4.24
C GLU A 88 17.04 -8.17 2.96
N GLU A 89 16.72 -8.79 1.83
CA GLU A 89 17.28 -8.39 0.55
C GLU A 89 16.33 -7.45 -0.18
N PHE A 90 15.48 -6.77 0.57
CA PHE A 90 14.52 -5.84 0.00
C PHE A 90 14.40 -4.57 0.85
N ASN A 91 14.33 -3.43 0.18
CA ASN A 91 14.22 -2.15 0.88
C ASN A 91 13.38 -1.16 0.06
N TRP A 92 12.20 -0.82 0.59
CA TRP A 92 11.30 0.11 -0.08
C TRP A 92 12.09 1.26 -0.70
N GLN A 93 12.63 2.12 0.16
CA GLN A 93 13.40 3.28 -0.30
C GLN A 93 14.27 2.90 -1.50
N THR A 94 15.04 1.83 -1.36
CA THR A 94 15.91 1.37 -2.44
C THR A 94 15.12 1.03 -3.69
N TYR A 95 13.93 0.45 -3.48
CA TYR A 95 13.07 0.06 -4.60
C TYR A 95 12.38 1.29 -5.19
N LEU A 96 12.27 2.34 -4.40
CA LEU A 96 11.63 3.57 -4.85
C LEU A 96 12.64 4.51 -5.50
N LYS A 97 13.91 4.30 -5.18
CA LYS A 97 14.99 5.13 -5.74
C LYS A 97 15.49 4.54 -7.06
N THR A 98 15.47 3.23 -7.16
CA THR A 98 15.93 2.55 -8.36
C THR A 98 14.82 2.48 -9.41
N CYS A 99 13.58 2.44 -8.95
CA CYS A 99 12.43 2.37 -9.85
C CYS A 99 12.02 3.77 -10.30
N LYS A 100 12.38 4.77 -9.51
CA LYS A 100 12.05 6.16 -9.83
C LYS A 100 10.55 6.41 -9.68
N ALA A 101 9.95 5.76 -8.69
CA ALA A 101 8.52 5.92 -8.43
C ALA A 101 8.27 6.56 -7.08
N GLN A 102 7.02 6.95 -6.82
CA GLN A 102 6.65 7.58 -5.57
C GLN A 102 5.74 6.68 -4.75
N ALA A 103 5.95 6.67 -3.44
CA ALA A 103 5.14 5.85 -2.55
C ALA A 103 3.82 6.54 -2.20
N ALA A 104 2.71 5.83 -2.42
CA ALA A 104 1.40 6.38 -2.13
C ALA A 104 1.39 7.12 -0.80
N PRO A 105 0.72 8.29 -0.77
CA PRO A 105 0.62 9.11 0.45
C PRO A 105 -0.25 8.48 1.51
N LYS A 106 0.08 8.74 2.78
CA LYS A 106 -0.68 8.19 3.89
C LYS A 106 -2.12 8.70 3.87
N SER A 107 -2.30 9.95 3.46
CA SER A 107 -3.63 10.56 3.40
C SER A 107 -4.64 9.59 2.81
N LEU A 108 -4.30 9.03 1.65
CA LEU A 108 -5.18 8.07 0.98
C LEU A 108 -5.78 7.08 1.97
N PHE A 109 -4.94 6.62 2.90
CA PHE A 109 -5.38 5.67 3.91
C PHE A 109 -5.84 6.39 5.18
N GLU A 110 -6.50 7.52 5.00
CA GLU A 110 -6.99 8.30 6.13
C GLU A 110 -8.10 7.56 6.87
N ASN A 111 -9.14 7.16 6.14
CA ASN A 111 -10.26 6.44 6.73
C ASN A 111 -9.76 5.40 7.73
N GLN A 112 -8.78 4.61 7.33
CA GLN A 112 -8.22 3.58 8.19
C GLN A 112 -8.16 4.05 9.64
N ASN A 113 -8.42 3.13 10.57
CA ASN A 113 -8.41 3.46 11.99
C ASN A 113 -7.06 4.04 12.41
N ILE A 114 -6.95 4.41 13.68
CA ILE A 114 -5.72 4.98 14.20
C ILE A 114 -4.75 3.88 14.61
N THR A 115 -3.59 3.83 13.96
CA THR A 115 -2.58 2.83 14.26
C THR A 115 -2.40 2.67 15.78
N VAL A 116 -2.39 1.42 16.23
CA VAL A 116 -2.22 1.12 17.64
C VAL A 116 -0.88 1.62 18.16
N ILE A 117 -0.82 1.89 19.46
CA ILE A 117 0.41 2.38 20.08
C ILE A 117 1.37 1.23 20.36
N PRO A 118 2.68 1.52 20.26
CA PRO A 118 3.73 0.52 20.51
C PRO A 118 3.82 0.12 21.98
N SER A 119 4.01 -1.16 22.22
CA SER A 119 4.12 -1.68 23.58
C SER A 119 5.27 -2.67 23.71
N GLY A 120 5.95 -2.64 24.85
CA GLY A 120 7.07 -3.53 25.07
C GLY A 120 8.10 -2.94 26.01
N PHE A 121 8.62 -3.76 26.92
CA PHE A 121 9.62 -3.31 27.88
C PHE A 121 10.73 -4.34 28.03
N SER A 122 11.83 -3.94 28.65
CA SER A 122 12.97 -4.82 28.86
C SER A 122 13.15 -5.15 30.34
N GLY A 123 12.81 -6.37 30.72
CA GLY A 123 12.95 -6.79 32.10
C GLY A 123 14.39 -6.95 32.53
N PRO A 124 14.62 -7.02 33.85
CA PRO A 124 15.96 -7.18 34.41
C PRO A 124 16.55 -8.57 34.13
N SER A 125 15.68 -9.54 33.86
CA SER A 125 16.11 -10.89 33.57
C SER A 125 17.24 -11.32 34.51
N SER A 126 17.10 -10.96 35.79
CA SER A 126 18.11 -11.29 36.79
C SER A 126 18.25 -12.80 36.94
N GLY A 127 17.11 -13.48 37.04
CA GLY A 127 17.13 -14.93 37.20
C GLY A 127 17.51 -15.37 38.59
N GLY A 1 -2.88 10.71 -26.97
CA GLY A 1 -3.05 11.33 -25.67
C GLY A 1 -4.26 12.24 -25.63
N SER A 2 -5.17 11.98 -24.70
CA SER A 2 -6.38 12.79 -24.56
C SER A 2 -6.79 12.90 -23.10
N SER A 3 -7.51 13.97 -22.77
CA SER A 3 -7.97 14.20 -21.41
C SER A 3 -9.46 14.54 -21.39
N GLY A 4 -10.03 14.58 -20.19
CA GLY A 4 -11.43 14.90 -20.05
C GLY A 4 -12.28 13.67 -19.73
N SER A 5 -13.12 13.79 -18.71
CA SER A 5 -13.98 12.68 -18.30
C SER A 5 -15.45 13.07 -18.39
N SER A 6 -16.11 12.63 -19.45
CA SER A 6 -17.52 12.93 -19.66
C SER A 6 -18.40 11.86 -19.02
N GLY A 7 -18.72 12.05 -17.75
CA GLY A 7 -19.56 11.09 -17.04
C GLY A 7 -19.30 11.09 -15.54
N PRO A 8 -19.59 9.95 -14.89
CA PRO A 8 -19.41 9.80 -13.44
C PRO A 8 -17.93 9.75 -13.05
N TYR A 9 -17.67 9.52 -11.78
CA TYR A 9 -16.30 9.45 -11.27
C TYR A 9 -15.83 8.01 -11.18
N ASN A 10 -14.72 7.71 -11.86
CA ASN A 10 -14.16 6.36 -11.84
C ASN A 10 -12.79 6.35 -11.16
N LYS A 11 -12.65 7.13 -10.10
CA LYS A 11 -11.40 7.21 -9.37
C LYS A 11 -11.57 8.00 -8.08
N ASN A 12 -11.13 7.41 -6.97
CA ASN A 12 -11.24 8.08 -5.66
C ASN A 12 -10.01 8.94 -5.39
N GLY A 13 -8.85 8.32 -5.33
CA GLY A 13 -7.62 9.04 -5.07
C GLY A 13 -6.38 8.22 -5.34
N PHE A 14 -6.51 7.24 -6.23
CA PHE A 14 -5.39 6.36 -6.57
C PHE A 14 -4.94 6.59 -8.01
N LYS A 15 -3.65 6.39 -8.27
CA LYS A 15 -3.11 6.56 -9.60
C LYS A 15 -2.05 5.50 -9.90
N VAL A 16 -2.05 5.02 -11.14
CA VAL A 16 -1.10 4.00 -11.56
C VAL A 16 0.33 4.39 -11.20
N GLY A 17 1.03 3.50 -10.51
CA GLY A 17 2.40 3.77 -10.12
C GLY A 17 2.58 3.79 -8.62
N MET A 18 1.62 4.39 -7.92
CA MET A 18 1.67 4.48 -6.47
C MET A 18 1.79 3.09 -5.84
N LYS A 19 2.93 2.83 -5.20
CA LYS A 19 3.17 1.54 -4.56
C LYS A 19 2.52 1.49 -3.18
N LEU A 20 2.14 0.29 -2.76
CA LEU A 20 1.50 0.10 -1.46
C LEU A 20 1.47 -1.37 -1.09
N GLU A 21 0.95 -1.66 0.11
CA GLU A 21 0.84 -3.03 0.59
C GLU A 21 -0.61 -3.45 0.74
N GLY A 22 -0.90 -4.72 0.47
CA GLY A 22 -2.25 -5.23 0.59
C GLY A 22 -2.29 -6.65 1.12
N VAL A 23 -3.47 -7.09 1.53
CA VAL A 23 -3.65 -8.43 2.06
C VAL A 23 -4.02 -9.41 0.94
N ASP A 24 -3.61 -10.67 1.11
CA ASP A 24 -3.90 -11.70 0.13
C ASP A 24 -5.25 -12.36 0.40
N PRO A 25 -5.97 -12.72 -0.67
CA PRO A 25 -7.28 -13.35 -0.57
C PRO A 25 -7.19 -14.78 -0.03
N GLU A 26 -5.98 -15.25 0.16
CA GLU A 26 -5.76 -16.61 0.67
C GLU A 26 -5.51 -16.59 2.17
N HIS A 27 -5.11 -15.43 2.68
CA HIS A 27 -4.85 -15.28 4.12
C HIS A 27 -4.98 -13.82 4.54
N GLN A 28 -5.77 -13.58 5.58
CA GLN A 28 -5.99 -12.24 6.09
C GLN A 28 -4.88 -11.83 7.05
N SER A 29 -3.79 -12.59 7.05
CA SER A 29 -2.65 -12.31 7.92
C SER A 29 -1.36 -12.21 7.12
N VAL A 30 -1.47 -11.79 5.87
CA VAL A 30 -0.31 -11.65 5.00
C VAL A 30 -0.30 -10.28 4.32
N TYR A 31 0.88 -9.66 4.32
CA TYR A 31 1.03 -8.34 3.70
C TYR A 31 2.11 -8.36 2.64
N CYS A 32 1.70 -8.29 1.37
CA CYS A 32 2.63 -8.30 0.25
C CYS A 32 2.68 -6.93 -0.42
N VAL A 33 3.76 -6.69 -1.16
CA VAL A 33 3.93 -5.42 -1.87
C VAL A 33 3.16 -5.41 -3.17
N LEU A 34 2.19 -4.50 -3.28
CA LEU A 34 1.37 -4.39 -4.47
C LEU A 34 1.58 -3.04 -5.15
N THR A 35 1.15 -2.94 -6.41
CA THR A 35 1.30 -1.69 -7.16
C THR A 35 0.05 -1.42 -7.99
N VAL A 36 -0.52 -0.23 -7.81
CA VAL A 36 -1.71 0.17 -8.55
C VAL A 36 -1.49 0.06 -10.05
N ALA A 37 -2.15 -0.91 -10.67
CA ALA A 37 -2.02 -1.13 -12.12
C ALA A 37 -3.14 -0.43 -12.87
N GLU A 38 -4.31 -0.33 -12.23
CA GLU A 38 -5.46 0.31 -12.85
C GLU A 38 -6.40 0.87 -11.78
N VAL A 39 -7.18 1.89 -12.16
CA VAL A 39 -8.12 2.51 -11.24
C VAL A 39 -9.46 2.77 -11.93
N CYS A 40 -10.54 2.34 -11.29
CA CYS A 40 -11.88 2.54 -11.83
C CYS A 40 -12.93 2.46 -10.73
N GLY A 41 -14.15 2.91 -11.04
CA GLY A 41 -15.22 2.89 -10.07
C GLY A 41 -14.73 3.16 -8.66
N TYR A 42 -15.40 2.57 -7.67
CA TYR A 42 -15.04 2.75 -6.28
C TYR A 42 -14.06 1.67 -5.82
N ARG A 43 -13.11 1.34 -6.67
CA ARG A 43 -12.12 0.32 -6.35
C ARG A 43 -10.80 0.59 -7.08
N ILE A 44 -9.80 -0.25 -6.81
CA ILE A 44 -8.50 -0.10 -7.44
C ILE A 44 -7.86 -1.46 -7.72
N LYS A 45 -7.29 -1.60 -8.91
CA LYS A 45 -6.65 -2.85 -9.29
C LYS A 45 -5.38 -3.09 -8.49
N LEU A 46 -5.20 -4.33 -8.02
CA LEU A 46 -4.03 -4.68 -7.24
C LEU A 46 -3.14 -5.66 -8.00
N HIS A 47 -1.91 -5.24 -8.27
CA HIS A 47 -0.96 -6.08 -8.99
C HIS A 47 0.08 -6.66 -8.03
N PHE A 48 0.37 -7.95 -8.20
CA PHE A 48 1.34 -8.63 -7.35
C PHE A 48 2.73 -8.55 -7.95
N ASP A 49 3.58 -7.71 -7.39
CA ASP A 49 4.95 -7.56 -7.87
C ASP A 49 5.65 -8.90 -7.98
N GLY A 50 5.69 -9.43 -9.20
CA GLY A 50 6.33 -10.71 -9.42
C GLY A 50 5.40 -11.74 -10.05
N TYR A 51 4.35 -12.11 -9.31
CA TYR A 51 3.39 -13.08 -9.81
C TYR A 51 2.68 -12.55 -11.05
N SER A 52 1.97 -13.45 -11.74
CA SER A 52 1.25 -13.09 -12.96
C SER A 52 0.10 -12.14 -12.63
N ASP A 53 -0.25 -11.29 -13.60
CA ASP A 53 -1.33 -10.33 -13.42
C ASP A 53 -2.67 -11.05 -13.24
N CYS A 54 -2.80 -12.19 -13.90
CA CYS A 54 -4.04 -12.98 -13.81
C CYS A 54 -4.51 -13.10 -12.37
N TYR A 55 -3.56 -13.22 -11.45
CA TYR A 55 -3.88 -13.34 -10.03
C TYR A 55 -4.05 -11.97 -9.39
N ASP A 56 -4.63 -11.04 -10.14
CA ASP A 56 -4.86 -9.69 -9.64
C ASP A 56 -6.29 -9.51 -9.18
N PHE A 57 -6.49 -8.67 -8.16
CA PHE A 57 -7.82 -8.41 -7.62
C PHE A 57 -8.02 -6.92 -7.37
N TRP A 58 -9.26 -6.54 -7.07
CA TRP A 58 -9.59 -5.14 -6.81
C TRP A 58 -10.04 -4.95 -5.37
N VAL A 59 -9.41 -4.00 -4.67
CA VAL A 59 -9.76 -3.72 -3.29
C VAL A 59 -10.50 -2.40 -3.16
N ASN A 60 -10.99 -2.11 -1.96
CA ASN A 60 -11.72 -0.86 -1.70
C ASN A 60 -10.76 0.31 -1.63
N ALA A 61 -11.13 1.41 -2.28
CA ALA A 61 -10.31 2.62 -2.28
C ALA A 61 -9.90 3.02 -0.86
N ASP A 62 -10.81 2.78 0.09
CA ASP A 62 -10.55 3.11 1.48
C ASP A 62 -10.54 1.85 2.35
N ALA A 63 -9.86 0.82 1.86
CA ALA A 63 -9.77 -0.45 2.59
C ALA A 63 -8.73 -0.37 3.69
N LEU A 64 -8.97 -1.07 4.79
CA LEU A 64 -8.06 -1.08 5.93
C LEU A 64 -6.88 -2.02 5.67
N ASP A 65 -7.20 -3.25 5.28
CA ASP A 65 -6.18 -4.25 4.99
C ASP A 65 -4.97 -3.62 4.33
N ILE A 66 -5.21 -2.89 3.24
CA ILE A 66 -4.14 -2.22 2.50
C ILE A 66 -3.51 -1.11 3.34
N HIS A 67 -2.19 -0.97 3.22
CA HIS A 67 -1.47 0.06 3.95
C HIS A 67 -0.41 0.72 3.07
N PRO A 68 -0.09 1.98 3.38
CA PRO A 68 0.90 2.74 2.62
C PRO A 68 2.33 2.23 2.85
N VAL A 69 3.23 2.59 1.95
CA VAL A 69 4.62 2.16 2.05
C VAL A 69 5.21 2.53 3.41
N GLY A 70 5.96 1.61 4.00
CA GLY A 70 6.56 1.84 5.29
C GLY A 70 5.60 1.62 6.44
N TRP A 71 4.80 0.57 6.33
CA TRP A 71 3.82 0.24 7.37
C TRP A 71 4.41 -0.75 8.37
N CYS A 72 5.03 -1.81 7.86
CA CYS A 72 5.63 -2.84 8.71
C CYS A 72 6.38 -2.19 9.87
N GLU A 73 7.17 -1.17 9.57
CA GLU A 73 7.94 -0.48 10.60
C GLU A 73 7.04 0.43 11.44
N LYS A 74 6.10 1.09 10.79
CA LYS A 74 5.17 1.98 11.48
C LYS A 74 4.60 1.32 12.72
N THR A 75 4.19 0.07 12.58
CA THR A 75 3.62 -0.68 13.69
C THR A 75 4.65 -1.61 14.31
N GLY A 76 5.28 -2.43 13.48
CA GLY A 76 6.28 -3.36 13.97
C GLY A 76 6.00 -4.80 13.54
N HIS A 77 5.57 -4.97 12.29
CA HIS A 77 5.26 -6.30 11.77
C HIS A 77 6.26 -6.70 10.69
N LYS A 78 6.08 -7.90 10.15
CA LYS A 78 6.97 -8.40 9.11
C LYS A 78 6.31 -8.30 7.74
N LEU A 79 7.09 -7.90 6.74
CA LEU A 79 6.58 -7.76 5.38
C LEU A 79 6.97 -8.96 4.53
N HIS A 80 5.97 -9.70 4.05
CA HIS A 80 6.22 -10.88 3.23
C HIS A 80 6.64 -10.47 1.82
N PRO A 81 7.82 -10.95 1.40
CA PRO A 81 8.37 -10.65 0.08
C PRO A 81 7.58 -11.32 -1.04
N PRO A 82 7.77 -10.83 -2.28
CA PRO A 82 7.08 -11.36 -3.46
C PRO A 82 7.58 -12.75 -3.84
N LYS A 83 7.27 -13.17 -5.06
CA LYS A 83 7.68 -14.49 -5.54
C LYS A 83 9.20 -14.56 -5.67
N GLY A 84 9.81 -15.47 -4.91
CA GLY A 84 11.25 -15.64 -4.95
C GLY A 84 11.99 -14.41 -4.43
N TYR A 85 11.54 -13.90 -3.29
CA TYR A 85 12.16 -12.73 -2.70
C TYR A 85 12.18 -12.84 -1.17
N LYS A 86 13.22 -12.29 -0.56
CA LYS A 86 13.36 -12.33 0.89
C LYS A 86 13.23 -10.93 1.50
N GLU A 87 12.78 -10.87 2.75
CA GLU A 87 12.61 -9.59 3.43
C GLU A 87 13.87 -8.74 3.33
N GLU A 88 14.99 -9.30 3.81
CA GLU A 88 16.26 -8.58 3.79
C GLU A 88 16.63 -8.20 2.36
N GLU A 89 16.43 -9.12 1.43
CA GLU A 89 16.75 -8.88 0.03
C GLU A 89 15.97 -7.67 -0.50
N PHE A 90 14.66 -7.67 -0.26
CA PHE A 90 13.81 -6.58 -0.71
C PHE A 90 14.07 -5.31 0.10
N ASN A 91 13.95 -4.16 -0.56
CA ASN A 91 14.18 -2.88 0.09
C ASN A 91 13.33 -1.79 -0.55
N TRP A 92 12.30 -1.34 0.17
CA TRP A 92 11.42 -0.30 -0.32
C TRP A 92 12.20 0.87 -0.89
N GLN A 93 12.84 1.64 0.00
CA GLN A 93 13.63 2.79 -0.42
C GLN A 93 14.43 2.47 -1.67
N THR A 94 15.15 1.35 -1.65
CA THR A 94 15.95 0.94 -2.78
C THR A 94 15.09 0.72 -4.03
N TYR A 95 13.90 0.19 -3.81
CA TYR A 95 12.98 -0.08 -4.92
C TYR A 95 12.29 1.21 -5.37
N LEU A 96 12.25 2.19 -4.49
CA LEU A 96 11.63 3.47 -4.79
C LEU A 96 12.65 4.45 -5.36
N LYS A 97 13.92 4.16 -5.18
CA LYS A 97 14.99 5.01 -5.68
C LYS A 97 15.44 4.56 -7.07
N THR A 98 15.42 3.25 -7.30
CA THR A 98 15.83 2.70 -8.58
C THR A 98 14.80 3.00 -9.66
N CYS A 99 13.53 3.02 -9.27
CA CYS A 99 12.44 3.30 -10.21
C CYS A 99 12.07 4.78 -10.18
N LYS A 100 12.46 5.46 -9.10
CA LYS A 100 12.17 6.89 -8.96
C LYS A 100 10.67 7.12 -8.80
N ALA A 101 10.03 6.32 -7.95
CA ALA A 101 8.60 6.44 -7.71
C ALA A 101 8.33 7.00 -6.32
N GLN A 102 7.10 7.46 -6.11
CA GLN A 102 6.71 8.02 -4.82
C GLN A 102 5.64 7.16 -4.15
N ALA A 103 5.88 6.83 -2.89
CA ALA A 103 4.94 6.01 -2.13
C ALA A 103 3.58 6.70 -1.99
N ALA A 104 2.51 5.92 -2.10
CA ALA A 104 1.16 6.46 -1.99
C ALA A 104 1.02 7.35 -0.77
N PRO A 105 0.19 8.39 -0.89
CA PRO A 105 -0.04 9.35 0.20
C PRO A 105 -0.83 8.73 1.36
N LYS A 106 -0.42 9.02 2.59
CA LYS A 106 -1.08 8.50 3.76
C LYS A 106 -2.55 8.94 3.81
N SER A 107 -2.82 10.08 3.19
CA SER A 107 -4.18 10.62 3.17
C SER A 107 -5.17 9.57 2.64
N LEU A 108 -4.68 8.67 1.79
CA LEU A 108 -5.51 7.62 1.22
C LEU A 108 -5.94 6.63 2.28
N PHE A 109 -5.15 6.52 3.34
CA PHE A 109 -5.44 5.59 4.43
C PHE A 109 -5.72 6.36 5.72
N GLU A 110 -6.76 7.19 5.70
CA GLU A 110 -7.13 7.98 6.88
C GLU A 110 -8.48 7.54 7.42
N ASN A 111 -8.74 6.23 7.40
CA ASN A 111 -10.00 5.70 7.88
C ASN A 111 -9.76 4.68 8.99
N GLN A 112 -8.71 4.90 9.77
CA GLN A 112 -8.37 3.99 10.87
C GLN A 112 -7.97 4.77 12.11
N ASN A 113 -7.99 4.10 13.27
CA ASN A 113 -7.63 4.73 14.53
C ASN A 113 -6.22 5.31 14.46
N ILE A 114 -5.83 6.02 15.52
CA ILE A 114 -4.51 6.62 15.59
C ILE A 114 -3.46 5.62 16.05
N THR A 115 -2.38 5.51 15.28
CA THR A 115 -1.30 4.59 15.61
C THR A 115 -1.04 4.55 17.11
N VAL A 116 -1.17 3.36 17.71
CA VAL A 116 -0.95 3.20 19.13
C VAL A 116 0.42 3.70 19.54
N ILE A 117 0.52 4.24 20.75
CA ILE A 117 1.77 4.76 21.26
C ILE A 117 2.79 3.65 21.47
N PRO A 118 4.07 3.97 21.30
CA PRO A 118 5.17 3.00 21.46
C PRO A 118 5.38 2.61 22.92
N SER A 119 5.83 1.38 23.14
CA SER A 119 6.06 0.89 24.49
C SER A 119 7.20 -0.14 24.51
N GLY A 120 7.97 -0.15 25.59
CA GLY A 120 9.07 -1.09 25.71
C GLY A 120 9.41 -1.40 27.15
N PHE A 121 10.12 -0.48 27.80
CA PHE A 121 10.51 -0.66 29.20
C PHE A 121 9.32 -1.10 30.04
N SER A 122 9.25 -2.40 30.31
CA SER A 122 8.15 -2.95 31.11
C SER A 122 8.68 -3.54 32.42
N GLY A 123 8.42 -2.85 33.52
CA GLY A 123 8.88 -3.32 34.81
C GLY A 123 7.74 -3.52 35.79
N PRO A 124 7.10 -4.71 35.72
CA PRO A 124 5.97 -5.04 36.60
C PRO A 124 6.41 -5.25 38.05
N SER A 125 5.44 -5.23 38.96
CA SER A 125 5.73 -5.42 40.37
C SER A 125 4.80 -6.46 40.99
N SER A 126 5.36 -7.32 41.83
CA SER A 126 4.56 -8.37 42.48
C SER A 126 5.34 -8.99 43.65
N GLY A 127 4.93 -8.64 44.86
CA GLY A 127 5.60 -9.16 46.04
C GLY A 127 7.11 -9.17 45.91
N GLY A 1 5.86 6.06 -25.77
CA GLY A 1 6.53 7.12 -25.06
C GLY A 1 5.74 7.63 -23.87
N SER A 2 6.45 8.11 -22.86
CA SER A 2 5.81 8.62 -21.65
C SER A 2 4.50 9.33 -21.99
N SER A 3 4.58 10.31 -22.88
CA SER A 3 3.41 11.08 -23.29
C SER A 3 2.39 10.17 -23.98
N GLY A 4 1.11 10.51 -23.84
CA GLY A 4 0.06 9.73 -24.45
C GLY A 4 -0.38 8.57 -23.59
N SER A 5 -1.52 8.73 -22.91
CA SER A 5 -2.04 7.69 -22.04
C SER A 5 -3.49 7.98 -21.67
N SER A 6 -4.32 6.94 -21.68
CA SER A 6 -5.73 7.07 -21.34
C SER A 6 -5.95 6.88 -19.84
N GLY A 7 -7.02 7.50 -19.33
CA GLY A 7 -7.33 7.38 -17.91
C GLY A 7 -8.76 7.73 -17.60
N PRO A 8 -9.26 7.25 -16.45
CA PRO A 8 -10.65 7.50 -16.02
C PRO A 8 -10.88 8.95 -15.63
N TYR A 9 -12.09 9.26 -15.17
CA TYR A 9 -12.44 10.61 -14.77
C TYR A 9 -12.54 10.72 -13.25
N ASN A 10 -13.35 9.86 -12.66
CA ASN A 10 -13.54 9.86 -11.21
C ASN A 10 -12.73 8.75 -10.56
N LYS A 11 -12.20 9.01 -9.38
CA LYS A 11 -11.40 8.04 -8.64
C LYS A 11 -11.22 8.45 -7.19
N ASN A 12 -11.03 7.48 -6.31
CA ASN A 12 -10.83 7.74 -4.90
C ASN A 12 -9.61 8.62 -4.67
N GLY A 13 -8.60 8.43 -5.51
CA GLY A 13 -7.37 9.21 -5.39
C GLY A 13 -6.15 8.45 -5.84
N PHE A 14 -6.20 7.13 -5.72
CA PHE A 14 -5.08 6.28 -6.11
C PHE A 14 -4.76 6.47 -7.60
N LYS A 15 -3.46 6.48 -7.91
CA LYS A 15 -3.02 6.67 -9.30
C LYS A 15 -2.05 5.55 -9.70
N VAL A 16 -2.17 5.11 -10.95
CA VAL A 16 -1.31 4.05 -11.46
C VAL A 16 0.16 4.40 -11.29
N GLY A 17 0.88 3.57 -10.55
CA GLY A 17 2.29 3.80 -10.32
C GLY A 17 2.65 3.86 -8.83
N MET A 18 1.69 4.29 -8.02
CA MET A 18 1.90 4.39 -6.58
C MET A 18 1.87 3.00 -5.94
N LYS A 19 3.02 2.57 -5.44
CA LYS A 19 3.13 1.26 -4.79
C LYS A 19 2.58 1.31 -3.36
N LEU A 20 1.96 0.22 -2.94
CA LEU A 20 1.39 0.14 -1.60
C LEU A 20 1.39 -1.30 -1.09
N GLU A 21 0.83 -1.50 0.10
CA GLU A 21 0.77 -2.84 0.69
C GLU A 21 -0.69 -3.24 0.96
N GLY A 22 -0.89 -4.52 1.27
CA GLY A 22 -2.23 -5.02 1.54
C GLY A 22 -2.25 -6.50 1.80
N VAL A 23 -3.42 -7.02 2.18
CA VAL A 23 -3.56 -8.44 2.47
C VAL A 23 -3.99 -9.21 1.22
N ASP A 24 -3.60 -10.48 1.16
CA ASP A 24 -3.93 -11.33 0.02
C ASP A 24 -5.26 -12.04 0.24
N PRO A 25 -6.08 -12.11 -0.82
CA PRO A 25 -7.39 -12.77 -0.76
C PRO A 25 -7.28 -14.28 -0.61
N GLU A 26 -6.06 -14.80 -0.75
CA GLU A 26 -5.82 -16.23 -0.62
C GLU A 26 -5.56 -16.61 0.83
N HIS A 27 -4.99 -15.69 1.59
CA HIS A 27 -4.69 -15.93 3.00
C HIS A 27 -4.66 -14.62 3.79
N GLN A 28 -5.55 -14.50 4.76
CA GLN A 28 -5.62 -13.30 5.58
C GLN A 28 -4.40 -13.18 6.48
N SER A 29 -4.22 -12.00 7.08
CA SER A 29 -3.09 -11.77 7.96
C SER A 29 -1.77 -11.90 7.21
N VAL A 30 -1.81 -11.67 5.90
CA VAL A 30 -0.63 -11.77 5.07
C VAL A 30 -0.44 -10.51 4.23
N TYR A 31 0.44 -9.63 4.68
CA TYR A 31 0.71 -8.38 3.98
C TYR A 31 1.75 -8.60 2.88
N CYS A 32 1.43 -8.14 1.68
CA CYS A 32 2.35 -8.28 0.54
C CYS A 32 2.46 -6.97 -0.22
N VAL A 33 3.63 -6.74 -0.83
CA VAL A 33 3.87 -5.53 -1.60
C VAL A 33 3.06 -5.52 -2.89
N LEU A 34 2.15 -4.56 -3.01
CA LEU A 34 1.31 -4.45 -4.20
C LEU A 34 1.55 -3.12 -4.90
N THR A 35 1.12 -3.03 -6.15
CA THR A 35 1.29 -1.82 -6.94
C THR A 35 0.04 -1.51 -7.76
N VAL A 36 -0.37 -0.26 -7.78
CA VAL A 36 -1.55 0.16 -8.53
C VAL A 36 -1.31 0.07 -10.03
N ALA A 37 -2.03 -0.83 -10.69
CA ALA A 37 -1.89 -1.01 -12.13
C ALA A 37 -3.02 -0.31 -12.88
N GLU A 38 -4.18 -0.21 -12.25
CA GLU A 38 -5.33 0.44 -12.86
C GLU A 38 -6.29 0.97 -11.79
N VAL A 39 -7.02 2.01 -12.13
CA VAL A 39 -7.98 2.61 -11.20
C VAL A 39 -9.29 2.94 -11.90
N CYS A 40 -10.39 2.78 -11.18
CA CYS A 40 -11.72 3.06 -11.73
C CYS A 40 -12.79 2.95 -10.66
N GLY A 41 -13.95 3.52 -10.93
CA GLY A 41 -15.05 3.49 -9.98
C GLY A 41 -14.57 3.55 -8.54
N TYR A 42 -15.25 2.84 -7.65
CA TYR A 42 -14.88 2.83 -6.24
C TYR A 42 -13.99 1.63 -5.92
N ARG A 43 -13.16 1.25 -6.88
CA ARG A 43 -12.25 0.12 -6.70
C ARG A 43 -10.96 0.33 -7.49
N ILE A 44 -9.85 -0.09 -6.90
CA ILE A 44 -8.54 0.06 -7.53
C ILE A 44 -7.90 -1.30 -7.78
N LYS A 45 -7.26 -1.45 -8.94
CA LYS A 45 -6.60 -2.70 -9.30
C LYS A 45 -5.36 -2.92 -8.45
N LEU A 46 -5.22 -4.14 -7.93
CA LEU A 46 -4.07 -4.49 -7.10
C LEU A 46 -3.19 -5.54 -7.77
N HIS A 47 -1.95 -5.17 -8.07
CA HIS A 47 -1.02 -6.08 -8.71
C HIS A 47 0.05 -6.55 -7.73
N PHE A 48 0.72 -7.65 -8.07
CA PHE A 48 1.76 -8.20 -7.21
C PHE A 48 3.13 -8.03 -7.86
N ASP A 49 4.11 -7.60 -7.07
CA ASP A 49 5.46 -7.40 -7.56
C ASP A 49 6.11 -8.72 -7.93
N GLY A 50 6.65 -8.80 -9.15
CA GLY A 50 7.29 -10.02 -9.60
C GLY A 50 6.29 -11.03 -10.14
N TYR A 51 5.23 -11.25 -9.39
CA TYR A 51 4.20 -12.20 -9.79
C TYR A 51 3.49 -11.75 -11.06
N SER A 52 2.96 -12.70 -11.82
CA SER A 52 2.27 -12.39 -13.06
C SER A 52 1.03 -11.54 -12.79
N ASP A 53 0.63 -10.75 -13.79
CA ASP A 53 -0.54 -9.89 -13.65
C ASP A 53 -1.82 -10.65 -14.00
N CYS A 54 -1.83 -11.94 -13.69
CA CYS A 54 -2.99 -12.78 -13.97
C CYS A 54 -3.89 -12.90 -12.73
N TYR A 55 -3.26 -12.95 -11.56
CA TYR A 55 -4.01 -13.07 -10.32
C TYR A 55 -4.28 -11.69 -9.71
N ASP A 56 -4.57 -10.71 -10.58
CA ASP A 56 -4.85 -9.36 -10.15
C ASP A 56 -6.29 -9.23 -9.66
N PHE A 57 -6.48 -8.54 -8.53
CA PHE A 57 -7.80 -8.35 -7.97
C PHE A 57 -8.05 -6.87 -7.63
N TRP A 58 -9.31 -6.53 -7.39
CA TRP A 58 -9.67 -5.16 -7.06
C TRP A 58 -10.22 -5.07 -5.65
N VAL A 59 -9.61 -4.22 -4.83
CA VAL A 59 -10.04 -4.05 -3.45
C VAL A 59 -10.76 -2.70 -3.27
N ASN A 60 -11.25 -2.47 -2.05
CA ASN A 60 -11.96 -1.23 -1.74
C ASN A 60 -10.99 -0.05 -1.68
N ALA A 61 -11.24 0.96 -2.51
CA ALA A 61 -10.39 2.15 -2.54
C ALA A 61 -9.99 2.57 -1.14
N ASP A 62 -10.92 2.48 -0.20
CA ASP A 62 -10.65 2.84 1.19
C ASP A 62 -10.68 1.62 2.10
N ALA A 63 -10.03 0.54 1.65
CA ALA A 63 -9.98 -0.69 2.42
C ALA A 63 -9.04 -0.55 3.61
N LEU A 64 -9.14 -1.49 4.55
CA LEU A 64 -8.31 -1.46 5.75
C LEU A 64 -7.10 -2.38 5.58
N ASP A 65 -7.27 -3.45 4.81
CA ASP A 65 -6.20 -4.41 4.57
C ASP A 65 -5.00 -3.71 3.93
N ILE A 66 -5.27 -2.71 3.10
CA ILE A 66 -4.21 -1.98 2.44
C ILE A 66 -3.55 -0.97 3.38
N HIS A 67 -2.29 -0.65 3.11
CA HIS A 67 -1.55 0.30 3.94
C HIS A 67 -0.48 1.00 3.13
N PRO A 68 -0.10 2.22 3.57
CA PRO A 68 0.93 3.03 2.89
C PRO A 68 2.32 2.43 3.04
N VAL A 69 3.13 2.55 2.00
CA VAL A 69 4.49 2.03 2.01
C VAL A 69 5.15 2.26 3.37
N GLY A 70 5.94 1.29 3.81
CA GLY A 70 6.63 1.41 5.08
C GLY A 70 5.66 1.36 6.26
N TRP A 71 4.60 0.59 6.12
CA TRP A 71 3.61 0.46 7.17
C TRP A 71 3.93 -0.72 8.09
N CYS A 72 4.20 -1.87 7.48
CA CYS A 72 4.51 -3.08 8.24
C CYS A 72 5.35 -2.73 9.48
N GLU A 73 6.42 -1.97 9.27
CA GLU A 73 7.29 -1.58 10.36
C GLU A 73 6.59 -0.60 11.30
N LYS A 74 5.74 0.26 10.73
CA LYS A 74 5.00 1.23 11.51
C LYS A 74 4.27 0.57 12.68
N THR A 75 4.10 -0.74 12.58
CA THR A 75 3.42 -1.50 13.62
C THR A 75 4.33 -2.58 14.20
N GLY A 76 5.39 -2.90 13.49
CA GLY A 76 6.32 -3.92 13.95
C GLY A 76 5.99 -5.29 13.42
N HIS A 77 5.37 -5.33 12.24
CA HIS A 77 5.00 -6.60 11.61
C HIS A 77 6.04 -7.03 10.59
N LYS A 78 5.91 -8.25 10.10
CA LYS A 78 6.85 -8.79 9.10
C LYS A 78 6.19 -8.83 7.72
N LEU A 79 6.60 -7.92 6.85
CA LEU A 79 6.05 -7.86 5.49
C LEU A 79 6.55 -9.04 4.66
N HIS A 80 5.70 -9.53 3.77
CA HIS A 80 6.04 -10.65 2.90
C HIS A 80 6.56 -10.15 1.56
N PRO A 81 7.86 -10.38 1.30
CA PRO A 81 8.51 -9.96 0.05
C PRO A 81 8.02 -10.78 -1.15
N PRO A 82 8.30 -10.27 -2.36
CA PRO A 82 7.91 -10.93 -3.61
C PRO A 82 8.70 -12.21 -3.85
N LYS A 83 8.61 -12.74 -5.07
CA LYS A 83 9.32 -13.95 -5.43
C LYS A 83 10.83 -13.71 -5.46
N GLY A 84 11.56 -14.51 -4.69
CA GLY A 84 13.01 -14.37 -4.64
C GLY A 84 13.44 -13.08 -3.96
N TYR A 85 12.76 -12.74 -2.87
CA TYR A 85 13.08 -11.52 -2.13
C TYR A 85 12.88 -11.74 -0.63
N LYS A 86 13.70 -11.06 0.17
CA LYS A 86 13.61 -11.18 1.62
C LYS A 86 13.11 -9.88 2.24
N GLU A 87 12.71 -9.93 3.51
CA GLU A 87 12.20 -8.77 4.20
C GLU A 87 13.32 -7.76 4.47
N GLU A 88 14.41 -8.24 5.05
CA GLU A 88 15.55 -7.38 5.35
C GLU A 88 16.22 -6.88 4.08
N GLU A 89 16.12 -7.67 3.01
CA GLU A 89 16.71 -7.31 1.73
C GLU A 89 15.85 -6.28 1.00
N PHE A 90 14.57 -6.62 0.80
CA PHE A 90 13.64 -5.73 0.13
C PHE A 90 13.55 -4.39 0.83
N ASN A 91 14.26 -3.40 0.31
CA ASN A 91 14.26 -2.06 0.89
C ASN A 91 13.39 -1.10 0.08
N TRP A 92 12.18 -0.86 0.57
CA TRP A 92 11.25 0.04 -0.12
C TRP A 92 11.99 1.21 -0.75
N GLN A 93 12.50 2.10 0.10
CA GLN A 93 13.24 3.27 -0.38
C GLN A 93 14.09 2.91 -1.58
N THR A 94 14.87 1.85 -1.46
CA THR A 94 15.75 1.40 -2.53
C THR A 94 14.95 1.02 -3.77
N TYR A 95 13.83 0.35 -3.56
CA TYR A 95 12.98 -0.08 -4.67
C TYR A 95 12.24 1.12 -5.27
N LEU A 96 12.16 2.20 -4.52
CA LEU A 96 11.48 3.41 -4.97
C LEU A 96 12.46 4.36 -5.66
N LYS A 97 13.75 4.07 -5.52
CA LYS A 97 14.79 4.89 -6.13
C LYS A 97 15.21 4.31 -7.48
N THR A 98 15.19 2.98 -7.58
CA THR A 98 15.57 2.31 -8.82
C THR A 98 14.48 2.43 -9.87
N CYS A 99 13.25 2.62 -9.42
CA CYS A 99 12.11 2.76 -10.33
C CYS A 99 11.68 4.21 -10.45
N LYS A 100 12.34 5.08 -9.69
CA LYS A 100 12.03 6.51 -9.72
C LYS A 100 10.54 6.75 -9.54
N ALA A 101 9.93 6.01 -8.61
CA ALA A 101 8.50 6.14 -8.34
C ALA A 101 8.26 6.58 -6.90
N GLN A 102 7.19 7.35 -6.70
CA GLN A 102 6.85 7.84 -5.37
C GLN A 102 5.87 6.89 -4.68
N ALA A 103 5.99 6.77 -3.36
CA ALA A 103 5.11 5.90 -2.59
C ALA A 103 3.79 6.60 -2.27
N ALA A 104 2.70 5.84 -2.33
CA ALA A 104 1.38 6.38 -2.05
C ALA A 104 1.38 7.16 -0.75
N PRO A 105 0.65 8.28 -0.73
CA PRO A 105 0.53 9.15 0.45
C PRO A 105 -0.27 8.49 1.56
N LYS A 106 0.08 8.81 2.82
CA LYS A 106 -0.61 8.27 3.97
C LYS A 106 -2.03 8.82 4.07
N SER A 107 -2.22 10.03 3.56
CA SER A 107 -3.53 10.67 3.59
C SER A 107 -4.60 9.75 3.01
N LEU A 108 -4.27 9.09 1.90
CA LEU A 108 -5.20 8.18 1.25
C LEU A 108 -5.71 7.12 2.22
N PHE A 109 -4.95 6.90 3.29
CA PHE A 109 -5.33 5.91 4.30
C PHE A 109 -5.66 6.60 5.63
N GLU A 110 -6.53 7.60 5.57
CA GLU A 110 -6.93 8.32 6.77
C GLU A 110 -7.97 7.54 7.57
N ASN A 111 -9.00 7.07 6.89
CA ASN A 111 -10.06 6.31 7.53
C ASN A 111 -9.50 5.40 8.61
N GLN A 112 -8.28 4.90 8.38
CA GLN A 112 -7.63 4.01 9.35
C GLN A 112 -7.18 4.79 10.57
N ASN A 113 -6.23 5.71 10.38
CA ASN A 113 -5.71 6.52 11.47
C ASN A 113 -5.14 7.83 10.95
N ILE A 114 -4.82 8.74 11.87
CA ILE A 114 -4.25 10.03 11.51
C ILE A 114 -2.73 10.04 11.65
N THR A 115 -2.06 10.72 10.73
CA THR A 115 -0.60 10.80 10.77
C THR A 115 -0.10 11.93 9.87
N VAL A 116 1.10 12.43 10.18
CA VAL A 116 1.69 13.51 9.40
C VAL A 116 3.20 13.33 9.29
N ILE A 117 3.77 13.88 8.21
CA ILE A 117 5.21 13.78 7.99
C ILE A 117 5.99 14.52 9.06
N PRO A 118 7.20 14.02 9.38
CA PRO A 118 8.06 14.63 10.40
C PRO A 118 8.63 15.96 9.95
N SER A 119 8.28 17.02 10.68
CA SER A 119 8.74 18.37 10.35
C SER A 119 8.87 19.22 11.61
N GLY A 120 9.91 20.03 11.68
CA GLY A 120 10.13 20.89 12.83
C GLY A 120 10.96 20.21 13.90
N PHE A 121 10.69 18.93 14.15
CA PHE A 121 11.41 18.17 15.15
C PHE A 121 12.80 17.80 14.66
N SER A 122 12.86 17.19 13.48
CA SER A 122 14.14 16.78 12.89
C SER A 122 14.95 17.99 12.46
N GLY A 123 16.24 17.78 12.20
CA GLY A 123 17.10 18.86 11.78
C GLY A 123 18.29 18.37 10.98
N PRO A 124 19.45 18.27 11.64
CA PRO A 124 20.69 17.81 11.00
C PRO A 124 20.65 16.32 10.65
N SER A 125 21.38 15.96 9.60
CA SER A 125 21.43 14.56 9.16
C SER A 125 22.18 13.69 10.16
N SER A 126 23.32 14.20 10.63
CA SER A 126 24.14 13.47 11.58
C SER A 126 23.51 13.51 12.98
N GLY A 127 23.07 14.69 13.38
CA GLY A 127 22.45 14.83 14.69
C GLY A 127 22.71 16.19 15.30
#